data_5YMA
# 
_entry.id   5YMA 
# 
_audit_conform.dict_name       mmcif_pdbx.dic 
_audit_conform.dict_version    5.398 
_audit_conform.dict_location   http://mmcif.pdb.org/dictionaries/ascii/mmcif_pdbx.dic 
# 
loop_
_database_2.database_id 
_database_2.database_code 
_database_2.pdbx_database_accession 
_database_2.pdbx_DOI 
PDB   5YMA         pdb_00005yma 10.2210/pdb5yma/pdb 
WWPDB D_1300005470 ?            ?                   
# 
loop_
_pdbx_audit_revision_history.ordinal 
_pdbx_audit_revision_history.data_content_type 
_pdbx_audit_revision_history.major_revision 
_pdbx_audit_revision_history.minor_revision 
_pdbx_audit_revision_history.revision_date 
1 'Structure model' 1 0 2018-01-17 
2 'Structure model' 1 1 2018-02-07 
3 'Structure model' 1 2 2018-03-21 
4 'Structure model' 1 3 2024-11-20 
# 
_pdbx_audit_revision_details.ordinal             1 
_pdbx_audit_revision_details.revision_ordinal    1 
_pdbx_audit_revision_details.data_content_type   'Structure model' 
_pdbx_audit_revision_details.provider            repository 
_pdbx_audit_revision_details.type                'Initial release' 
_pdbx_audit_revision_details.description         ? 
_pdbx_audit_revision_details.details             ? 
# 
loop_
_pdbx_audit_revision_group.ordinal 
_pdbx_audit_revision_group.revision_ordinal 
_pdbx_audit_revision_group.data_content_type 
_pdbx_audit_revision_group.group 
1 2 'Structure model' 'Database references' 
2 3 'Structure model' 'Database references' 
3 4 'Structure model' 'Data collection'     
4 4 'Structure model' 'Database references' 
5 4 'Structure model' 'Structure summary'   
# 
loop_
_pdbx_audit_revision_category.ordinal 
_pdbx_audit_revision_category.revision_ordinal 
_pdbx_audit_revision_category.data_content_type 
_pdbx_audit_revision_category.category 
1 2 'Structure model' citation                  
2 3 'Structure model' citation                  
3 4 'Structure model' chem_comp_atom            
4 4 'Structure model' chem_comp_bond            
5 4 'Structure model' database_2                
6 4 'Structure model' pdbx_entry_details        
7 4 'Structure model' pdbx_modification_feature 
# 
loop_
_pdbx_audit_revision_item.ordinal 
_pdbx_audit_revision_item.revision_ordinal 
_pdbx_audit_revision_item.data_content_type 
_pdbx_audit_revision_item.item 
1  2 'Structure model' '_citation.country'                   
2  2 'Structure model' '_citation.journal_abbrev'            
3  2 'Structure model' '_citation.journal_id_ASTM'           
4  2 'Structure model' '_citation.journal_id_CSD'            
5  2 'Structure model' '_citation.journal_id_ISSN'           
6  2 'Structure model' '_citation.pdbx_database_id_DOI'      
7  2 'Structure model' '_citation.pdbx_database_id_PubMed'   
8  2 'Structure model' '_citation.title'                     
9  2 'Structure model' '_citation.year'                      
10 3 'Structure model' '_citation.journal_volume'            
11 3 'Structure model' '_citation.page_first'                
12 3 'Structure model' '_citation.page_last'                 
13 4 'Structure model' '_database_2.pdbx_DOI'                
14 4 'Structure model' '_database_2.pdbx_database_accession' 
# 
_pdbx_database_status.status_code                     REL 
_pdbx_database_status.status_code_sf                  REL 
_pdbx_database_status.status_code_mr                  ? 
_pdbx_database_status.entry_id                        5YMA 
_pdbx_database_status.recvd_initial_deposition_date   2017-10-21 
_pdbx_database_status.SG_entry                        N 
_pdbx_database_status.deposit_site                    PDBJ 
_pdbx_database_status.process_site                    PDBJ 
_pdbx_database_status.status_code_cs                  ? 
_pdbx_database_status.methods_development_category    ? 
_pdbx_database_status.pdb_format_compatible           Y 
_pdbx_database_status.status_code_nmr_data            ? 
# 
loop_
_audit_author.name 
_audit_author.pdbx_ordinal 
_audit_author.identifier_ORCID 
'Shu, S.' 1 0000-0003-0304-3703 
'Ye, K.'  2 0000-0001-6169-7049 
# 
_citation.abstract                  ? 
_citation.abstract_id_CAS           ? 
_citation.book_id_ISBN              ? 
_citation.book_publisher            ? 
_citation.book_publisher_city       ? 
_citation.book_title                ? 
_citation.coordinate_linkage        ? 
_citation.country                   UK 
_citation.database_id_Medline       ? 
_citation.details                   ? 
_citation.id                        primary 
_citation.journal_abbrev            'Nucleic Acids Res.' 
_citation.journal_id_ASTM           NARHAD 
_citation.journal_id_CSD            0389 
_citation.journal_id_ISSN           1362-4962 
_citation.journal_full              ? 
_citation.journal_issue             ? 
_citation.journal_volume            46 
_citation.language                  ? 
_citation.page_first                2096 
_citation.page_last                 2106 
_citation.title                     'Structural and functional analysis of ribosome assembly factor Efg1.' 
_citation.year                      2018 
_citation.database_id_CSD           ? 
_citation.pdbx_database_id_DOI      10.1093/nar/gky011 
_citation.pdbx_database_id_PubMed   29361028 
_citation.unpublished_flag          ? 
# 
loop_
_citation_author.citation_id 
_citation_author.name 
_citation_author.ordinal 
_citation_author.identifier_ORCID 
primary 'Shu, S.' 1 ? 
primary 'Ye, K.'  2 ? 
# 
_entity.id                         1 
_entity.type                       polymer 
_entity.src_method                 man 
_entity.pdbx_description           'Putative rRNA processing protein' 
_entity.formula_weight             36362.652 
_entity.pdbx_number_of_molecules   1 
_entity.pdbx_ec                    ? 
_entity.pdbx_mutation              ? 
_entity.pdbx_fragment              ? 
_entity.details                    ? 
# 
_entity_poly.entity_id                      1 
_entity_poly.type                           'polypeptide(L)' 
_entity_poly.nstd_linkage                   no 
_entity_poly.nstd_monomer                   yes 
_entity_poly.pdbx_seq_one_letter_code       
;(MSE)SKKRSYSDGDEASGDSEVAAAKRQKINKAHFKKKRHHQNKSDEGKESLGAIKKRARAIERLLARDNLKLPANKQK
ELERELKAHKERIKDIEFKRERSK(MSE)ISKYH(MSE)VRFFERRKALRFAQQLERRLSKATDPVEIAQLKADLHIAQV
DIDYTKYFPF(MSE)EPYVSLYAQVRGNKEGDDKDGKDDKGAAARYLHAPRPP(MSE)WYEIEKIREEGVTALEKLQNRA
PEKVIKKVDAKVEKPKKPSKDKDKRNGDDGKEKKKKERAEDTQDKQEWVGKKKEKEKKDKPKSGKGKKDESPARSESEES
DSDGGFFEED
;
_entity_poly.pdbx_seq_one_letter_code_can   
;MSKKRSYSDGDEASGDSEVAAAKRQKINKAHFKKKRHHQNKSDEGKESLGAIKKRARAIERLLARDNLKLPANKQKELER
ELKAHKERIKDIEFKRERSKMISKYHMVRFFERRKALRFAQQLERRLSKATDPVEIAQLKADLHIAQVDIDYTKYFPFME
PYVSLYAQVRGNKEGDDKDGKDDKGAAARYLHAPRPPMWYEIEKIREEGVTALEKLQNRAPEKVIKKVDAKVEKPKKPSK
DKDKRNGDDGKEKKKKERAEDTQDKQEWVGKKKEKEKKDKPKSGKGKKDESPARSESEESDSDGGFFEED
;
_entity_poly.pdbx_strand_id                 A 
_entity_poly.pdbx_target_identifier         ? 
# 
loop_
_entity_poly_seq.entity_id 
_entity_poly_seq.num 
_entity_poly_seq.mon_id 
_entity_poly_seq.hetero 
1 1   MSE n 
1 2   SER n 
1 3   LYS n 
1 4   LYS n 
1 5   ARG n 
1 6   SER n 
1 7   TYR n 
1 8   SER n 
1 9   ASP n 
1 10  GLY n 
1 11  ASP n 
1 12  GLU n 
1 13  ALA n 
1 14  SER n 
1 15  GLY n 
1 16  ASP n 
1 17  SER n 
1 18  GLU n 
1 19  VAL n 
1 20  ALA n 
1 21  ALA n 
1 22  ALA n 
1 23  LYS n 
1 24  ARG n 
1 25  GLN n 
1 26  LYS n 
1 27  ILE n 
1 28  ASN n 
1 29  LYS n 
1 30  ALA n 
1 31  HIS n 
1 32  PHE n 
1 33  LYS n 
1 34  LYS n 
1 35  LYS n 
1 36  ARG n 
1 37  HIS n 
1 38  HIS n 
1 39  GLN n 
1 40  ASN n 
1 41  LYS n 
1 42  SER n 
1 43  ASP n 
1 44  GLU n 
1 45  GLY n 
1 46  LYS n 
1 47  GLU n 
1 48  SER n 
1 49  LEU n 
1 50  GLY n 
1 51  ALA n 
1 52  ILE n 
1 53  LYS n 
1 54  LYS n 
1 55  ARG n 
1 56  ALA n 
1 57  ARG n 
1 58  ALA n 
1 59  ILE n 
1 60  GLU n 
1 61  ARG n 
1 62  LEU n 
1 63  LEU n 
1 64  ALA n 
1 65  ARG n 
1 66  ASP n 
1 67  ASN n 
1 68  LEU n 
1 69  LYS n 
1 70  LEU n 
1 71  PRO n 
1 72  ALA n 
1 73  ASN n 
1 74  LYS n 
1 75  GLN n 
1 76  LYS n 
1 77  GLU n 
1 78  LEU n 
1 79  GLU n 
1 80  ARG n 
1 81  GLU n 
1 82  LEU n 
1 83  LYS n 
1 84  ALA n 
1 85  HIS n 
1 86  LYS n 
1 87  GLU n 
1 88  ARG n 
1 89  ILE n 
1 90  LYS n 
1 91  ASP n 
1 92  ILE n 
1 93  GLU n 
1 94  PHE n 
1 95  LYS n 
1 96  ARG n 
1 97  GLU n 
1 98  ARG n 
1 99  SER n 
1 100 LYS n 
1 101 MSE n 
1 102 ILE n 
1 103 SER n 
1 104 LYS n 
1 105 TYR n 
1 106 HIS n 
1 107 MSE n 
1 108 VAL n 
1 109 ARG n 
1 110 PHE n 
1 111 PHE n 
1 112 GLU n 
1 113 ARG n 
1 114 ARG n 
1 115 LYS n 
1 116 ALA n 
1 117 LEU n 
1 118 ARG n 
1 119 PHE n 
1 120 ALA n 
1 121 GLN n 
1 122 GLN n 
1 123 LEU n 
1 124 GLU n 
1 125 ARG n 
1 126 ARG n 
1 127 LEU n 
1 128 SER n 
1 129 LYS n 
1 130 ALA n 
1 131 THR n 
1 132 ASP n 
1 133 PRO n 
1 134 VAL n 
1 135 GLU n 
1 136 ILE n 
1 137 ALA n 
1 138 GLN n 
1 139 LEU n 
1 140 LYS n 
1 141 ALA n 
1 142 ASP n 
1 143 LEU n 
1 144 HIS n 
1 145 ILE n 
1 146 ALA n 
1 147 GLN n 
1 148 VAL n 
1 149 ASP n 
1 150 ILE n 
1 151 ASP n 
1 152 TYR n 
1 153 THR n 
1 154 LYS n 
1 155 TYR n 
1 156 PHE n 
1 157 PRO n 
1 158 PHE n 
1 159 MSE n 
1 160 GLU n 
1 161 PRO n 
1 162 TYR n 
1 163 VAL n 
1 164 SER n 
1 165 LEU n 
1 166 TYR n 
1 167 ALA n 
1 168 GLN n 
1 169 VAL n 
1 170 ARG n 
1 171 GLY n 
1 172 ASN n 
1 173 LYS n 
1 174 GLU n 
1 175 GLY n 
1 176 ASP n 
1 177 ASP n 
1 178 LYS n 
1 179 ASP n 
1 180 GLY n 
1 181 LYS n 
1 182 ASP n 
1 183 ASP n 
1 184 LYS n 
1 185 GLY n 
1 186 ALA n 
1 187 ALA n 
1 188 ALA n 
1 189 ARG n 
1 190 TYR n 
1 191 LEU n 
1 192 HIS n 
1 193 ALA n 
1 194 PRO n 
1 195 ARG n 
1 196 PRO n 
1 197 PRO n 
1 198 MSE n 
1 199 TRP n 
1 200 TYR n 
1 201 GLU n 
1 202 ILE n 
1 203 GLU n 
1 204 LYS n 
1 205 ILE n 
1 206 ARG n 
1 207 GLU n 
1 208 GLU n 
1 209 GLY n 
1 210 VAL n 
1 211 THR n 
1 212 ALA n 
1 213 LEU n 
1 214 GLU n 
1 215 LYS n 
1 216 LEU n 
1 217 GLN n 
1 218 ASN n 
1 219 ARG n 
1 220 ALA n 
1 221 PRO n 
1 222 GLU n 
1 223 LYS n 
1 224 VAL n 
1 225 ILE n 
1 226 LYS n 
1 227 LYS n 
1 228 VAL n 
1 229 ASP n 
1 230 ALA n 
1 231 LYS n 
1 232 VAL n 
1 233 GLU n 
1 234 LYS n 
1 235 PRO n 
1 236 LYS n 
1 237 LYS n 
1 238 PRO n 
1 239 SER n 
1 240 LYS n 
1 241 ASP n 
1 242 LYS n 
1 243 ASP n 
1 244 LYS n 
1 245 ARG n 
1 246 ASN n 
1 247 GLY n 
1 248 ASP n 
1 249 ASP n 
1 250 GLY n 
1 251 LYS n 
1 252 GLU n 
1 253 LYS n 
1 254 LYS n 
1 255 LYS n 
1 256 LYS n 
1 257 GLU n 
1 258 ARG n 
1 259 ALA n 
1 260 GLU n 
1 261 ASP n 
1 262 THR n 
1 263 GLN n 
1 264 ASP n 
1 265 LYS n 
1 266 GLN n 
1 267 GLU n 
1 268 TRP n 
1 269 VAL n 
1 270 GLY n 
1 271 LYS n 
1 272 LYS n 
1 273 LYS n 
1 274 GLU n 
1 275 LYS n 
1 276 GLU n 
1 277 LYS n 
1 278 LYS n 
1 279 ASP n 
1 280 LYS n 
1 281 PRO n 
1 282 LYS n 
1 283 SER n 
1 284 GLY n 
1 285 LYS n 
1 286 GLY n 
1 287 LYS n 
1 288 LYS n 
1 289 ASP n 
1 290 GLU n 
1 291 SER n 
1 292 PRO n 
1 293 ALA n 
1 294 ARG n 
1 295 SER n 
1 296 GLU n 
1 297 SER n 
1 298 GLU n 
1 299 GLU n 
1 300 SER n 
1 301 ASP n 
1 302 SER n 
1 303 ASP n 
1 304 GLY n 
1 305 GLY n 
1 306 PHE n 
1 307 PHE n 
1 308 GLU n 
1 309 GLU n 
1 310 ASP n 
# 
_entity_src_gen.entity_id                          1 
_entity_src_gen.pdbx_src_id                        1 
_entity_src_gen.pdbx_alt_source_flag               sample 
_entity_src_gen.pdbx_seq_type                      'Biological sequence' 
_entity_src_gen.pdbx_beg_seq_num                   1 
_entity_src_gen.pdbx_end_seq_num                   310 
_entity_src_gen.gene_src_common_name               ? 
_entity_src_gen.gene_src_genus                     ? 
_entity_src_gen.pdbx_gene_src_gene                 CTHT_0025450 
_entity_src_gen.gene_src_species                   ? 
_entity_src_gen.gene_src_strain                    'DSM 1495 / CBS 144.50 / IMI 039719' 
_entity_src_gen.gene_src_tissue                    ? 
_entity_src_gen.gene_src_tissue_fraction           ? 
_entity_src_gen.gene_src_details                   ? 
_entity_src_gen.pdbx_gene_src_fragment             ? 
_entity_src_gen.pdbx_gene_src_scientific_name      'Chaetomium thermophilum (strain DSM 1495 / CBS 144.50 / IMI 039719)' 
_entity_src_gen.pdbx_gene_src_ncbi_taxonomy_id     759272 
_entity_src_gen.pdbx_gene_src_variant              ? 
_entity_src_gen.pdbx_gene_src_cell_line            ? 
_entity_src_gen.pdbx_gene_src_atcc                 ? 
_entity_src_gen.pdbx_gene_src_organ                ? 
_entity_src_gen.pdbx_gene_src_organelle            ? 
_entity_src_gen.pdbx_gene_src_cell                 ? 
_entity_src_gen.pdbx_gene_src_cellular_location    ? 
_entity_src_gen.host_org_common_name               ? 
_entity_src_gen.pdbx_host_org_scientific_name      'Escherichia coli' 
_entity_src_gen.pdbx_host_org_ncbi_taxonomy_id     562 
_entity_src_gen.host_org_genus                     ? 
_entity_src_gen.pdbx_host_org_gene                 ? 
_entity_src_gen.pdbx_host_org_organ                ? 
_entity_src_gen.host_org_species                   ? 
_entity_src_gen.pdbx_host_org_tissue               ? 
_entity_src_gen.pdbx_host_org_tissue_fraction      ? 
_entity_src_gen.pdbx_host_org_strain               'Rosetta(DE3)' 
_entity_src_gen.pdbx_host_org_variant              ? 
_entity_src_gen.pdbx_host_org_cell_line            ? 
_entity_src_gen.pdbx_host_org_atcc                 ? 
_entity_src_gen.pdbx_host_org_culture_collection   ? 
_entity_src_gen.pdbx_host_org_cell                 ? 
_entity_src_gen.pdbx_host_org_organelle            ? 
_entity_src_gen.pdbx_host_org_cellular_location    ? 
_entity_src_gen.pdbx_host_org_vector_type          ? 
_entity_src_gen.pdbx_host_org_vector               ? 
_entity_src_gen.host_org_details                   ? 
_entity_src_gen.expression_system_id               ? 
_entity_src_gen.plasmid_name                       ? 
_entity_src_gen.plasmid_details                    ? 
_entity_src_gen.pdbx_description                   ? 
# 
loop_
_chem_comp.id 
_chem_comp.type 
_chem_comp.mon_nstd_flag 
_chem_comp.name 
_chem_comp.pdbx_synonyms 
_chem_comp.formula 
_chem_comp.formula_weight 
ALA 'L-peptide linking' y ALANINE          ? 'C3 H7 N O2'     89.093  
ARG 'L-peptide linking' y ARGININE         ? 'C6 H15 N4 O2 1' 175.209 
ASN 'L-peptide linking' y ASPARAGINE       ? 'C4 H8 N2 O3'    132.118 
ASP 'L-peptide linking' y 'ASPARTIC ACID'  ? 'C4 H7 N O4'     133.103 
GLN 'L-peptide linking' y GLUTAMINE        ? 'C5 H10 N2 O3'   146.144 
GLU 'L-peptide linking' y 'GLUTAMIC ACID'  ? 'C5 H9 N O4'     147.129 
GLY 'peptide linking'   y GLYCINE          ? 'C2 H5 N O2'     75.067  
HIS 'L-peptide linking' y HISTIDINE        ? 'C6 H10 N3 O2 1' 156.162 
ILE 'L-peptide linking' y ISOLEUCINE       ? 'C6 H13 N O2'    131.173 
LEU 'L-peptide linking' y LEUCINE          ? 'C6 H13 N O2'    131.173 
LYS 'L-peptide linking' y LYSINE           ? 'C6 H15 N2 O2 1' 147.195 
MSE 'L-peptide linking' n SELENOMETHIONINE ? 'C5 H11 N O2 Se' 196.106 
PHE 'L-peptide linking' y PHENYLALANINE    ? 'C9 H11 N O2'    165.189 
PRO 'L-peptide linking' y PROLINE          ? 'C5 H9 N O2'     115.130 
SER 'L-peptide linking' y SERINE           ? 'C3 H7 N O3'     105.093 
THR 'L-peptide linking' y THREONINE        ? 'C4 H9 N O3'     119.119 
TRP 'L-peptide linking' y TRYPTOPHAN       ? 'C11 H12 N2 O2'  204.225 
TYR 'L-peptide linking' y TYROSINE         ? 'C9 H11 N O3'    181.189 
VAL 'L-peptide linking' y VALINE           ? 'C5 H11 N O2'    117.146 
# 
loop_
_pdbx_poly_seq_scheme.asym_id 
_pdbx_poly_seq_scheme.entity_id 
_pdbx_poly_seq_scheme.seq_id 
_pdbx_poly_seq_scheme.mon_id 
_pdbx_poly_seq_scheme.ndb_seq_num 
_pdbx_poly_seq_scheme.pdb_seq_num 
_pdbx_poly_seq_scheme.auth_seq_num 
_pdbx_poly_seq_scheme.pdb_mon_id 
_pdbx_poly_seq_scheme.auth_mon_id 
_pdbx_poly_seq_scheme.pdb_strand_id 
_pdbx_poly_seq_scheme.pdb_ins_code 
_pdbx_poly_seq_scheme.hetero 
A 1 1   MSE 1   1   ?   ?   ?   A . n 
A 1 2   SER 2   2   ?   ?   ?   A . n 
A 1 3   LYS 3   3   ?   ?   ?   A . n 
A 1 4   LYS 4   4   ?   ?   ?   A . n 
A 1 5   ARG 5   5   ?   ?   ?   A . n 
A 1 6   SER 6   6   ?   ?   ?   A . n 
A 1 7   TYR 7   7   ?   ?   ?   A . n 
A 1 8   SER 8   8   ?   ?   ?   A . n 
A 1 9   ASP 9   9   ?   ?   ?   A . n 
A 1 10  GLY 10  10  ?   ?   ?   A . n 
A 1 11  ASP 11  11  ?   ?   ?   A . n 
A 1 12  GLU 12  12  ?   ?   ?   A . n 
A 1 13  ALA 13  13  ?   ?   ?   A . n 
A 1 14  SER 14  14  ?   ?   ?   A . n 
A 1 15  GLY 15  15  ?   ?   ?   A . n 
A 1 16  ASP 16  16  ?   ?   ?   A . n 
A 1 17  SER 17  17  ?   ?   ?   A . n 
A 1 18  GLU 18  18  ?   ?   ?   A . n 
A 1 19  VAL 19  19  ?   ?   ?   A . n 
A 1 20  ALA 20  20  ?   ?   ?   A . n 
A 1 21  ALA 21  21  ?   ?   ?   A . n 
A 1 22  ALA 22  22  ?   ?   ?   A . n 
A 1 23  LYS 23  23  ?   ?   ?   A . n 
A 1 24  ARG 24  24  ?   ?   ?   A . n 
A 1 25  GLN 25  25  ?   ?   ?   A . n 
A 1 26  LYS 26  26  ?   ?   ?   A . n 
A 1 27  ILE 27  27  ?   ?   ?   A . n 
A 1 28  ASN 28  28  ?   ?   ?   A . n 
A 1 29  LYS 29  29  ?   ?   ?   A . n 
A 1 30  ALA 30  30  ?   ?   ?   A . n 
A 1 31  HIS 31  31  ?   ?   ?   A . n 
A 1 32  PHE 32  32  ?   ?   ?   A . n 
A 1 33  LYS 33  33  ?   ?   ?   A . n 
A 1 34  LYS 34  34  ?   ?   ?   A . n 
A 1 35  LYS 35  35  ?   ?   ?   A . n 
A 1 36  ARG 36  36  ?   ?   ?   A . n 
A 1 37  HIS 37  37  ?   ?   ?   A . n 
A 1 38  HIS 38  38  ?   ?   ?   A . n 
A 1 39  GLN 39  39  ?   ?   ?   A . n 
A 1 40  ASN 40  40  ?   ?   ?   A . n 
A 1 41  LYS 41  41  ?   ?   ?   A . n 
A 1 42  SER 42  42  ?   ?   ?   A . n 
A 1 43  ASP 43  43  ?   ?   ?   A . n 
A 1 44  GLU 44  44  ?   ?   ?   A . n 
A 1 45  GLY 45  45  ?   ?   ?   A . n 
A 1 46  LYS 46  46  ?   ?   ?   A . n 
A 1 47  GLU 47  47  47  GLU GLU A . n 
A 1 48  SER 48  48  48  SER SER A . n 
A 1 49  LEU 49  49  49  LEU LEU A . n 
A 1 50  GLY 50  50  50  GLY GLY A . n 
A 1 51  ALA 51  51  51  ALA ALA A . n 
A 1 52  ILE 52  52  52  ILE ILE A . n 
A 1 53  LYS 53  53  53  LYS LYS A . n 
A 1 54  LYS 54  54  54  LYS LYS A . n 
A 1 55  ARG 55  55  55  ARG ARG A . n 
A 1 56  ALA 56  56  56  ALA ALA A . n 
A 1 57  ARG 57  57  57  ARG ARG A . n 
A 1 58  ALA 58  58  58  ALA ALA A . n 
A 1 59  ILE 59  59  59  ILE ILE A . n 
A 1 60  GLU 60  60  60  GLU GLU A . n 
A 1 61  ARG 61  61  61  ARG ARG A . n 
A 1 62  LEU 62  62  62  LEU LEU A . n 
A 1 63  LEU 63  63  63  LEU LEU A . n 
A 1 64  ALA 64  64  64  ALA ALA A . n 
A 1 65  ARG 65  65  65  ARG ARG A . n 
A 1 66  ASP 66  66  66  ASP ASP A . n 
A 1 67  ASN 67  67  67  ASN ASN A . n 
A 1 68  LEU 68  68  68  LEU LEU A . n 
A 1 69  LYS 69  69  69  LYS LYS A . n 
A 1 70  LEU 70  70  70  LEU LEU A . n 
A 1 71  PRO 71  71  71  PRO PRO A . n 
A 1 72  ALA 72  72  72  ALA ALA A . n 
A 1 73  ASN 73  73  73  ASN ASN A . n 
A 1 74  LYS 74  74  74  LYS LYS A . n 
A 1 75  GLN 75  75  75  GLN GLN A . n 
A 1 76  LYS 76  76  76  LYS LYS A . n 
A 1 77  GLU 77  77  77  GLU GLU A . n 
A 1 78  LEU 78  78  78  LEU LEU A . n 
A 1 79  GLU 79  79  79  GLU GLU A . n 
A 1 80  ARG 80  80  80  ARG ARG A . n 
A 1 81  GLU 81  81  81  GLU GLU A . n 
A 1 82  LEU 82  82  82  LEU LEU A . n 
A 1 83  LYS 83  83  83  LYS LYS A . n 
A 1 84  ALA 84  84  84  ALA ALA A . n 
A 1 85  HIS 85  85  85  HIS HIS A . n 
A 1 86  LYS 86  86  86  LYS LYS A . n 
A 1 87  GLU 87  87  87  GLU GLU A . n 
A 1 88  ARG 88  88  88  ARG ARG A . n 
A 1 89  ILE 89  89  89  ILE ILE A . n 
A 1 90  LYS 90  90  90  LYS LYS A . n 
A 1 91  ASP 91  91  91  ASP ASP A . n 
A 1 92  ILE 92  92  92  ILE ILE A . n 
A 1 93  GLU 93  93  93  GLU GLU A . n 
A 1 94  PHE 94  94  94  PHE PHE A . n 
A 1 95  LYS 95  95  95  LYS LYS A . n 
A 1 96  ARG 96  96  96  ARG ARG A . n 
A 1 97  GLU 97  97  97  GLU GLU A . n 
A 1 98  ARG 98  98  98  ARG ARG A . n 
A 1 99  SER 99  99  99  SER SER A . n 
A 1 100 LYS 100 100 100 LYS LYS A . n 
A 1 101 MSE 101 101 101 MSE MSE A . n 
A 1 102 ILE 102 102 102 ILE ILE A . n 
A 1 103 SER 103 103 103 SER SER A . n 
A 1 104 LYS 104 104 104 LYS LYS A . n 
A 1 105 TYR 105 105 105 TYR TYR A . n 
A 1 106 HIS 106 106 106 HIS HIS A . n 
A 1 107 MSE 107 107 107 MSE MSE A . n 
A 1 108 VAL 108 108 108 VAL VAL A . n 
A 1 109 ARG 109 109 109 ARG ARG A . n 
A 1 110 PHE 110 110 110 PHE PHE A . n 
A 1 111 PHE 111 111 111 PHE PHE A . n 
A 1 112 GLU 112 112 112 GLU GLU A . n 
A 1 113 ARG 113 113 113 ARG ARG A . n 
A 1 114 ARG 114 114 114 ARG ARG A . n 
A 1 115 LYS 115 115 115 LYS LYS A . n 
A 1 116 ALA 116 116 116 ALA ALA A . n 
A 1 117 LEU 117 117 117 LEU LEU A . n 
A 1 118 ARG 118 118 118 ARG ARG A . n 
A 1 119 PHE 119 119 119 PHE PHE A . n 
A 1 120 ALA 120 120 120 ALA ALA A . n 
A 1 121 GLN 121 121 121 GLN GLN A . n 
A 1 122 GLN 122 122 122 GLN GLN A . n 
A 1 123 LEU 123 123 123 LEU LEU A . n 
A 1 124 GLU 124 124 124 GLU GLU A . n 
A 1 125 ARG 125 125 125 ARG ARG A . n 
A 1 126 ARG 126 126 126 ARG ARG A . n 
A 1 127 LEU 127 127 127 LEU LEU A . n 
A 1 128 SER 128 128 128 SER SER A . n 
A 1 129 LYS 129 129 129 LYS LYS A . n 
A 1 130 ALA 130 130 130 ALA ALA A . n 
A 1 131 THR 131 131 131 THR THR A . n 
A 1 132 ASP 132 132 132 ASP ASP A . n 
A 1 133 PRO 133 133 133 PRO PRO A . n 
A 1 134 VAL 134 134 134 VAL VAL A . n 
A 1 135 GLU 135 135 135 GLU GLU A . n 
A 1 136 ILE 136 136 136 ILE ILE A . n 
A 1 137 ALA 137 137 137 ALA ALA A . n 
A 1 138 GLN 138 138 138 GLN GLN A . n 
A 1 139 LEU 139 139 139 LEU LEU A . n 
A 1 140 LYS 140 140 140 LYS LYS A . n 
A 1 141 ALA 141 141 141 ALA ALA A . n 
A 1 142 ASP 142 142 142 ASP ASP A . n 
A 1 143 LEU 143 143 143 LEU LEU A . n 
A 1 144 HIS 144 144 144 HIS HIS A . n 
A 1 145 ILE 145 145 145 ILE ILE A . n 
A 1 146 ALA 146 146 146 ALA ALA A . n 
A 1 147 GLN 147 147 147 GLN GLN A . n 
A 1 148 VAL 148 148 148 VAL VAL A . n 
A 1 149 ASP 149 149 149 ASP ASP A . n 
A 1 150 ILE 150 150 150 ILE ILE A . n 
A 1 151 ASP 151 151 151 ASP ASP A . n 
A 1 152 TYR 152 152 152 TYR TYR A . n 
A 1 153 THR 153 153 153 THR THR A . n 
A 1 154 LYS 154 154 154 LYS LYS A . n 
A 1 155 TYR 155 155 155 TYR TYR A . n 
A 1 156 PHE 156 156 156 PHE PHE A . n 
A 1 157 PRO 157 157 157 PRO PRO A . n 
A 1 158 PHE 158 158 158 PHE PHE A . n 
A 1 159 MSE 159 159 159 MSE MSE A . n 
A 1 160 GLU 160 160 160 GLU GLU A . n 
A 1 161 PRO 161 161 161 PRO PRO A . n 
A 1 162 TYR 162 162 162 TYR TYR A . n 
A 1 163 VAL 163 163 163 VAL VAL A . n 
A 1 164 SER 164 164 164 SER SER A . n 
A 1 165 LEU 165 165 165 LEU LEU A . n 
A 1 166 TYR 166 166 166 TYR TYR A . n 
A 1 167 ALA 167 167 167 ALA ALA A . n 
A 1 168 GLN 168 168 168 GLN GLN A . n 
A 1 169 VAL 169 169 169 VAL VAL A . n 
A 1 170 ARG 170 170 170 ARG ARG A . n 
A 1 171 GLY 171 171 171 GLY GLY A . n 
A 1 172 ASN 172 172 172 ASN ASN A . n 
A 1 173 LYS 173 173 173 LYS LYS A . n 
A 1 174 GLU 174 174 ?   ?   ?   A . n 
A 1 175 GLY 175 175 ?   ?   ?   A . n 
A 1 176 ASP 176 176 ?   ?   ?   A . n 
A 1 177 ASP 177 177 ?   ?   ?   A . n 
A 1 178 LYS 178 178 ?   ?   ?   A . n 
A 1 179 ASP 179 179 ?   ?   ?   A . n 
A 1 180 GLY 180 180 ?   ?   ?   A . n 
A 1 181 LYS 181 181 ?   ?   ?   A . n 
A 1 182 ASP 182 182 ?   ?   ?   A . n 
A 1 183 ASP 183 183 183 ASP ASP A . n 
A 1 184 LYS 184 184 184 LYS LYS A . n 
A 1 185 GLY 185 185 185 GLY GLY A . n 
A 1 186 ALA 186 186 186 ALA ALA A . n 
A 1 187 ALA 187 187 187 ALA ALA A . n 
A 1 188 ALA 188 188 188 ALA ALA A . n 
A 1 189 ARG 189 189 189 ARG ARG A . n 
A 1 190 TYR 190 190 190 TYR TYR A . n 
A 1 191 LEU 191 191 191 LEU LEU A . n 
A 1 192 HIS 192 192 192 HIS HIS A . n 
A 1 193 ALA 193 193 193 ALA ALA A . n 
A 1 194 PRO 194 194 194 PRO PRO A . n 
A 1 195 ARG 195 195 195 ARG ARG A . n 
A 1 196 PRO 196 196 196 PRO PRO A . n 
A 1 197 PRO 197 197 197 PRO PRO A . n 
A 1 198 MSE 198 198 198 MSE MSE A . n 
A 1 199 TRP 199 199 199 TRP TRP A . n 
A 1 200 TYR 200 200 200 TYR TYR A . n 
A 1 201 GLU 201 201 201 GLU GLU A . n 
A 1 202 ILE 202 202 202 ILE ILE A . n 
A 1 203 GLU 203 203 203 GLU GLU A . n 
A 1 204 LYS 204 204 204 LYS LYS A . n 
A 1 205 ILE 205 205 205 ILE ILE A . n 
A 1 206 ARG 206 206 206 ARG ARG A . n 
A 1 207 GLU 207 207 207 GLU GLU A . n 
A 1 208 GLU 208 208 208 GLU GLU A . n 
A 1 209 GLY 209 209 209 GLY GLY A . n 
A 1 210 VAL 210 210 210 VAL VAL A . n 
A 1 211 THR 211 211 211 THR THR A . n 
A 1 212 ALA 212 212 212 ALA ALA A . n 
A 1 213 LEU 213 213 213 LEU LEU A . n 
A 1 214 GLU 214 214 214 GLU GLU A . n 
A 1 215 LYS 215 215 215 LYS LYS A . n 
A 1 216 LEU 216 216 216 LEU LEU A . n 
A 1 217 GLN 217 217 217 GLN GLN A . n 
A 1 218 ASN 218 218 218 ASN ASN A . n 
A 1 219 ARG 219 219 219 ARG ARG A . n 
A 1 220 ALA 220 220 220 ALA ALA A . n 
A 1 221 PRO 221 221 221 PRO PRO A . n 
A 1 222 GLU 222 222 222 GLU GLU A . n 
A 1 223 LYS 223 223 223 LYS LYS A . n 
A 1 224 VAL 224 224 224 VAL VAL A . n 
A 1 225 ILE 225 225 225 ILE ILE A . n 
A 1 226 LYS 226 226 226 LYS LYS A . n 
A 1 227 LYS 227 227 227 LYS LYS A . n 
A 1 228 VAL 228 228 228 VAL VAL A . n 
A 1 229 ASP 229 229 229 ASP ASP A . n 
A 1 230 ALA 230 230 230 ALA ALA A . n 
A 1 231 LYS 231 231 231 LYS LYS A . n 
A 1 232 VAL 232 232 232 VAL VAL A . n 
A 1 233 GLU 233 233 233 GLU GLU A . n 
A 1 234 LYS 234 234 234 LYS LYS A . n 
A 1 235 PRO 235 235 ?   ?   ?   A . n 
A 1 236 LYS 236 236 ?   ?   ?   A . n 
A 1 237 LYS 237 237 ?   ?   ?   A . n 
A 1 238 PRO 238 238 ?   ?   ?   A . n 
A 1 239 SER 239 239 ?   ?   ?   A . n 
A 1 240 LYS 240 240 ?   ?   ?   A . n 
A 1 241 ASP 241 241 ?   ?   ?   A . n 
A 1 242 LYS 242 242 ?   ?   ?   A . n 
A 1 243 ASP 243 243 ?   ?   ?   A . n 
A 1 244 LYS 244 244 ?   ?   ?   A . n 
A 1 245 ARG 245 245 ?   ?   ?   A . n 
A 1 246 ASN 246 246 ?   ?   ?   A . n 
A 1 247 GLY 247 247 ?   ?   ?   A . n 
A 1 248 ASP 248 248 ?   ?   ?   A . n 
A 1 249 ASP 249 249 ?   ?   ?   A . n 
A 1 250 GLY 250 250 ?   ?   ?   A . n 
A 1 251 LYS 251 251 ?   ?   ?   A . n 
A 1 252 GLU 252 252 ?   ?   ?   A . n 
A 1 253 LYS 253 253 ?   ?   ?   A . n 
A 1 254 LYS 254 254 ?   ?   ?   A . n 
A 1 255 LYS 255 255 ?   ?   ?   A . n 
A 1 256 LYS 256 256 ?   ?   ?   A . n 
A 1 257 GLU 257 257 ?   ?   ?   A . n 
A 1 258 ARG 258 258 ?   ?   ?   A . n 
A 1 259 ALA 259 259 ?   ?   ?   A . n 
A 1 260 GLU 260 260 ?   ?   ?   A . n 
A 1 261 ASP 261 261 ?   ?   ?   A . n 
A 1 262 THR 262 262 ?   ?   ?   A . n 
A 1 263 GLN 263 263 ?   ?   ?   A . n 
A 1 264 ASP 264 264 ?   ?   ?   A . n 
A 1 265 LYS 265 265 ?   ?   ?   A . n 
A 1 266 GLN 266 266 ?   ?   ?   A . n 
A 1 267 GLU 267 267 ?   ?   ?   A . n 
A 1 268 TRP 268 268 ?   ?   ?   A . n 
A 1 269 VAL 269 269 ?   ?   ?   A . n 
A 1 270 GLY 270 270 ?   ?   ?   A . n 
A 1 271 LYS 271 271 ?   ?   ?   A . n 
A 1 272 LYS 272 272 ?   ?   ?   A . n 
A 1 273 LYS 273 273 ?   ?   ?   A . n 
A 1 274 GLU 274 274 ?   ?   ?   A . n 
A 1 275 LYS 275 275 ?   ?   ?   A . n 
A 1 276 GLU 276 276 ?   ?   ?   A . n 
A 1 277 LYS 277 277 ?   ?   ?   A . n 
A 1 278 LYS 278 278 ?   ?   ?   A . n 
A 1 279 ASP 279 279 ?   ?   ?   A . n 
A 1 280 LYS 280 280 ?   ?   ?   A . n 
A 1 281 PRO 281 281 ?   ?   ?   A . n 
A 1 282 LYS 282 282 ?   ?   ?   A . n 
A 1 283 SER 283 283 ?   ?   ?   A . n 
A 1 284 GLY 284 284 ?   ?   ?   A . n 
A 1 285 LYS 285 285 ?   ?   ?   A . n 
A 1 286 GLY 286 286 ?   ?   ?   A . n 
A 1 287 LYS 287 287 ?   ?   ?   A . n 
A 1 288 LYS 288 288 ?   ?   ?   A . n 
A 1 289 ASP 289 289 ?   ?   ?   A . n 
A 1 290 GLU 290 290 ?   ?   ?   A . n 
A 1 291 SER 291 291 ?   ?   ?   A . n 
A 1 292 PRO 292 292 ?   ?   ?   A . n 
A 1 293 ALA 293 293 ?   ?   ?   A . n 
A 1 294 ARG 294 294 ?   ?   ?   A . n 
A 1 295 SER 295 295 ?   ?   ?   A . n 
A 1 296 GLU 296 296 ?   ?   ?   A . n 
A 1 297 SER 297 297 ?   ?   ?   A . n 
A 1 298 GLU 298 298 ?   ?   ?   A . n 
A 1 299 GLU 299 299 ?   ?   ?   A . n 
A 1 300 SER 300 300 ?   ?   ?   A . n 
A 1 301 ASP 301 301 ?   ?   ?   A . n 
A 1 302 SER 302 302 ?   ?   ?   A . n 
A 1 303 ASP 303 303 ?   ?   ?   A . n 
A 1 304 GLY 304 304 ?   ?   ?   A . n 
A 1 305 GLY 305 305 ?   ?   ?   A . n 
A 1 306 PHE 306 306 ?   ?   ?   A . n 
A 1 307 PHE 307 307 ?   ?   ?   A . n 
A 1 308 GLU 308 308 ?   ?   ?   A . n 
A 1 309 GLU 309 309 ?   ?   ?   A . n 
A 1 310 ASP 310 310 ?   ?   ?   A . n 
# 
loop_
_software.citation_id 
_software.classification 
_software.compiler_name 
_software.compiler_version 
_software.contact_author 
_software.contact_author_email 
_software.date 
_software.description 
_software.dependencies 
_software.hardware 
_software.language 
_software.location 
_software.mods 
_software.name 
_software.os 
_software.os_version 
_software.type 
_software.version 
_software.pdbx_ordinal 
? refinement       ? ? ? ? ? ? ? ? ? ? ? PHENIX   ? ? ? '(1.10.1_2155: ???)' 1 
? 'data reduction' ? ? ? ? ? ? ? ? ? ? ? HKL-2000 ? ? ? .                    2 
? 'data scaling'   ? ? ? ? ? ? ? ? ? ? ? HKL-2000 ? ? ? .                    3 
? phasing          ? ? ? ? ? ? ? ? ? ? ? PHENIX   ? ? ? .                    4 
# 
_cell.angle_alpha                  90.00 
_cell.angle_alpha_esd              ? 
_cell.angle_beta                   90.00 
_cell.angle_beta_esd               ? 
_cell.angle_gamma                  120.00 
_cell.angle_gamma_esd              ? 
_cell.entry_id                     5YMA 
_cell.details                      ? 
_cell.formula_units_Z              ? 
_cell.length_a                     99.122 
_cell.length_a_esd                 ? 
_cell.length_b                     99.122 
_cell.length_b_esd                 ? 
_cell.length_c                     90.179 
_cell.length_c_esd                 ? 
_cell.volume                       ? 
_cell.volume_esd                   ? 
_cell.Z_PDB                        6 
_cell.reciprocal_angle_alpha       ? 
_cell.reciprocal_angle_beta        ? 
_cell.reciprocal_angle_gamma       ? 
_cell.reciprocal_angle_alpha_esd   ? 
_cell.reciprocal_angle_beta_esd    ? 
_cell.reciprocal_angle_gamma_esd   ? 
_cell.reciprocal_length_a          ? 
_cell.reciprocal_length_b          ? 
_cell.reciprocal_length_c          ? 
_cell.reciprocal_length_a_esd      ? 
_cell.reciprocal_length_b_esd      ? 
_cell.reciprocal_length_c_esd      ? 
_cell.pdbx_unique_axis             ? 
# 
_symmetry.entry_id                         5YMA 
_symmetry.cell_setting                     ? 
_symmetry.Int_Tables_number                171 
_symmetry.space_group_name_Hall            ? 
_symmetry.space_group_name_H-M             'P 62' 
_symmetry.pdbx_full_space_group_name_H-M   ? 
# 
_exptl.absorpt_coefficient_mu     ? 
_exptl.absorpt_correction_T_max   ? 
_exptl.absorpt_correction_T_min   ? 
_exptl.absorpt_correction_type    ? 
_exptl.absorpt_process_details    ? 
_exptl.entry_id                   5YMA 
_exptl.crystals_number            1 
_exptl.details                    ? 
_exptl.method                     'X-RAY DIFFRACTION' 
_exptl.method_details             ? 
# 
_exptl_crystal.colour                      ? 
_exptl_crystal.density_diffrn              ? 
_exptl_crystal.density_Matthews            3.54 
_exptl_crystal.density_method              ? 
_exptl_crystal.density_percent_sol         65.25 
_exptl_crystal.description                 ? 
_exptl_crystal.F_000                       ? 
_exptl_crystal.id                          1 
_exptl_crystal.preparation                 ? 
_exptl_crystal.size_max                    ? 
_exptl_crystal.size_mid                    ? 
_exptl_crystal.size_min                    ? 
_exptl_crystal.size_rad                    ? 
_exptl_crystal.colour_lustre               ? 
_exptl_crystal.colour_modifier             ? 
_exptl_crystal.colour_primary              ? 
_exptl_crystal.density_meas                ? 
_exptl_crystal.density_meas_esd            ? 
_exptl_crystal.density_meas_gt             ? 
_exptl_crystal.density_meas_lt             ? 
_exptl_crystal.density_meas_temp           ? 
_exptl_crystal.density_meas_temp_esd       ? 
_exptl_crystal.density_meas_temp_gt        ? 
_exptl_crystal.density_meas_temp_lt        ? 
_exptl_crystal.pdbx_crystal_image_url      ? 
_exptl_crystal.pdbx_crystal_image_format   ? 
_exptl_crystal.pdbx_mosaicity              ? 
_exptl_crystal.pdbx_mosaicity_esd          ? 
# 
_exptl_crystal_grow.apparatus       ? 
_exptl_crystal_grow.atmosphere      ? 
_exptl_crystal_grow.crystal_id      1 
_exptl_crystal_grow.details         ? 
_exptl_crystal_grow.method          'VAPOR DIFFUSION, HANGING DROP' 
_exptl_crystal_grow.method_ref      ? 
_exptl_crystal_grow.pH              7.0 
_exptl_crystal_grow.pressure        ? 
_exptl_crystal_grow.pressure_esd    ? 
_exptl_crystal_grow.seeding         ? 
_exptl_crystal_grow.seeding_ref     ? 
_exptl_crystal_grow.temp            291 
_exptl_crystal_grow.temp_details    ? 
_exptl_crystal_grow.temp_esd        ? 
_exptl_crystal_grow.time            ? 
_exptl_crystal_grow.pdbx_details    '2.4M sodium malonate (pH 7.0)' 
_exptl_crystal_grow.pdbx_pH_range   ? 
# 
_diffrn.ambient_environment    ? 
_diffrn.ambient_temp           100 
_diffrn.ambient_temp_details   ? 
_diffrn.ambient_temp_esd       ? 
_diffrn.crystal_id             1 
_diffrn.crystal_support        ? 
_diffrn.crystal_treatment      ? 
_diffrn.details                ? 
_diffrn.id                     1 
_diffrn.ambient_pressure       ? 
_diffrn.ambient_pressure_esd   ? 
_diffrn.ambient_pressure_gt    ? 
_diffrn.ambient_pressure_lt    ? 
_diffrn.ambient_temp_gt        ? 
_diffrn.ambient_temp_lt        ? 
# 
_diffrn_detector.details                      ? 
_diffrn_detector.detector                     CCD 
_diffrn_detector.diffrn_id                    1 
_diffrn_detector.type                         'Nonius Kappa CCD' 
_diffrn_detector.area_resol_mean              ? 
_diffrn_detector.dtime                        ? 
_diffrn_detector.pdbx_frames_total            ? 
_diffrn_detector.pdbx_collection_time_total   ? 
_diffrn_detector.pdbx_collection_date         2015-12-22 
# 
_diffrn_radiation.collimation                      ? 
_diffrn_radiation.diffrn_id                        1 
_diffrn_radiation.filter_edge                      ? 
_diffrn_radiation.inhomogeneity                    ? 
_diffrn_radiation.monochromator                    ? 
_diffrn_radiation.polarisn_norm                    ? 
_diffrn_radiation.polarisn_ratio                   ? 
_diffrn_radiation.probe                            ? 
_diffrn_radiation.type                             ? 
_diffrn_radiation.xray_symbol                      ? 
_diffrn_radiation.wavelength_id                    1 
_diffrn_radiation.pdbx_monochromatic_or_laue_m_l   M 
_diffrn_radiation.pdbx_wavelength_list             ? 
_diffrn_radiation.pdbx_wavelength                  ? 
_diffrn_radiation.pdbx_diffrn_protocol             'SINGLE WAVELENGTH' 
_diffrn_radiation.pdbx_analyzer                    ? 
_diffrn_radiation.pdbx_scattering_type             x-ray 
# 
_diffrn_radiation_wavelength.id           1 
_diffrn_radiation_wavelength.wavelength   0.9792 
_diffrn_radiation_wavelength.wt           1.0 
# 
_diffrn_source.current                     ? 
_diffrn_source.details                     ? 
_diffrn_source.diffrn_id                   1 
_diffrn_source.power                       ? 
_diffrn_source.size                        ? 
_diffrn_source.source                      SYNCHROTRON 
_diffrn_source.target                      ? 
_diffrn_source.type                        'SSRF BEAMLINE BL17U1' 
_diffrn_source.voltage                     ? 
_diffrn_source.take-off_angle              ? 
_diffrn_source.pdbx_wavelength_list        0.9792 
_diffrn_source.pdbx_wavelength             ? 
_diffrn_source.pdbx_synchrotron_beamline   BL17U1 
_diffrn_source.pdbx_synchrotron_site       SSRF 
# 
_reflns.B_iso_Wilson_estimate            ? 
_reflns.entry_id                         5YMA 
_reflns.data_reduction_details           ? 
_reflns.data_reduction_method            ? 
_reflns.d_resolution_high                3.295 
_reflns.d_resolution_low                 50 
_reflns.details                          ? 
_reflns.limit_h_max                      ? 
_reflns.limit_h_min                      ? 
_reflns.limit_k_max                      ? 
_reflns.limit_k_min                      ? 
_reflns.limit_l_max                      ? 
_reflns.limit_l_min                      ? 
_reflns.number_all                       ? 
_reflns.number_obs                       7701 
_reflns.observed_criterion               ? 
_reflns.observed_criterion_F_max         ? 
_reflns.observed_criterion_F_min         ? 
_reflns.observed_criterion_I_max         ? 
_reflns.observed_criterion_I_min         ? 
_reflns.observed_criterion_sigma_F       ? 
_reflns.observed_criterion_sigma_I       ? 
_reflns.percent_possible_obs             99.0 
_reflns.R_free_details                   ? 
_reflns.Rmerge_F_all                     ? 
_reflns.Rmerge_F_obs                     ? 
_reflns.Friedel_coverage                 ? 
_reflns.number_gt                        ? 
_reflns.threshold_expression             ? 
_reflns.pdbx_redundancy                  22 
_reflns.pdbx_Rmerge_I_obs                0.362 
_reflns.pdbx_Rmerge_I_all                ? 
_reflns.pdbx_Rsym_value                  ? 
_reflns.pdbx_netI_over_av_sigmaI         ? 
_reflns.pdbx_netI_over_sigmaI            19.3 
_reflns.pdbx_res_netI_over_av_sigmaI_2   ? 
_reflns.pdbx_res_netI_over_sigmaI_2      ? 
_reflns.pdbx_chi_squared                 ? 
_reflns.pdbx_scaling_rejects             ? 
_reflns.pdbx_d_res_high_opt              ? 
_reflns.pdbx_d_res_low_opt               ? 
_reflns.pdbx_d_res_opt_method            ? 
_reflns.phase_calculation_details        ? 
_reflns.pdbx_Rrim_I_all                  ? 
_reflns.pdbx_Rpim_I_all                  ? 
_reflns.pdbx_d_opt                       ? 
_reflns.pdbx_number_measured_all         ? 
_reflns.pdbx_diffrn_id                   1 
_reflns.pdbx_ordinal                     1 
_reflns.pdbx_CC_half                     ? 
_reflns.pdbx_R_split                     ? 
# 
_reflns_shell.d_res_high                  3.30 
_reflns_shell.d_res_low                   3.36 
_reflns_shell.meanI_over_sigI_all         ? 
_reflns_shell.meanI_over_sigI_obs         ? 
_reflns_shell.number_measured_all         ? 
_reflns_shell.number_measured_obs         ? 
_reflns_shell.number_possible             ? 
_reflns_shell.number_unique_all           ? 
_reflns_shell.number_unique_obs           385 
_reflns_shell.percent_possible_all        100 
_reflns_shell.percent_possible_obs        ? 
_reflns_shell.Rmerge_F_all                ? 
_reflns_shell.Rmerge_F_obs                ? 
_reflns_shell.Rmerge_I_all                ? 
_reflns_shell.Rmerge_I_obs                1.0 
_reflns_shell.meanI_over_sigI_gt          ? 
_reflns_shell.meanI_over_uI_all           ? 
_reflns_shell.meanI_over_uI_gt            ? 
_reflns_shell.number_measured_gt          ? 
_reflns_shell.number_unique_gt            ? 
_reflns_shell.percent_possible_gt         ? 
_reflns_shell.Rmerge_F_gt                 ? 
_reflns_shell.Rmerge_I_gt                 ? 
_reflns_shell.pdbx_redundancy             20.1 
_reflns_shell.pdbx_Rsym_value             ? 
_reflns_shell.pdbx_chi_squared            ? 
_reflns_shell.pdbx_netI_over_sigmaI_all   ? 
_reflns_shell.pdbx_netI_over_sigmaI_obs   ? 
_reflns_shell.pdbx_Rrim_I_all             ? 
_reflns_shell.pdbx_Rpim_I_all             ? 
_reflns_shell.pdbx_rejects                ? 
_reflns_shell.pdbx_ordinal                1 
_reflns_shell.pdbx_diffrn_id              1 
_reflns_shell.pdbx_CC_half                0.952 
_reflns_shell.pdbx_R_split                ? 
# 
_refine.aniso_B[1][1]                            ? 
_refine.aniso_B[1][2]                            ? 
_refine.aniso_B[1][3]                            ? 
_refine.aniso_B[2][2]                            ? 
_refine.aniso_B[2][3]                            ? 
_refine.aniso_B[3][3]                            ? 
_refine.B_iso_max                                ? 
_refine.B_iso_mean                               31.37 
_refine.B_iso_min                                ? 
_refine.correlation_coeff_Fo_to_Fc               ? 
_refine.correlation_coeff_Fo_to_Fc_free          ? 
_refine.details                                  ? 
_refine.diff_density_max                         ? 
_refine.diff_density_max_esd                     ? 
_refine.diff_density_min                         ? 
_refine.diff_density_min_esd                     ? 
_refine.diff_density_rms                         ? 
_refine.diff_density_rms_esd                     ? 
_refine.entry_id                                 5YMA 
_refine.pdbx_refine_id                           'X-RAY DIFFRACTION' 
_refine.ls_abs_structure_details                 ? 
_refine.ls_abs_structure_Flack                   ? 
_refine.ls_abs_structure_Flack_esd               ? 
_refine.ls_abs_structure_Rogers                  ? 
_refine.ls_abs_structure_Rogers_esd              ? 
_refine.ls_d_res_high                            3.295 
_refine.ls_d_res_low                             38.755 
_refine.ls_extinction_coef                       ? 
_refine.ls_extinction_coef_esd                   ? 
_refine.ls_extinction_expression                 ? 
_refine.ls_extinction_method                     ? 
_refine.ls_goodness_of_fit_all                   ? 
_refine.ls_goodness_of_fit_all_esd               ? 
_refine.ls_goodness_of_fit_obs                   ? 
_refine.ls_goodness_of_fit_obs_esd               ? 
_refine.ls_hydrogen_treatment                    ? 
_refine.ls_matrix_type                           ? 
_refine.ls_number_constraints                    ? 
_refine.ls_number_parameters                     ? 
_refine.ls_number_reflns_all                     ? 
_refine.ls_number_reflns_obs                     7381 
_refine.ls_number_reflns_R_free                  730 
_refine.ls_number_reflns_R_work                  ? 
_refine.ls_number_restraints                     ? 
_refine.ls_percent_reflns_obs                    96.01 
_refine.ls_percent_reflns_R_free                 9.89 
_refine.ls_R_factor_all                          ? 
_refine.ls_R_factor_obs                          0.2035 
_refine.ls_R_factor_R_free                       0.2517 
_refine.ls_R_factor_R_free_error                 ? 
_refine.ls_R_factor_R_free_error_details         ? 
_refine.ls_R_factor_R_work                       0.1984 
_refine.ls_R_Fsqd_factor_obs                     ? 
_refine.ls_R_I_factor_obs                        ? 
_refine.ls_redundancy_reflns_all                 ? 
_refine.ls_redundancy_reflns_obs                 ? 
_refine.ls_restrained_S_all                      ? 
_refine.ls_restrained_S_obs                      ? 
_refine.ls_shift_over_esd_max                    ? 
_refine.ls_shift_over_esd_mean                   ? 
_refine.ls_structure_factor_coef                 ? 
_refine.ls_weighting_details                     ? 
_refine.ls_weighting_scheme                      ? 
_refine.ls_wR_factor_all                         ? 
_refine.ls_wR_factor_obs                         ? 
_refine.ls_wR_factor_R_free                      ? 
_refine.ls_wR_factor_R_work                      ? 
_refine.occupancy_max                            ? 
_refine.occupancy_min                            ? 
_refine.solvent_model_details                    ? 
_refine.solvent_model_param_bsol                 ? 
_refine.solvent_model_param_ksol                 ? 
_refine.ls_R_factor_gt                           ? 
_refine.ls_goodness_of_fit_gt                    ? 
_refine.ls_goodness_of_fit_ref                   ? 
_refine.ls_shift_over_su_max                     ? 
_refine.ls_shift_over_su_max_lt                  ? 
_refine.ls_shift_over_su_mean                    ? 
_refine.ls_shift_over_su_mean_lt                 ? 
_refine.pdbx_ls_sigma_I                          ? 
_refine.pdbx_ls_sigma_F                          ? 
_refine.pdbx_ls_sigma_Fsqd                       ? 
_refine.pdbx_data_cutoff_high_absF               ? 
_refine.pdbx_data_cutoff_high_rms_absF           ? 
_refine.pdbx_data_cutoff_low_absF                ? 
_refine.pdbx_isotropic_thermal_model             ? 
_refine.pdbx_ls_cross_valid_method               'FREE R-VALUE' 
_refine.pdbx_method_to_determine_struct          SAD 
_refine.pdbx_starting_model                      ? 
_refine.pdbx_stereochemistry_target_values       ? 
_refine.pdbx_R_Free_selection_details            'Random selection' 
_refine.pdbx_stereochem_target_val_spec_case     ? 
_refine.pdbx_overall_ESU_R                       ? 
_refine.pdbx_overall_ESU_R_Free                  ? 
_refine.pdbx_solvent_vdw_probe_radii             1.11 
_refine.pdbx_solvent_ion_probe_radii             ? 
_refine.pdbx_solvent_shrinkage_radii             0.90 
_refine.pdbx_real_space_R                        ? 
_refine.pdbx_density_correlation                 ? 
_refine.pdbx_pd_number_of_powder_patterns        ? 
_refine.pdbx_pd_number_of_points                 ? 
_refine.pdbx_pd_meas_number_of_points            ? 
_refine.pdbx_pd_proc_ls_prof_R_factor            ? 
_refine.pdbx_pd_proc_ls_prof_wR_factor           ? 
_refine.pdbx_pd_Marquardt_correlation_coeff      ? 
_refine.pdbx_pd_Fsqrd_R_factor                   ? 
_refine.pdbx_pd_ls_matrix_band_width             ? 
_refine.pdbx_overall_phase_error                 23.09 
_refine.pdbx_overall_SU_R_free_Cruickshank_DPI   ? 
_refine.pdbx_overall_SU_R_free_Blow_DPI          ? 
_refine.pdbx_overall_SU_R_Blow_DPI               ? 
_refine.pdbx_TLS_residual_ADP_flag               ? 
_refine.pdbx_diffrn_id                           1 
_refine.overall_SU_B                             ? 
_refine.overall_SU_ML                            0.42 
_refine.overall_SU_R_Cruickshank_DPI             ? 
_refine.overall_SU_R_free                        ? 
_refine.overall_FOM_free_R_set                   ? 
_refine.overall_FOM_work_R_set                   ? 
_refine.pdbx_average_fsc_overall                 ? 
_refine.pdbx_average_fsc_work                    ? 
_refine.pdbx_average_fsc_free                    ? 
# 
_refine_hist.pdbx_refine_id                   'X-RAY DIFFRACTION' 
_refine_hist.cycle_id                         LAST 
_refine_hist.pdbx_number_atoms_protein        1493 
_refine_hist.pdbx_number_atoms_nucleic_acid   0 
_refine_hist.pdbx_number_atoms_ligand         0 
_refine_hist.number_atoms_solvent             0 
_refine_hist.number_atoms_total               1493 
_refine_hist.d_res_high                       3.295 
_refine_hist.d_res_low                        38.755 
# 
loop_
_refine_ls_shell.pdbx_refine_id 
_refine_ls_shell.d_res_high 
_refine_ls_shell.d_res_low 
_refine_ls_shell.number_reflns_all 
_refine_ls_shell.number_reflns_obs 
_refine_ls_shell.number_reflns_R_free 
_refine_ls_shell.number_reflns_R_work 
_refine_ls_shell.percent_reflns_obs 
_refine_ls_shell.percent_reflns_R_free 
_refine_ls_shell.R_factor_all 
_refine_ls_shell.R_factor_obs 
_refine_ls_shell.R_factor_R_free 
_refine_ls_shell.R_factor_R_free_error 
_refine_ls_shell.R_factor_R_work 
_refine_ls_shell.redundancy_reflns_all 
_refine_ls_shell.redundancy_reflns_obs 
_refine_ls_shell.wR_factor_all 
_refine_ls_shell.wR_factor_obs 
_refine_ls_shell.wR_factor_R_free 
_refine_ls_shell.wR_factor_R_work 
_refine_ls_shell.pdbx_total_number_of_bins_used 
_refine_ls_shell.pdbx_phase_error 
_refine_ls_shell.pdbx_fsc_work 
_refine_ls_shell.pdbx_fsc_free 
'X-RAY DIFFRACTION' 3.2953 3.5496  . . 132 1239 89.00 . . . 0.3510 . 0.2768 . . . . . . . . . . 
'X-RAY DIFFRACTION' 3.5496 3.9065  . . 144 1314 96.00 . . . 0.3037 . 0.2167 . . . . . . . . . . 
'X-RAY DIFFRACTION' 3.9065 4.4710  . . 149 1351 98.00 . . . 0.2278 . 0.1719 . . . . . . . . . . 
'X-RAY DIFFRACTION' 4.4710 5.6302  . . 147 1347 98.00 . . . 0.2152 . 0.1758 . . . . . . . . . . 
'X-RAY DIFFRACTION' 5.6302 38.7580 . . 158 1400 99.00 . . . 0.1971 . 0.1739 . . . . . . . . . . 
# 
_struct.entry_id                     5YMA 
_struct.title                        'Crystal structure of ribosome assembly factor Efg1' 
_struct.pdbx_model_details           ? 
_struct.pdbx_formula_weight          ? 
_struct.pdbx_formula_weight_method   ? 
_struct.pdbx_model_type_details      ? 
_struct.pdbx_CASP_flag               N 
# 
_struct_keywords.entry_id        5YMA 
_struct_keywords.text            '90S pre-ribosome, RIBOSOMAL PROTEIN' 
_struct_keywords.pdbx_keywords   'RIBOSOMAL PROTEIN' 
# 
_struct_asym.id                            A 
_struct_asym.pdbx_blank_PDB_chainid_flag   N 
_struct_asym.pdbx_modified                 N 
_struct_asym.entity_id                     1 
_struct_asym.details                       ? 
# 
_struct_ref.id                         1 
_struct_ref.db_name                    UNP 
_struct_ref.db_code                    G0S5Z3_CHATD 
_struct_ref.pdbx_db_accession          G0S5Z3 
_struct_ref.pdbx_db_isoform            ? 
_struct_ref.entity_id                  1 
_struct_ref.pdbx_seq_one_letter_code   
;MSKKRSYSDGDEASGDSEVAAAKRQKINKAHFKKKRHHQNKSDEGKESLGAIKKRARAIERLLARDNLKLPANKQKELER
ELKAHKERIKDIEFKRERSKMISKYHMVRFFERRKALRFAQQLERRLSKATDPVEIAQLKADLHIAQVDIDYTKYFPFME
PYVSLYAQVRGNKEGDDKDGKDDKGAAARYLHAPRPPMWYEIEKIREEGVTALEKLQNRAPEKVIKKVDAKVEKPKKPSK
DKDKRNGDDGKEKKKKERAEDTQDKQEWVGKKKEKEKKDKPKSGKGKKDESPARSESEESDSDGGFFEED
;
_struct_ref.pdbx_align_begin           1 
# 
_struct_ref_seq.align_id                      1 
_struct_ref_seq.ref_id                        1 
_struct_ref_seq.pdbx_PDB_id_code              5YMA 
_struct_ref_seq.pdbx_strand_id                A 
_struct_ref_seq.seq_align_beg                 1 
_struct_ref_seq.pdbx_seq_align_beg_ins_code   ? 
_struct_ref_seq.seq_align_end                 310 
_struct_ref_seq.pdbx_seq_align_end_ins_code   ? 
_struct_ref_seq.pdbx_db_accession             G0S5Z3 
_struct_ref_seq.db_align_beg                  1 
_struct_ref_seq.pdbx_db_align_beg_ins_code    ? 
_struct_ref_seq.db_align_end                  310 
_struct_ref_seq.pdbx_db_align_end_ins_code    ? 
_struct_ref_seq.pdbx_auth_seq_align_beg       1 
_struct_ref_seq.pdbx_auth_seq_align_end       310 
# 
_pdbx_struct_assembly.id                   1 
_pdbx_struct_assembly.details              author_and_software_defined_assembly 
_pdbx_struct_assembly.method_details       PISA 
_pdbx_struct_assembly.oligomeric_details   monomeric 
_pdbx_struct_assembly.oligomeric_count     1 
# 
loop_
_pdbx_struct_assembly_prop.biol_id 
_pdbx_struct_assembly_prop.type 
_pdbx_struct_assembly_prop.value 
_pdbx_struct_assembly_prop.details 
1 'ABSA (A^2)' 0     ? 
1 MORE         0     ? 
1 'SSA (A^2)'  11860 ? 
# 
_pdbx_struct_assembly_gen.assembly_id       1 
_pdbx_struct_assembly_gen.oper_expression   1 
_pdbx_struct_assembly_gen.asym_id_list      A 
# 
_pdbx_struct_assembly_auth_evidence.id                     1 
_pdbx_struct_assembly_auth_evidence.assembly_id            1 
_pdbx_struct_assembly_auth_evidence.experimental_support   none 
_pdbx_struct_assembly_auth_evidence.details                ? 
# 
_pdbx_struct_oper_list.id                   1 
_pdbx_struct_oper_list.type                 'identity operation' 
_pdbx_struct_oper_list.name                 1_555 
_pdbx_struct_oper_list.symmetry_operation   x,y,z 
_pdbx_struct_oper_list.matrix[1][1]         1.0000000000 
_pdbx_struct_oper_list.matrix[1][2]         0.0000000000 
_pdbx_struct_oper_list.matrix[1][3]         0.0000000000 
_pdbx_struct_oper_list.vector[1]            0.0000000000 
_pdbx_struct_oper_list.matrix[2][1]         0.0000000000 
_pdbx_struct_oper_list.matrix[2][2]         1.0000000000 
_pdbx_struct_oper_list.matrix[2][3]         0.0000000000 
_pdbx_struct_oper_list.vector[2]            0.0000000000 
_pdbx_struct_oper_list.matrix[3][1]         0.0000000000 
_pdbx_struct_oper_list.matrix[3][2]         0.0000000000 
_pdbx_struct_oper_list.matrix[3][3]         1.0000000000 
_pdbx_struct_oper_list.vector[3]            0.0000000000 
# 
loop_
_struct_conf.conf_type_id 
_struct_conf.id 
_struct_conf.pdbx_PDB_helix_id 
_struct_conf.beg_label_comp_id 
_struct_conf.beg_label_asym_id 
_struct_conf.beg_label_seq_id 
_struct_conf.pdbx_beg_PDB_ins_code 
_struct_conf.end_label_comp_id 
_struct_conf.end_label_asym_id 
_struct_conf.end_label_seq_id 
_struct_conf.pdbx_end_PDB_ins_code 
_struct_conf.beg_auth_comp_id 
_struct_conf.beg_auth_asym_id 
_struct_conf.beg_auth_seq_id 
_struct_conf.end_auth_comp_id 
_struct_conf.end_auth_asym_id 
_struct_conf.end_auth_seq_id 
_struct_conf.pdbx_PDB_helix_class 
_struct_conf.details 
_struct_conf.pdbx_PDB_helix_length 
HELX_P HELX_P1 AA1 SER A 48  ? ALA A 64  ? SER A 48  ALA A 64  1 ? 17 
HELX_P HELX_P2 AA2 ALA A 72  ? ALA A 130 ? ALA A 72  ALA A 130 1 ? 59 
HELX_P HELX_P3 AA3 ASP A 132 ? PHE A 156 ? ASP A 132 PHE A 156 1 ? 25 
HELX_P HELX_P4 AA4 ALA A 186 ? HIS A 192 ? ALA A 186 HIS A 192 1 ? 7  
HELX_P HELX_P5 AA5 PRO A 196 ? ARG A 206 ? PRO A 196 ARG A 206 1 ? 11 
HELX_P HELX_P6 AA6 GLU A 208 ? ASN A 218 ? GLU A 208 ASN A 218 1 ? 11 
HELX_P HELX_P7 AA7 PRO A 221 ? LYS A 234 ? PRO A 221 LYS A 234 1 ? 14 
# 
_struct_conf_type.id          HELX_P 
_struct_conf_type.criteria    ? 
_struct_conf_type.reference   ? 
# 
loop_
_struct_conn.id 
_struct_conn.conn_type_id 
_struct_conn.pdbx_leaving_atom_flag 
_struct_conn.pdbx_PDB_id 
_struct_conn.ptnr1_label_asym_id 
_struct_conn.ptnr1_label_comp_id 
_struct_conn.ptnr1_label_seq_id 
_struct_conn.ptnr1_label_atom_id 
_struct_conn.pdbx_ptnr1_label_alt_id 
_struct_conn.pdbx_ptnr1_PDB_ins_code 
_struct_conn.pdbx_ptnr1_standard_comp_id 
_struct_conn.ptnr1_symmetry 
_struct_conn.ptnr2_label_asym_id 
_struct_conn.ptnr2_label_comp_id 
_struct_conn.ptnr2_label_seq_id 
_struct_conn.ptnr2_label_atom_id 
_struct_conn.pdbx_ptnr2_label_alt_id 
_struct_conn.pdbx_ptnr2_PDB_ins_code 
_struct_conn.ptnr1_auth_asym_id 
_struct_conn.ptnr1_auth_comp_id 
_struct_conn.ptnr1_auth_seq_id 
_struct_conn.ptnr2_auth_asym_id 
_struct_conn.ptnr2_auth_comp_id 
_struct_conn.ptnr2_auth_seq_id 
_struct_conn.ptnr2_symmetry 
_struct_conn.pdbx_ptnr3_label_atom_id 
_struct_conn.pdbx_ptnr3_label_seq_id 
_struct_conn.pdbx_ptnr3_label_comp_id 
_struct_conn.pdbx_ptnr3_label_asym_id 
_struct_conn.pdbx_ptnr3_label_alt_id 
_struct_conn.pdbx_ptnr3_PDB_ins_code 
_struct_conn.details 
_struct_conn.pdbx_dist_value 
_struct_conn.pdbx_value_order 
_struct_conn.pdbx_role 
covale1 covale both ? A LYS 100 C ? ? ? 1_555 A MSE 101 N ? ? A LYS 100 A MSE 101 1_555 ? ? ? ? ? ? ? 1.328 ? ? 
covale2 covale both ? A MSE 101 C ? ? ? 1_555 A ILE 102 N ? ? A MSE 101 A ILE 102 1_555 ? ? ? ? ? ? ? 1.336 ? ? 
covale3 covale both ? A HIS 106 C ? ? ? 1_555 A MSE 107 N ? ? A HIS 106 A MSE 107 1_555 ? ? ? ? ? ? ? 1.324 ? ? 
covale4 covale both ? A MSE 107 C ? ? ? 1_555 A VAL 108 N ? ? A MSE 107 A VAL 108 1_555 ? ? ? ? ? ? ? 1.329 ? ? 
covale5 covale both ? A PHE 158 C ? ? ? 1_555 A MSE 159 N ? ? A PHE 158 A MSE 159 1_555 ? ? ? ? ? ? ? 1.329 ? ? 
covale6 covale both ? A MSE 159 C ? ? ? 1_555 A GLU 160 N ? ? A MSE 159 A GLU 160 1_555 ? ? ? ? ? ? ? 1.323 ? ? 
covale7 covale both ? A PRO 197 C ? ? ? 1_555 A MSE 198 N ? ? A PRO 197 A MSE 198 1_555 ? ? ? ? ? ? ? 1.326 ? ? 
covale8 covale both ? A MSE 198 C ? ? ? 1_555 A TRP 199 N ? ? A MSE 198 A TRP 199 1_555 ? ? ? ? ? ? ? 1.330 ? ? 
# 
_struct_conn_type.id          covale 
_struct_conn_type.criteria    ? 
_struct_conn_type.reference   ? 
# 
loop_
_pdbx_modification_feature.ordinal 
_pdbx_modification_feature.label_comp_id 
_pdbx_modification_feature.label_asym_id 
_pdbx_modification_feature.label_seq_id 
_pdbx_modification_feature.label_alt_id 
_pdbx_modification_feature.modified_residue_label_comp_id 
_pdbx_modification_feature.modified_residue_label_asym_id 
_pdbx_modification_feature.modified_residue_label_seq_id 
_pdbx_modification_feature.modified_residue_label_alt_id 
_pdbx_modification_feature.auth_comp_id 
_pdbx_modification_feature.auth_asym_id 
_pdbx_modification_feature.auth_seq_id 
_pdbx_modification_feature.PDB_ins_code 
_pdbx_modification_feature.symmetry 
_pdbx_modification_feature.modified_residue_auth_comp_id 
_pdbx_modification_feature.modified_residue_auth_asym_id 
_pdbx_modification_feature.modified_residue_auth_seq_id 
_pdbx_modification_feature.modified_residue_PDB_ins_code 
_pdbx_modification_feature.modified_residue_symmetry 
_pdbx_modification_feature.comp_id_linking_atom 
_pdbx_modification_feature.modified_residue_id_linking_atom 
_pdbx_modification_feature.modified_residue_id 
_pdbx_modification_feature.ref_pcm_id 
_pdbx_modification_feature.ref_comp_id 
_pdbx_modification_feature.type 
_pdbx_modification_feature.category 
1 MSE A 101 ? . . . . MSE A 101 ? 1_555 . . . . . . . MET 1 MSE Selenomethionine 'Named protein modification' 
2 MSE A 107 ? . . . . MSE A 107 ? 1_555 . . . . . . . MET 1 MSE Selenomethionine 'Named protein modification' 
3 MSE A 159 ? . . . . MSE A 159 ? 1_555 . . . . . . . MET 1 MSE Selenomethionine 'Named protein modification' 
4 MSE A 198 ? . . . . MSE A 198 ? 1_555 . . . . . . . MET 1 MSE Selenomethionine 'Named protein modification' 
# 
_pdbx_entry_details.entry_id                   5YMA 
_pdbx_entry_details.compound_details           ? 
_pdbx_entry_details.source_details             ? 
_pdbx_entry_details.nonpolymer_details         ? 
_pdbx_entry_details.sequence_details           ? 
_pdbx_entry_details.has_ligand_of_interest     ? 
_pdbx_entry_details.has_protein_modification   Y 
# 
loop_
_pdbx_validate_torsion.id 
_pdbx_validate_torsion.PDB_model_num 
_pdbx_validate_torsion.auth_comp_id 
_pdbx_validate_torsion.auth_asym_id 
_pdbx_validate_torsion.auth_seq_id 
_pdbx_validate_torsion.PDB_ins_code 
_pdbx_validate_torsion.label_alt_id 
_pdbx_validate_torsion.phi 
_pdbx_validate_torsion.psi 
1 1 PRO A 71  ? ? -55.07  179.25 
2 1 LYS A 74  ? ? -66.88  5.66   
3 1 ARG A 126 ? ? -48.82  -18.08 
4 1 ASN A 172 ? ? -149.17 24.65  
5 1 ARG A 219 ? ? -37.79  126.03 
# 
_pdbx_validate_peptide_omega.id               1 
_pdbx_validate_peptide_omega.PDB_model_num    1 
_pdbx_validate_peptide_omega.auth_comp_id_1   ARG 
_pdbx_validate_peptide_omega.auth_asym_id_1   A 
_pdbx_validate_peptide_omega.auth_seq_id_1    206 
_pdbx_validate_peptide_omega.PDB_ins_code_1   ? 
_pdbx_validate_peptide_omega.label_alt_id_1   ? 
_pdbx_validate_peptide_omega.auth_comp_id_2   GLU 
_pdbx_validate_peptide_omega.auth_asym_id_2   A 
_pdbx_validate_peptide_omega.auth_seq_id_2    207 
_pdbx_validate_peptide_omega.PDB_ins_code_2   ? 
_pdbx_validate_peptide_omega.label_alt_id_2   ? 
_pdbx_validate_peptide_omega.omega            146.97 
# 
loop_
_pdbx_struct_mod_residue.id 
_pdbx_struct_mod_residue.label_asym_id 
_pdbx_struct_mod_residue.label_comp_id 
_pdbx_struct_mod_residue.label_seq_id 
_pdbx_struct_mod_residue.auth_asym_id 
_pdbx_struct_mod_residue.auth_comp_id 
_pdbx_struct_mod_residue.auth_seq_id 
_pdbx_struct_mod_residue.PDB_ins_code 
_pdbx_struct_mod_residue.parent_comp_id 
_pdbx_struct_mod_residue.details 
1 A MSE 101 A MSE 101 ? MET 'modified residue' 
2 A MSE 107 A MSE 107 ? MET 'modified residue' 
3 A MSE 159 A MSE 159 ? MET 'modified residue' 
4 A MSE 198 A MSE 198 ? MET 'modified residue' 
# 
loop_
_pdbx_unobs_or_zero_occ_residues.id 
_pdbx_unobs_or_zero_occ_residues.PDB_model_num 
_pdbx_unobs_or_zero_occ_residues.polymer_flag 
_pdbx_unobs_or_zero_occ_residues.occupancy_flag 
_pdbx_unobs_or_zero_occ_residues.auth_asym_id 
_pdbx_unobs_or_zero_occ_residues.auth_comp_id 
_pdbx_unobs_or_zero_occ_residues.auth_seq_id 
_pdbx_unobs_or_zero_occ_residues.PDB_ins_code 
_pdbx_unobs_or_zero_occ_residues.label_asym_id 
_pdbx_unobs_or_zero_occ_residues.label_comp_id 
_pdbx_unobs_or_zero_occ_residues.label_seq_id 
1   1 Y 1 A MSE 1   ? A MSE 1   
2   1 Y 1 A SER 2   ? A SER 2   
3   1 Y 1 A LYS 3   ? A LYS 3   
4   1 Y 1 A LYS 4   ? A LYS 4   
5   1 Y 1 A ARG 5   ? A ARG 5   
6   1 Y 1 A SER 6   ? A SER 6   
7   1 Y 1 A TYR 7   ? A TYR 7   
8   1 Y 1 A SER 8   ? A SER 8   
9   1 Y 1 A ASP 9   ? A ASP 9   
10  1 Y 1 A GLY 10  ? A GLY 10  
11  1 Y 1 A ASP 11  ? A ASP 11  
12  1 Y 1 A GLU 12  ? A GLU 12  
13  1 Y 1 A ALA 13  ? A ALA 13  
14  1 Y 1 A SER 14  ? A SER 14  
15  1 Y 1 A GLY 15  ? A GLY 15  
16  1 Y 1 A ASP 16  ? A ASP 16  
17  1 Y 1 A SER 17  ? A SER 17  
18  1 Y 1 A GLU 18  ? A GLU 18  
19  1 Y 1 A VAL 19  ? A VAL 19  
20  1 Y 1 A ALA 20  ? A ALA 20  
21  1 Y 1 A ALA 21  ? A ALA 21  
22  1 Y 1 A ALA 22  ? A ALA 22  
23  1 Y 1 A LYS 23  ? A LYS 23  
24  1 Y 1 A ARG 24  ? A ARG 24  
25  1 Y 1 A GLN 25  ? A GLN 25  
26  1 Y 1 A LYS 26  ? A LYS 26  
27  1 Y 1 A ILE 27  ? A ILE 27  
28  1 Y 1 A ASN 28  ? A ASN 28  
29  1 Y 1 A LYS 29  ? A LYS 29  
30  1 Y 1 A ALA 30  ? A ALA 30  
31  1 Y 1 A HIS 31  ? A HIS 31  
32  1 Y 1 A PHE 32  ? A PHE 32  
33  1 Y 1 A LYS 33  ? A LYS 33  
34  1 Y 1 A LYS 34  ? A LYS 34  
35  1 Y 1 A LYS 35  ? A LYS 35  
36  1 Y 1 A ARG 36  ? A ARG 36  
37  1 Y 1 A HIS 37  ? A HIS 37  
38  1 Y 1 A HIS 38  ? A HIS 38  
39  1 Y 1 A GLN 39  ? A GLN 39  
40  1 Y 1 A ASN 40  ? A ASN 40  
41  1 Y 1 A LYS 41  ? A LYS 41  
42  1 Y 1 A SER 42  ? A SER 42  
43  1 Y 1 A ASP 43  ? A ASP 43  
44  1 Y 1 A GLU 44  ? A GLU 44  
45  1 Y 1 A GLY 45  ? A GLY 45  
46  1 Y 1 A LYS 46  ? A LYS 46  
47  1 Y 1 A GLU 174 ? A GLU 174 
48  1 Y 1 A GLY 175 ? A GLY 175 
49  1 Y 1 A ASP 176 ? A ASP 176 
50  1 Y 1 A ASP 177 ? A ASP 177 
51  1 Y 1 A LYS 178 ? A LYS 178 
52  1 Y 1 A ASP 179 ? A ASP 179 
53  1 Y 1 A GLY 180 ? A GLY 180 
54  1 Y 1 A LYS 181 ? A LYS 181 
55  1 Y 1 A ASP 182 ? A ASP 182 
56  1 Y 1 A PRO 235 ? A PRO 235 
57  1 Y 1 A LYS 236 ? A LYS 236 
58  1 Y 1 A LYS 237 ? A LYS 237 
59  1 Y 1 A PRO 238 ? A PRO 238 
60  1 Y 1 A SER 239 ? A SER 239 
61  1 Y 1 A LYS 240 ? A LYS 240 
62  1 Y 1 A ASP 241 ? A ASP 241 
63  1 Y 1 A LYS 242 ? A LYS 242 
64  1 Y 1 A ASP 243 ? A ASP 243 
65  1 Y 1 A LYS 244 ? A LYS 244 
66  1 Y 1 A ARG 245 ? A ARG 245 
67  1 Y 1 A ASN 246 ? A ASN 246 
68  1 Y 1 A GLY 247 ? A GLY 247 
69  1 Y 1 A ASP 248 ? A ASP 248 
70  1 Y 1 A ASP 249 ? A ASP 249 
71  1 Y 1 A GLY 250 ? A GLY 250 
72  1 Y 1 A LYS 251 ? A LYS 251 
73  1 Y 1 A GLU 252 ? A GLU 252 
74  1 Y 1 A LYS 253 ? A LYS 253 
75  1 Y 1 A LYS 254 ? A LYS 254 
76  1 Y 1 A LYS 255 ? A LYS 255 
77  1 Y 1 A LYS 256 ? A LYS 256 
78  1 Y 1 A GLU 257 ? A GLU 257 
79  1 Y 1 A ARG 258 ? A ARG 258 
80  1 Y 1 A ALA 259 ? A ALA 259 
81  1 Y 1 A GLU 260 ? A GLU 260 
82  1 Y 1 A ASP 261 ? A ASP 261 
83  1 Y 1 A THR 262 ? A THR 262 
84  1 Y 1 A GLN 263 ? A GLN 263 
85  1 Y 1 A ASP 264 ? A ASP 264 
86  1 Y 1 A LYS 265 ? A LYS 265 
87  1 Y 1 A GLN 266 ? A GLN 266 
88  1 Y 1 A GLU 267 ? A GLU 267 
89  1 Y 1 A TRP 268 ? A TRP 268 
90  1 Y 1 A VAL 269 ? A VAL 269 
91  1 Y 1 A GLY 270 ? A GLY 270 
92  1 Y 1 A LYS 271 ? A LYS 271 
93  1 Y 1 A LYS 272 ? A LYS 272 
94  1 Y 1 A LYS 273 ? A LYS 273 
95  1 Y 1 A GLU 274 ? A GLU 274 
96  1 Y 1 A LYS 275 ? A LYS 275 
97  1 Y 1 A GLU 276 ? A GLU 276 
98  1 Y 1 A LYS 277 ? A LYS 277 
99  1 Y 1 A LYS 278 ? A LYS 278 
100 1 Y 1 A ASP 279 ? A ASP 279 
101 1 Y 1 A LYS 280 ? A LYS 280 
102 1 Y 1 A PRO 281 ? A PRO 281 
103 1 Y 1 A LYS 282 ? A LYS 282 
104 1 Y 1 A SER 283 ? A SER 283 
105 1 Y 1 A GLY 284 ? A GLY 284 
106 1 Y 1 A LYS 285 ? A LYS 285 
107 1 Y 1 A GLY 286 ? A GLY 286 
108 1 Y 1 A LYS 287 ? A LYS 287 
109 1 Y 1 A LYS 288 ? A LYS 288 
110 1 Y 1 A ASP 289 ? A ASP 289 
111 1 Y 1 A GLU 290 ? A GLU 290 
112 1 Y 1 A SER 291 ? A SER 291 
113 1 Y 1 A PRO 292 ? A PRO 292 
114 1 Y 1 A ALA 293 ? A ALA 293 
115 1 Y 1 A ARG 294 ? A ARG 294 
116 1 Y 1 A SER 295 ? A SER 295 
117 1 Y 1 A GLU 296 ? A GLU 296 
118 1 Y 1 A SER 297 ? A SER 297 
119 1 Y 1 A GLU 298 ? A GLU 298 
120 1 Y 1 A GLU 299 ? A GLU 299 
121 1 Y 1 A SER 300 ? A SER 300 
122 1 Y 1 A ASP 301 ? A ASP 301 
123 1 Y 1 A SER 302 ? A SER 302 
124 1 Y 1 A ASP 303 ? A ASP 303 
125 1 Y 1 A GLY 304 ? A GLY 304 
126 1 Y 1 A GLY 305 ? A GLY 305 
127 1 Y 1 A PHE 306 ? A PHE 306 
128 1 Y 1 A PHE 307 ? A PHE 307 
129 1 Y 1 A GLU 308 ? A GLU 308 
130 1 Y 1 A GLU 309 ? A GLU 309 
131 1 Y 1 A ASP 310 ? A ASP 310 
# 
loop_
_chem_comp_atom.comp_id 
_chem_comp_atom.atom_id 
_chem_comp_atom.type_symbol 
_chem_comp_atom.pdbx_aromatic_flag 
_chem_comp_atom.pdbx_stereo_config 
_chem_comp_atom.pdbx_ordinal 
ALA N    N  N N 1   
ALA CA   C  N S 2   
ALA C    C  N N 3   
ALA O    O  N N 4   
ALA CB   C  N N 5   
ALA OXT  O  N N 6   
ALA H    H  N N 7   
ALA H2   H  N N 8   
ALA HA   H  N N 9   
ALA HB1  H  N N 10  
ALA HB2  H  N N 11  
ALA HB3  H  N N 12  
ALA HXT  H  N N 13  
ARG N    N  N N 14  
ARG CA   C  N S 15  
ARG C    C  N N 16  
ARG O    O  N N 17  
ARG CB   C  N N 18  
ARG CG   C  N N 19  
ARG CD   C  N N 20  
ARG NE   N  N N 21  
ARG CZ   C  N N 22  
ARG NH1  N  N N 23  
ARG NH2  N  N N 24  
ARG OXT  O  N N 25  
ARG H    H  N N 26  
ARG H2   H  N N 27  
ARG HA   H  N N 28  
ARG HB2  H  N N 29  
ARG HB3  H  N N 30  
ARG HG2  H  N N 31  
ARG HG3  H  N N 32  
ARG HD2  H  N N 33  
ARG HD3  H  N N 34  
ARG HE   H  N N 35  
ARG HH11 H  N N 36  
ARG HH12 H  N N 37  
ARG HH21 H  N N 38  
ARG HH22 H  N N 39  
ARG HXT  H  N N 40  
ASN N    N  N N 41  
ASN CA   C  N S 42  
ASN C    C  N N 43  
ASN O    O  N N 44  
ASN CB   C  N N 45  
ASN CG   C  N N 46  
ASN OD1  O  N N 47  
ASN ND2  N  N N 48  
ASN OXT  O  N N 49  
ASN H    H  N N 50  
ASN H2   H  N N 51  
ASN HA   H  N N 52  
ASN HB2  H  N N 53  
ASN HB3  H  N N 54  
ASN HD21 H  N N 55  
ASN HD22 H  N N 56  
ASN HXT  H  N N 57  
ASP N    N  N N 58  
ASP CA   C  N S 59  
ASP C    C  N N 60  
ASP O    O  N N 61  
ASP CB   C  N N 62  
ASP CG   C  N N 63  
ASP OD1  O  N N 64  
ASP OD2  O  N N 65  
ASP OXT  O  N N 66  
ASP H    H  N N 67  
ASP H2   H  N N 68  
ASP HA   H  N N 69  
ASP HB2  H  N N 70  
ASP HB3  H  N N 71  
ASP HD2  H  N N 72  
ASP HXT  H  N N 73  
GLN N    N  N N 74  
GLN CA   C  N S 75  
GLN C    C  N N 76  
GLN O    O  N N 77  
GLN CB   C  N N 78  
GLN CG   C  N N 79  
GLN CD   C  N N 80  
GLN OE1  O  N N 81  
GLN NE2  N  N N 82  
GLN OXT  O  N N 83  
GLN H    H  N N 84  
GLN H2   H  N N 85  
GLN HA   H  N N 86  
GLN HB2  H  N N 87  
GLN HB3  H  N N 88  
GLN HG2  H  N N 89  
GLN HG3  H  N N 90  
GLN HE21 H  N N 91  
GLN HE22 H  N N 92  
GLN HXT  H  N N 93  
GLU N    N  N N 94  
GLU CA   C  N S 95  
GLU C    C  N N 96  
GLU O    O  N N 97  
GLU CB   C  N N 98  
GLU CG   C  N N 99  
GLU CD   C  N N 100 
GLU OE1  O  N N 101 
GLU OE2  O  N N 102 
GLU OXT  O  N N 103 
GLU H    H  N N 104 
GLU H2   H  N N 105 
GLU HA   H  N N 106 
GLU HB2  H  N N 107 
GLU HB3  H  N N 108 
GLU HG2  H  N N 109 
GLU HG3  H  N N 110 
GLU HE2  H  N N 111 
GLU HXT  H  N N 112 
GLY N    N  N N 113 
GLY CA   C  N N 114 
GLY C    C  N N 115 
GLY O    O  N N 116 
GLY OXT  O  N N 117 
GLY H    H  N N 118 
GLY H2   H  N N 119 
GLY HA2  H  N N 120 
GLY HA3  H  N N 121 
GLY HXT  H  N N 122 
HIS N    N  N N 123 
HIS CA   C  N S 124 
HIS C    C  N N 125 
HIS O    O  N N 126 
HIS CB   C  N N 127 
HIS CG   C  Y N 128 
HIS ND1  N  Y N 129 
HIS CD2  C  Y N 130 
HIS CE1  C  Y N 131 
HIS NE2  N  Y N 132 
HIS OXT  O  N N 133 
HIS H    H  N N 134 
HIS H2   H  N N 135 
HIS HA   H  N N 136 
HIS HB2  H  N N 137 
HIS HB3  H  N N 138 
HIS HD1  H  N N 139 
HIS HD2  H  N N 140 
HIS HE1  H  N N 141 
HIS HE2  H  N N 142 
HIS HXT  H  N N 143 
ILE N    N  N N 144 
ILE CA   C  N S 145 
ILE C    C  N N 146 
ILE O    O  N N 147 
ILE CB   C  N S 148 
ILE CG1  C  N N 149 
ILE CG2  C  N N 150 
ILE CD1  C  N N 151 
ILE OXT  O  N N 152 
ILE H    H  N N 153 
ILE H2   H  N N 154 
ILE HA   H  N N 155 
ILE HB   H  N N 156 
ILE HG12 H  N N 157 
ILE HG13 H  N N 158 
ILE HG21 H  N N 159 
ILE HG22 H  N N 160 
ILE HG23 H  N N 161 
ILE HD11 H  N N 162 
ILE HD12 H  N N 163 
ILE HD13 H  N N 164 
ILE HXT  H  N N 165 
LEU N    N  N N 166 
LEU CA   C  N S 167 
LEU C    C  N N 168 
LEU O    O  N N 169 
LEU CB   C  N N 170 
LEU CG   C  N N 171 
LEU CD1  C  N N 172 
LEU CD2  C  N N 173 
LEU OXT  O  N N 174 
LEU H    H  N N 175 
LEU H2   H  N N 176 
LEU HA   H  N N 177 
LEU HB2  H  N N 178 
LEU HB3  H  N N 179 
LEU HG   H  N N 180 
LEU HD11 H  N N 181 
LEU HD12 H  N N 182 
LEU HD13 H  N N 183 
LEU HD21 H  N N 184 
LEU HD22 H  N N 185 
LEU HD23 H  N N 186 
LEU HXT  H  N N 187 
LYS N    N  N N 188 
LYS CA   C  N S 189 
LYS C    C  N N 190 
LYS O    O  N N 191 
LYS CB   C  N N 192 
LYS CG   C  N N 193 
LYS CD   C  N N 194 
LYS CE   C  N N 195 
LYS NZ   N  N N 196 
LYS OXT  O  N N 197 
LYS H    H  N N 198 
LYS H2   H  N N 199 
LYS HA   H  N N 200 
LYS HB2  H  N N 201 
LYS HB3  H  N N 202 
LYS HG2  H  N N 203 
LYS HG3  H  N N 204 
LYS HD2  H  N N 205 
LYS HD3  H  N N 206 
LYS HE2  H  N N 207 
LYS HE3  H  N N 208 
LYS HZ1  H  N N 209 
LYS HZ2  H  N N 210 
LYS HZ3  H  N N 211 
LYS HXT  H  N N 212 
MSE N    N  N N 213 
MSE CA   C  N S 214 
MSE C    C  N N 215 
MSE O    O  N N 216 
MSE OXT  O  N N 217 
MSE CB   C  N N 218 
MSE CG   C  N N 219 
MSE SE   SE N N 220 
MSE CE   C  N N 221 
MSE H    H  N N 222 
MSE H2   H  N N 223 
MSE HA   H  N N 224 
MSE HXT  H  N N 225 
MSE HB2  H  N N 226 
MSE HB3  H  N N 227 
MSE HG2  H  N N 228 
MSE HG3  H  N N 229 
MSE HE1  H  N N 230 
MSE HE2  H  N N 231 
MSE HE3  H  N N 232 
PHE N    N  N N 233 
PHE CA   C  N S 234 
PHE C    C  N N 235 
PHE O    O  N N 236 
PHE CB   C  N N 237 
PHE CG   C  Y N 238 
PHE CD1  C  Y N 239 
PHE CD2  C  Y N 240 
PHE CE1  C  Y N 241 
PHE CE2  C  Y N 242 
PHE CZ   C  Y N 243 
PHE OXT  O  N N 244 
PHE H    H  N N 245 
PHE H2   H  N N 246 
PHE HA   H  N N 247 
PHE HB2  H  N N 248 
PHE HB3  H  N N 249 
PHE HD1  H  N N 250 
PHE HD2  H  N N 251 
PHE HE1  H  N N 252 
PHE HE2  H  N N 253 
PHE HZ   H  N N 254 
PHE HXT  H  N N 255 
PRO N    N  N N 256 
PRO CA   C  N S 257 
PRO C    C  N N 258 
PRO O    O  N N 259 
PRO CB   C  N N 260 
PRO CG   C  N N 261 
PRO CD   C  N N 262 
PRO OXT  O  N N 263 
PRO H    H  N N 264 
PRO HA   H  N N 265 
PRO HB2  H  N N 266 
PRO HB3  H  N N 267 
PRO HG2  H  N N 268 
PRO HG3  H  N N 269 
PRO HD2  H  N N 270 
PRO HD3  H  N N 271 
PRO HXT  H  N N 272 
SER N    N  N N 273 
SER CA   C  N S 274 
SER C    C  N N 275 
SER O    O  N N 276 
SER CB   C  N N 277 
SER OG   O  N N 278 
SER OXT  O  N N 279 
SER H    H  N N 280 
SER H2   H  N N 281 
SER HA   H  N N 282 
SER HB2  H  N N 283 
SER HB3  H  N N 284 
SER HG   H  N N 285 
SER HXT  H  N N 286 
THR N    N  N N 287 
THR CA   C  N S 288 
THR C    C  N N 289 
THR O    O  N N 290 
THR CB   C  N R 291 
THR OG1  O  N N 292 
THR CG2  C  N N 293 
THR OXT  O  N N 294 
THR H    H  N N 295 
THR H2   H  N N 296 
THR HA   H  N N 297 
THR HB   H  N N 298 
THR HG1  H  N N 299 
THR HG21 H  N N 300 
THR HG22 H  N N 301 
THR HG23 H  N N 302 
THR HXT  H  N N 303 
TRP N    N  N N 304 
TRP CA   C  N S 305 
TRP C    C  N N 306 
TRP O    O  N N 307 
TRP CB   C  N N 308 
TRP CG   C  Y N 309 
TRP CD1  C  Y N 310 
TRP CD2  C  Y N 311 
TRP NE1  N  Y N 312 
TRP CE2  C  Y N 313 
TRP CE3  C  Y N 314 
TRP CZ2  C  Y N 315 
TRP CZ3  C  Y N 316 
TRP CH2  C  Y N 317 
TRP OXT  O  N N 318 
TRP H    H  N N 319 
TRP H2   H  N N 320 
TRP HA   H  N N 321 
TRP HB2  H  N N 322 
TRP HB3  H  N N 323 
TRP HD1  H  N N 324 
TRP HE1  H  N N 325 
TRP HE3  H  N N 326 
TRP HZ2  H  N N 327 
TRP HZ3  H  N N 328 
TRP HH2  H  N N 329 
TRP HXT  H  N N 330 
TYR N    N  N N 331 
TYR CA   C  N S 332 
TYR C    C  N N 333 
TYR O    O  N N 334 
TYR CB   C  N N 335 
TYR CG   C  Y N 336 
TYR CD1  C  Y N 337 
TYR CD2  C  Y N 338 
TYR CE1  C  Y N 339 
TYR CE2  C  Y N 340 
TYR CZ   C  Y N 341 
TYR OH   O  N N 342 
TYR OXT  O  N N 343 
TYR H    H  N N 344 
TYR H2   H  N N 345 
TYR HA   H  N N 346 
TYR HB2  H  N N 347 
TYR HB3  H  N N 348 
TYR HD1  H  N N 349 
TYR HD2  H  N N 350 
TYR HE1  H  N N 351 
TYR HE2  H  N N 352 
TYR HH   H  N N 353 
TYR HXT  H  N N 354 
VAL N    N  N N 355 
VAL CA   C  N S 356 
VAL C    C  N N 357 
VAL O    O  N N 358 
VAL CB   C  N N 359 
VAL CG1  C  N N 360 
VAL CG2  C  N N 361 
VAL OXT  O  N N 362 
VAL H    H  N N 363 
VAL H2   H  N N 364 
VAL HA   H  N N 365 
VAL HB   H  N N 366 
VAL HG11 H  N N 367 
VAL HG12 H  N N 368 
VAL HG13 H  N N 369 
VAL HG21 H  N N 370 
VAL HG22 H  N N 371 
VAL HG23 H  N N 372 
VAL HXT  H  N N 373 
# 
loop_
_chem_comp_bond.comp_id 
_chem_comp_bond.atom_id_1 
_chem_comp_bond.atom_id_2 
_chem_comp_bond.value_order 
_chem_comp_bond.pdbx_aromatic_flag 
_chem_comp_bond.pdbx_stereo_config 
_chem_comp_bond.pdbx_ordinal 
ALA N   CA   sing N N 1   
ALA N   H    sing N N 2   
ALA N   H2   sing N N 3   
ALA CA  C    sing N N 4   
ALA CA  CB   sing N N 5   
ALA CA  HA   sing N N 6   
ALA C   O    doub N N 7   
ALA C   OXT  sing N N 8   
ALA CB  HB1  sing N N 9   
ALA CB  HB2  sing N N 10  
ALA CB  HB3  sing N N 11  
ALA OXT HXT  sing N N 12  
ARG N   CA   sing N N 13  
ARG N   H    sing N N 14  
ARG N   H2   sing N N 15  
ARG CA  C    sing N N 16  
ARG CA  CB   sing N N 17  
ARG CA  HA   sing N N 18  
ARG C   O    doub N N 19  
ARG C   OXT  sing N N 20  
ARG CB  CG   sing N N 21  
ARG CB  HB2  sing N N 22  
ARG CB  HB3  sing N N 23  
ARG CG  CD   sing N N 24  
ARG CG  HG2  sing N N 25  
ARG CG  HG3  sing N N 26  
ARG CD  NE   sing N N 27  
ARG CD  HD2  sing N N 28  
ARG CD  HD3  sing N N 29  
ARG NE  CZ   sing N N 30  
ARG NE  HE   sing N N 31  
ARG CZ  NH1  sing N N 32  
ARG CZ  NH2  doub N N 33  
ARG NH1 HH11 sing N N 34  
ARG NH1 HH12 sing N N 35  
ARG NH2 HH21 sing N N 36  
ARG NH2 HH22 sing N N 37  
ARG OXT HXT  sing N N 38  
ASN N   CA   sing N N 39  
ASN N   H    sing N N 40  
ASN N   H2   sing N N 41  
ASN CA  C    sing N N 42  
ASN CA  CB   sing N N 43  
ASN CA  HA   sing N N 44  
ASN C   O    doub N N 45  
ASN C   OXT  sing N N 46  
ASN CB  CG   sing N N 47  
ASN CB  HB2  sing N N 48  
ASN CB  HB3  sing N N 49  
ASN CG  OD1  doub N N 50  
ASN CG  ND2  sing N N 51  
ASN ND2 HD21 sing N N 52  
ASN ND2 HD22 sing N N 53  
ASN OXT HXT  sing N N 54  
ASP N   CA   sing N N 55  
ASP N   H    sing N N 56  
ASP N   H2   sing N N 57  
ASP CA  C    sing N N 58  
ASP CA  CB   sing N N 59  
ASP CA  HA   sing N N 60  
ASP C   O    doub N N 61  
ASP C   OXT  sing N N 62  
ASP CB  CG   sing N N 63  
ASP CB  HB2  sing N N 64  
ASP CB  HB3  sing N N 65  
ASP CG  OD1  doub N N 66  
ASP CG  OD2  sing N N 67  
ASP OD2 HD2  sing N N 68  
ASP OXT HXT  sing N N 69  
GLN N   CA   sing N N 70  
GLN N   H    sing N N 71  
GLN N   H2   sing N N 72  
GLN CA  C    sing N N 73  
GLN CA  CB   sing N N 74  
GLN CA  HA   sing N N 75  
GLN C   O    doub N N 76  
GLN C   OXT  sing N N 77  
GLN CB  CG   sing N N 78  
GLN CB  HB2  sing N N 79  
GLN CB  HB3  sing N N 80  
GLN CG  CD   sing N N 81  
GLN CG  HG2  sing N N 82  
GLN CG  HG3  sing N N 83  
GLN CD  OE1  doub N N 84  
GLN CD  NE2  sing N N 85  
GLN NE2 HE21 sing N N 86  
GLN NE2 HE22 sing N N 87  
GLN OXT HXT  sing N N 88  
GLU N   CA   sing N N 89  
GLU N   H    sing N N 90  
GLU N   H2   sing N N 91  
GLU CA  C    sing N N 92  
GLU CA  CB   sing N N 93  
GLU CA  HA   sing N N 94  
GLU C   O    doub N N 95  
GLU C   OXT  sing N N 96  
GLU CB  CG   sing N N 97  
GLU CB  HB2  sing N N 98  
GLU CB  HB3  sing N N 99  
GLU CG  CD   sing N N 100 
GLU CG  HG2  sing N N 101 
GLU CG  HG3  sing N N 102 
GLU CD  OE1  doub N N 103 
GLU CD  OE2  sing N N 104 
GLU OE2 HE2  sing N N 105 
GLU OXT HXT  sing N N 106 
GLY N   CA   sing N N 107 
GLY N   H    sing N N 108 
GLY N   H2   sing N N 109 
GLY CA  C    sing N N 110 
GLY CA  HA2  sing N N 111 
GLY CA  HA3  sing N N 112 
GLY C   O    doub N N 113 
GLY C   OXT  sing N N 114 
GLY OXT HXT  sing N N 115 
HIS N   CA   sing N N 116 
HIS N   H    sing N N 117 
HIS N   H2   sing N N 118 
HIS CA  C    sing N N 119 
HIS CA  CB   sing N N 120 
HIS CA  HA   sing N N 121 
HIS C   O    doub N N 122 
HIS C   OXT  sing N N 123 
HIS CB  CG   sing N N 124 
HIS CB  HB2  sing N N 125 
HIS CB  HB3  sing N N 126 
HIS CG  ND1  sing Y N 127 
HIS CG  CD2  doub Y N 128 
HIS ND1 CE1  doub Y N 129 
HIS ND1 HD1  sing N N 130 
HIS CD2 NE2  sing Y N 131 
HIS CD2 HD2  sing N N 132 
HIS CE1 NE2  sing Y N 133 
HIS CE1 HE1  sing N N 134 
HIS NE2 HE2  sing N N 135 
HIS OXT HXT  sing N N 136 
ILE N   CA   sing N N 137 
ILE N   H    sing N N 138 
ILE N   H2   sing N N 139 
ILE CA  C    sing N N 140 
ILE CA  CB   sing N N 141 
ILE CA  HA   sing N N 142 
ILE C   O    doub N N 143 
ILE C   OXT  sing N N 144 
ILE CB  CG1  sing N N 145 
ILE CB  CG2  sing N N 146 
ILE CB  HB   sing N N 147 
ILE CG1 CD1  sing N N 148 
ILE CG1 HG12 sing N N 149 
ILE CG1 HG13 sing N N 150 
ILE CG2 HG21 sing N N 151 
ILE CG2 HG22 sing N N 152 
ILE CG2 HG23 sing N N 153 
ILE CD1 HD11 sing N N 154 
ILE CD1 HD12 sing N N 155 
ILE CD1 HD13 sing N N 156 
ILE OXT HXT  sing N N 157 
LEU N   CA   sing N N 158 
LEU N   H    sing N N 159 
LEU N   H2   sing N N 160 
LEU CA  C    sing N N 161 
LEU CA  CB   sing N N 162 
LEU CA  HA   sing N N 163 
LEU C   O    doub N N 164 
LEU C   OXT  sing N N 165 
LEU CB  CG   sing N N 166 
LEU CB  HB2  sing N N 167 
LEU CB  HB3  sing N N 168 
LEU CG  CD1  sing N N 169 
LEU CG  CD2  sing N N 170 
LEU CG  HG   sing N N 171 
LEU CD1 HD11 sing N N 172 
LEU CD1 HD12 sing N N 173 
LEU CD1 HD13 sing N N 174 
LEU CD2 HD21 sing N N 175 
LEU CD2 HD22 sing N N 176 
LEU CD2 HD23 sing N N 177 
LEU OXT HXT  sing N N 178 
LYS N   CA   sing N N 179 
LYS N   H    sing N N 180 
LYS N   H2   sing N N 181 
LYS CA  C    sing N N 182 
LYS CA  CB   sing N N 183 
LYS CA  HA   sing N N 184 
LYS C   O    doub N N 185 
LYS C   OXT  sing N N 186 
LYS CB  CG   sing N N 187 
LYS CB  HB2  sing N N 188 
LYS CB  HB3  sing N N 189 
LYS CG  CD   sing N N 190 
LYS CG  HG2  sing N N 191 
LYS CG  HG3  sing N N 192 
LYS CD  CE   sing N N 193 
LYS CD  HD2  sing N N 194 
LYS CD  HD3  sing N N 195 
LYS CE  NZ   sing N N 196 
LYS CE  HE2  sing N N 197 
LYS CE  HE3  sing N N 198 
LYS NZ  HZ1  sing N N 199 
LYS NZ  HZ2  sing N N 200 
LYS NZ  HZ3  sing N N 201 
LYS OXT HXT  sing N N 202 
MSE N   CA   sing N N 203 
MSE N   H    sing N N 204 
MSE N   H2   sing N N 205 
MSE CA  C    sing N N 206 
MSE CA  CB   sing N N 207 
MSE CA  HA   sing N N 208 
MSE C   O    doub N N 209 
MSE C   OXT  sing N N 210 
MSE OXT HXT  sing N N 211 
MSE CB  CG   sing N N 212 
MSE CB  HB2  sing N N 213 
MSE CB  HB3  sing N N 214 
MSE CG  SE   sing N N 215 
MSE CG  HG2  sing N N 216 
MSE CG  HG3  sing N N 217 
MSE SE  CE   sing N N 218 
MSE CE  HE1  sing N N 219 
MSE CE  HE2  sing N N 220 
MSE CE  HE3  sing N N 221 
PHE N   CA   sing N N 222 
PHE N   H    sing N N 223 
PHE N   H2   sing N N 224 
PHE CA  C    sing N N 225 
PHE CA  CB   sing N N 226 
PHE CA  HA   sing N N 227 
PHE C   O    doub N N 228 
PHE C   OXT  sing N N 229 
PHE CB  CG   sing N N 230 
PHE CB  HB2  sing N N 231 
PHE CB  HB3  sing N N 232 
PHE CG  CD1  doub Y N 233 
PHE CG  CD2  sing Y N 234 
PHE CD1 CE1  sing Y N 235 
PHE CD1 HD1  sing N N 236 
PHE CD2 CE2  doub Y N 237 
PHE CD2 HD2  sing N N 238 
PHE CE1 CZ   doub Y N 239 
PHE CE1 HE1  sing N N 240 
PHE CE2 CZ   sing Y N 241 
PHE CE2 HE2  sing N N 242 
PHE CZ  HZ   sing N N 243 
PHE OXT HXT  sing N N 244 
PRO N   CA   sing N N 245 
PRO N   CD   sing N N 246 
PRO N   H    sing N N 247 
PRO CA  C    sing N N 248 
PRO CA  CB   sing N N 249 
PRO CA  HA   sing N N 250 
PRO C   O    doub N N 251 
PRO C   OXT  sing N N 252 
PRO CB  CG   sing N N 253 
PRO CB  HB2  sing N N 254 
PRO CB  HB3  sing N N 255 
PRO CG  CD   sing N N 256 
PRO CG  HG2  sing N N 257 
PRO CG  HG3  sing N N 258 
PRO CD  HD2  sing N N 259 
PRO CD  HD3  sing N N 260 
PRO OXT HXT  sing N N 261 
SER N   CA   sing N N 262 
SER N   H    sing N N 263 
SER N   H2   sing N N 264 
SER CA  C    sing N N 265 
SER CA  CB   sing N N 266 
SER CA  HA   sing N N 267 
SER C   O    doub N N 268 
SER C   OXT  sing N N 269 
SER CB  OG   sing N N 270 
SER CB  HB2  sing N N 271 
SER CB  HB3  sing N N 272 
SER OG  HG   sing N N 273 
SER OXT HXT  sing N N 274 
THR N   CA   sing N N 275 
THR N   H    sing N N 276 
THR N   H2   sing N N 277 
THR CA  C    sing N N 278 
THR CA  CB   sing N N 279 
THR CA  HA   sing N N 280 
THR C   O    doub N N 281 
THR C   OXT  sing N N 282 
THR CB  OG1  sing N N 283 
THR CB  CG2  sing N N 284 
THR CB  HB   sing N N 285 
THR OG1 HG1  sing N N 286 
THR CG2 HG21 sing N N 287 
THR CG2 HG22 sing N N 288 
THR CG2 HG23 sing N N 289 
THR OXT HXT  sing N N 290 
TRP N   CA   sing N N 291 
TRP N   H    sing N N 292 
TRP N   H2   sing N N 293 
TRP CA  C    sing N N 294 
TRP CA  CB   sing N N 295 
TRP CA  HA   sing N N 296 
TRP C   O    doub N N 297 
TRP C   OXT  sing N N 298 
TRP CB  CG   sing N N 299 
TRP CB  HB2  sing N N 300 
TRP CB  HB3  sing N N 301 
TRP CG  CD1  doub Y N 302 
TRP CG  CD2  sing Y N 303 
TRP CD1 NE1  sing Y N 304 
TRP CD1 HD1  sing N N 305 
TRP CD2 CE2  doub Y N 306 
TRP CD2 CE3  sing Y N 307 
TRP NE1 CE2  sing Y N 308 
TRP NE1 HE1  sing N N 309 
TRP CE2 CZ2  sing Y N 310 
TRP CE3 CZ3  doub Y N 311 
TRP CE3 HE3  sing N N 312 
TRP CZ2 CH2  doub Y N 313 
TRP CZ2 HZ2  sing N N 314 
TRP CZ3 CH2  sing Y N 315 
TRP CZ3 HZ3  sing N N 316 
TRP CH2 HH2  sing N N 317 
TRP OXT HXT  sing N N 318 
TYR N   CA   sing N N 319 
TYR N   H    sing N N 320 
TYR N   H2   sing N N 321 
TYR CA  C    sing N N 322 
TYR CA  CB   sing N N 323 
TYR CA  HA   sing N N 324 
TYR C   O    doub N N 325 
TYR C   OXT  sing N N 326 
TYR CB  CG   sing N N 327 
TYR CB  HB2  sing N N 328 
TYR CB  HB3  sing N N 329 
TYR CG  CD1  doub Y N 330 
TYR CG  CD2  sing Y N 331 
TYR CD1 CE1  sing Y N 332 
TYR CD1 HD1  sing N N 333 
TYR CD2 CE2  doub Y N 334 
TYR CD2 HD2  sing N N 335 
TYR CE1 CZ   doub Y N 336 
TYR CE1 HE1  sing N N 337 
TYR CE2 CZ   sing Y N 338 
TYR CE2 HE2  sing N N 339 
TYR CZ  OH   sing N N 340 
TYR OH  HH   sing N N 341 
TYR OXT HXT  sing N N 342 
VAL N   CA   sing N N 343 
VAL N   H    sing N N 344 
VAL N   H2   sing N N 345 
VAL CA  C    sing N N 346 
VAL CA  CB   sing N N 347 
VAL CA  HA   sing N N 348 
VAL C   O    doub N N 349 
VAL C   OXT  sing N N 350 
VAL CB  CG1  sing N N 351 
VAL CB  CG2  sing N N 352 
VAL CB  HB   sing N N 353 
VAL CG1 HG11 sing N N 354 
VAL CG1 HG12 sing N N 355 
VAL CG1 HG13 sing N N 356 
VAL CG2 HG21 sing N N 357 
VAL CG2 HG22 sing N N 358 
VAL CG2 HG23 sing N N 359 
VAL OXT HXT  sing N N 360 
# 
_atom_sites.entry_id                    5YMA 
_atom_sites.fract_transf_matrix[1][1]   -0.00282602 
_atom_sites.fract_transf_matrix[1][2]   0.00679762 
_atom_sites.fract_transf_matrix[1][3]   -0.00902909 
_atom_sites.fract_transf_matrix[2][1]   0.00337651 
_atom_sites.fract_transf_matrix[2][2]   0.01114747 
_atom_sites.fract_transf_matrix[2][3]   -0.00017955 
_atom_sites.fract_transf_matrix[3][1]   0.00938161 
_atom_sites.fract_transf_matrix[3][2]   -0.00292440 
_atom_sites.fract_transf_matrix[3][3]   -0.00513801 
_atom_sites.fract_transf_vector[1]      0.346176 
_atom_sites.fract_transf_vector[2]      0.470166 
_atom_sites.fract_transf_vector[3]      0.221878 
# 
loop_
_atom_type.symbol 
C  
N  
O  
SE 
# 
loop_
_atom_site.group_PDB 
_atom_site.id 
_atom_site.type_symbol 
_atom_site.label_atom_id 
_atom_site.label_alt_id 
_atom_site.label_comp_id 
_atom_site.label_asym_id 
_atom_site.label_entity_id 
_atom_site.label_seq_id 
_atom_site.pdbx_PDB_ins_code 
_atom_site.Cartn_x 
_atom_site.Cartn_y 
_atom_site.Cartn_z 
_atom_site.occupancy 
_atom_site.B_iso_or_equiv 
_atom_site.pdbx_formal_charge 
_atom_site.auth_seq_id 
_atom_site.auth_comp_id 
_atom_site.auth_asym_id 
_atom_site.auth_atom_id 
_atom_site.pdbx_PDB_model_num 
ATOM   1    N  N   . GLU A 1 47  ? -22.891 0.097   -15.238 1.00 24.28  ? 47  GLU A N   1 
ATOM   2    C  CA  . GLU A 1 47  ? -23.535 -0.821  -14.287 1.00 28.57  ? 47  GLU A CA  1 
ATOM   3    C  C   . GLU A 1 47  ? -22.936 -0.705  -12.872 1.00 24.92  ? 47  GLU A C   1 
ATOM   4    O  O   . GLU A 1 47  ? -21.726 -0.542  -12.734 1.00 25.25  ? 47  GLU A O   1 
ATOM   5    C  CB  . GLU A 1 47  ? -23.411 -2.263  -14.786 1.00 34.01  ? 47  GLU A CB  1 
ATOM   6    C  CG  . GLU A 1 47  ? -24.155 -2.560  -16.093 1.00 47.93  ? 47  GLU A CG  1 
ATOM   7    C  CD  . GLU A 1 47  ? -25.354 -3.497  -15.894 1.00 50.74  ? 47  GLU A CD  1 
ATOM   8    O  OE1 . GLU A 1 47  ? -25.332 -4.294  -14.932 1.00 45.55  ? 47  GLU A OE1 1 
ATOM   9    O  OE2 . GLU A 1 47  ? -26.322 -3.436  -16.689 1.00 54.60  ? 47  GLU A OE2 1 
ATOM   10   N  N   . SER A 1 48  ? -23.767 -0.789  -11.825 1.00 21.54  ? 48  SER A N   1 
ATOM   11   C  CA  . SER A 1 48  ? -23.290 -0.640  -10.451 1.00 20.41  ? 48  SER A CA  1 
ATOM   12   C  C   . SER A 1 48  ? -22.948 -2.009  -9.862  1.00 21.94  ? 48  SER A C   1 
ATOM   13   O  O   . SER A 1 48  ? -23.075 -3.037  -10.530 1.00 25.61  ? 48  SER A O   1 
ATOM   14   C  CB  . SER A 1 48  ? -24.325 0.082   -9.588  1.00 19.70  ? 48  SER A CB  1 
ATOM   15   O  OG  . SER A 1 48  ? -25.407 -0.769  -9.266  1.00 20.22  ? 48  SER A OG  1 
ATOM   16   N  N   . LEU A 1 49  ? -22.490 -2.047  -8.604  1.00 19.27  ? 49  LEU A N   1 
ATOM   17   C  CA  . LEU A 1 49  ? -22.148 -3.347  -8.031  1.00 19.31  ? 49  LEU A CA  1 
ATOM   18   C  C   . LEU A 1 49  ? -23.400 -4.197  -7.846  1.00 21.44  ? 49  LEU A C   1 
ATOM   19   O  O   . LEU A 1 49  ? -23.457 -5.343  -8.310  1.00 19.54  ? 49  LEU A O   1 
ATOM   20   C  CB  . LEU A 1 49  ? -21.404 -3.197  -6.703  1.00 21.09  ? 49  LEU A CB  1 
ATOM   21   C  CG  . LEU A 1 49  ? -21.033 -4.586  -6.155  1.00 20.86  ? 49  LEU A CG  1 
ATOM   22   C  CD1 . LEU A 1 49  ? -19.868 -5.170  -6.923  1.00 15.76  ? 49  LEU A CD1 1 
ATOM   23   C  CD2 . LEU A 1 49  ? -20.762 -4.608  -4.653  1.00 24.15  ? 49  LEU A CD2 1 
ATOM   24   N  N   . GLY A 1 50  ? -24.426 -3.633  -7.192  1.00 21.11  ? 50  GLY A N   1 
ATOM   25   C  CA  . GLY A 1 50  ? -25.662 -4.370  -6.968  1.00 17.23  ? 50  GLY A CA  1 
ATOM   26   C  C   . GLY A 1 50  ? -26.319 -4.841  -8.248  1.00 15.02  ? 50  GLY A C   1 
ATOM   27   O  O   . GLY A 1 50  ? -26.997 -5.871  -8.263  1.00 16.95  ? 50  GLY A O   1 
ATOM   28   N  N   . ALA A 1 51  ? -26.129 -4.108  -9.340  1.00 13.97  ? 51  ALA A N   1 
ATOM   29   C  CA  . ALA A 1 51  ? -26.624 -4.598  -10.619 1.00 13.76  ? 51  ALA A CA  1 
ATOM   30   C  C   . ALA A 1 51  ? -25.845 -5.819  -11.080 1.00 16.29  ? 51  ALA A C   1 
ATOM   31   O  O   . ALA A 1 51  ? -26.438 -6.779  -11.577 1.00 17.61  ? 51  ALA A O   1 
ATOM   32   C  CB  . ALA A 1 51  ? -26.566 -3.499  -11.678 1.00 18.17  ? 51  ALA A CB  1 
ATOM   33   N  N   . ILE A 1 52  ? -24.517 -5.804  -10.934 1.00 18.62  ? 52  ILE A N   1 
ATOM   34   C  CA  . ILE A 1 52  ? -23.729 -6.967  -11.339 1.00 19.25  ? 52  ILE A CA  1 
ATOM   35   C  C   . ILE A 1 52  ? -24.016 -8.139  -10.421 1.00 18.50  ? 52  ILE A C   1 
ATOM   36   O  O   . ILE A 1 52  ? -24.122 -9.288  -10.870 1.00 18.91  ? 52  ILE A O   1 
ATOM   37   C  CB  . ILE A 1 52  ? -22.225 -6.656  -11.359 1.00 18.97  ? 52  ILE A CB  1 
ATOM   38   C  CG1 . ILE A 1 52  ? -21.943 -5.414  -12.191 1.00 22.48  ? 52  ILE A CG1 1 
ATOM   39   C  CG2 . ILE A 1 52  ? -21.482 -7.852  -11.946 1.00 18.97  ? 52  ILE A CG2 1 
ATOM   40   C  CD1 . ILE A 1 52  ? -22.366 -5.566  -13.632 1.00 30.25  ? 52  ILE A CD1 1 
ATOM   41   N  N   . LYS A 1 53  ? -24.122 -7.875  -9.121  1.00 16.76  ? 53  LYS A N   1 
ATOM   42   C  CA  . LYS A 1 53  ? -24.486 -8.941  -8.206  1.00 16.74  ? 53  LYS A CA  1 
ATOM   43   C  C   . LYS A 1 53  ? -25.817 -9.558  -8.612  1.00 19.83  ? 53  LYS A C   1 
ATOM   44   O  O   . LYS A 1 53  ? -25.935 -10.785 -8.688  1.00 26.54  ? 53  LYS A O   1 
ATOM   45   C  CB  . LYS A 1 53  ? -24.504 -8.418  -6.770  1.00 17.94  ? 53  LYS A CB  1 
ATOM   46   C  CG  . LYS A 1 53  ? -23.106 -8.161  -6.233  1.00 17.17  ? 53  LYS A CG  1 
ATOM   47   C  CD  . LYS A 1 53  ? -23.122 -7.383  -4.925  1.00 25.67  ? 53  LYS A CD  1 
ATOM   48   C  CE  . LYS A 1 53  ? -22.523 -8.192  -3.770  1.00 28.13  ? 53  LYS A CE  1 
ATOM   49   N  NZ  . LYS A 1 53  ? -22.658 -7.490  -2.459  1.00 24.85  ? 53  LYS A NZ  1 
ATOM   50   N  N   . LYS A 1 54  ? -26.809 -8.733  -8.961  1.00 16.81  ? 54  LYS A N   1 
ATOM   51   C  CA  . LYS A 1 54  ? -28.108 -9.289  -9.338  1.00 16.95  ? 54  LYS A CA  1 
ATOM   52   C  C   . LYS A 1 54  ? -28.027 -10.097 -10.642 1.00 17.61  ? 54  LYS A C   1 
ATOM   53   O  O   . LYS A 1 54  ? -28.581 -11.198 -10.718 1.00 16.33  ? 54  LYS A O   1 
ATOM   54   C  CB  . LYS A 1 54  ? -29.157 -8.173  -9.420  1.00 13.20  ? 54  LYS A CB  1 
ATOM   55   C  CG  . LYS A 1 54  ? -29.586 -7.610  -8.050  1.00 13.78  ? 54  LYS A CG  1 
ATOM   56   C  CD  . LYS A 1 54  ? -30.706 -6.564  -8.152  1.00 8.92   ? 54  LYS A CD  1 
ATOM   57   C  CE  . LYS A 1 54  ? -30.228 -5.138  -7.924  1.00 7.56   ? 54  LYS A CE  1 
ATOM   58   N  NZ  . LYS A 1 54  ? -30.675 -4.204  -9.012  1.00 9.19   ? 54  LYS A NZ  1 
ATOM   59   N  N   . ARG A 1 55  ? -27.320 -9.593  -11.669 1.00 19.09  ? 55  ARG A N   1 
ATOM   60   C  CA  . ARG A 1 55  ? -27.175 -10.358 -12.913 1.00 16.18  ? 55  ARG A CA  1 
ATOM   61   C  C   . ARG A 1 55  ? -26.522 -11.704 -12.663 1.00 18.64  ? 55  ARG A C   1 
ATOM   62   O  O   . ARG A 1 55  ? -26.832 -12.682 -13.347 1.00 20.50  ? 55  ARG A O   1 
ATOM   63   C  CB  . ARG A 1 55  ? -26.342 -9.600  -13.948 1.00 14.11  ? 55  ARG A CB  1 
ATOM   64   C  CG  . ARG A 1 55  ? -26.826 -8.233  -14.265 1.00 13.89  ? 55  ARG A CG  1 
ATOM   65   C  CD  . ARG A 1 55  ? -26.035 -7.645  -15.382 1.00 17.40  ? 55  ARG A CD  1 
ATOM   66   N  NE  . ARG A 1 55  ? -26.811 -6.662  -16.132 1.00 24.55  ? 55  ARG A NE  1 
ATOM   67   C  CZ  . ARG A 1 55  ? -27.551 -6.965  -17.197 1.00 28.33  ? 55  ARG A CZ  1 
ATOM   68   N  NH1 . ARG A 1 55  ? -27.612 -8.229  -17.621 1.00 34.41  ? 55  ARG A NH1 1 
ATOM   69   N  NH2 . ARG A 1 55  ? -28.228 -6.017  -17.840 1.00 22.58  ? 55  ARG A NH2 1 
ATOM   70   N  N   . ALA A 1 56  ? -25.612 -11.772 -11.702 1.00 19.53  ? 56  ALA A N   1 
ATOM   71   C  CA  . ALA A 1 56  ? -24.919 -13.023 -11.441 1.00 22.13  ? 56  ALA A CA  1 
ATOM   72   C  C   . ALA A 1 56  ? -25.787 -13.977 -10.629 1.00 22.31  ? 56  ALA A C   1 
ATOM   73   O  O   . ALA A 1 56  ? -25.968 -15.134 -11.015 1.00 25.73  ? 56  ALA A O   1 
ATOM   74   C  CB  . ALA A 1 56  ? -23.598 -12.745 -10.731 1.00 26.49  ? 56  ALA A CB  1 
ATOM   75   N  N   . ARG A 1 57  ? -26.340 -13.510 -9.506  1.00 21.19  ? 57  ARG A N   1 
ATOM   76   C  CA  . ARG A 1 57  ? -27.254 -14.355 -8.743  1.00 24.41  ? 57  ARG A CA  1 
ATOM   77   C  C   . ARG A 1 57  ? -28.426 -14.818 -9.592  1.00 23.12  ? 57  ARG A C   1 
ATOM   78   O  O   . ARG A 1 57  ? -29.020 -15.860 -9.300  1.00 27.08  ? 57  ARG A O   1 
ATOM   79   C  CB  . ARG A 1 57  ? -27.752 -13.621 -7.488  1.00 26.82  ? 57  ARG A CB  1 
ATOM   80   C  CG  . ARG A 1 57  ? -26.700 -13.517 -6.372  1.00 32.53  ? 57  ARG A CG  1 
ATOM   81   C  CD  . ARG A 1 57  ? -26.745 -12.176 -5.642  1.00 38.13  ? 57  ARG A CD  1 
ATOM   82   N  NE  . ARG A 1 57  ? -28.093 -11.848 -5.163  1.00 58.28  ? 57  ARG A NE  1 
ATOM   83   C  CZ  . ARG A 1 57  ? -28.468 -10.654 -4.693  1.00 61.73  ? 57  ARG A CZ  1 
ATOM   84   N  NH1 . ARG A 1 57  ? -27.601 -9.640  -4.628  1.00 50.35  ? 57  ARG A NH1 1 
ATOM   85   N  NH2 . ARG A 1 57  ? -29.724 -10.471 -4.293  1.00 54.22  ? 57  ARG A NH2 1 
ATOM   86   N  N   . ALA A 1 58  ? -28.751 -14.079 -10.651 1.00 23.57  ? 58  ALA A N   1 
ATOM   87   C  CA  . ALA A 1 58  ? -29.809 -14.460 -11.572 1.00 16.95  ? 58  ALA A CA  1 
ATOM   88   C  C   . ALA A 1 58  ? -29.334 -15.476 -12.596 1.00 18.62  ? 58  ALA A C   1 
ATOM   89   O  O   . ALA A 1 58  ? -30.058 -16.427 -12.883 1.00 24.28  ? 58  ALA A O   1 
ATOM   90   C  CB  . ALA A 1 58  ? -30.362 -13.223 -12.282 1.00 16.12  ? 58  ALA A CB  1 
ATOM   91   N  N   . ILE A 1 59  ? -28.135 -15.299 -13.159 1.00 21.08  ? 59  ILE A N   1 
ATOM   92   C  CA  . ILE A 1 59  ? -27.627 -16.262 -14.136 1.00 22.08  ? 59  ILE A CA  1 
ATOM   93   C  C   . ILE A 1 59  ? -27.407 -17.624 -13.495 1.00 25.32  ? 59  ILE A C   1 
ATOM   94   O  O   . ILE A 1 59  ? -27.536 -18.662 -14.157 1.00 26.61  ? 59  ILE A O   1 
ATOM   95   C  CB  . ILE A 1 59  ? -26.341 -15.745 -14.794 1.00 19.52  ? 59  ILE A CB  1 
ATOM   96   C  CG1 . ILE A 1 59  ? -26.684 -14.688 -15.842 1.00 28.88  ? 59  ILE A CG1 1 
ATOM   97   C  CG2 . ILE A 1 59  ? -25.613 -16.877 -15.446 1.00 18.81  ? 59  ILE A CG2 1 
ATOM   98   C  CD1 . ILE A 1 59  ? -25.487 -13.918 -16.357 1.00 29.90  ? 59  ILE A CD1 1 
ATOM   99   N  N   . GLU A 1 60  ? -27.094 -17.654 -12.200 1.00 27.34  ? 60  GLU A N   1 
ATOM   100  C  CA  . GLU A 1 60  ? -26.958 -18.939 -11.530 1.00 28.59  ? 60  GLU A CA  1 
ATOM   101  C  C   . GLU A 1 60  ? -28.323 -19.555 -11.221 1.00 33.67  ? 60  GLU A C   1 
ATOM   102  O  O   . GLU A 1 60  ? -28.582 -20.700 -11.610 1.00 41.23  ? 60  GLU A O   1 
ATOM   103  C  CB  . GLU A 1 60  ? -26.087 -18.801 -10.271 1.00 32.96  ? 60  GLU A CB  1 
ATOM   104  C  CG  . GLU A 1 60  ? -26.619 -17.914 -9.154  1.00 43.76  ? 60  GLU A CG  1 
ATOM   105  C  CD  . GLU A 1 60  ? -25.627 -17.757 -7.988  1.00 57.28  ? 60  GLU A CD  1 
ATOM   106  O  OE1 . GLU A 1 60  ? -24.394 -17.855 -8.228  1.00 51.88  ? 60  GLU A OE1 1 
ATOM   107  O  OE2 . GLU A 1 60  ? -26.087 -17.533 -6.835  1.00 58.87  ? 60  GLU A OE2 1 
ATOM   108  N  N   . ARG A 1 61  ? -29.229 -18.803 -10.567 1.00 32.65  ? 61  ARG A N   1 
ATOM   109  C  CA  . ARG A 1 61  ? -30.597 -19.283 -10.350 1.00 25.78  ? 61  ARG A CA  1 
ATOM   110  C  C   . ARG A 1 61  ? -31.231 -19.763 -11.648 1.00 28.97  ? 61  ARG A C   1 
ATOM   111  O  O   . ARG A 1 61  ? -32.164 -20.567 -11.615 1.00 38.46  ? 61  ARG A O   1 
ATOM   112  C  CB  . ARG A 1 61  ? -31.453 -18.185 -9.689  1.00 19.35  ? 61  ARG A CB  1 
ATOM   113  C  CG  . ARG A 1 61  ? -32.908 -18.576 -9.388  1.00 29.70  ? 61  ARG A CG  1 
ATOM   114  C  CD  . ARG A 1 61  ? -33.024 -19.977 -8.721  1.00 53.19  ? 61  ARG A CD  1 
ATOM   115  N  NE  . ARG A 1 61  ? -34.403 -20.489 -8.562  1.00 59.81  ? 61  ARG A NE  1 
ATOM   116  C  CZ  . ARG A 1 61  ? -34.828 -21.697 -8.958  1.00 56.62  ? 61  ARG A CZ  1 
ATOM   117  N  NH1 . ARG A 1 61  ? -33.996 -22.558 -9.544  1.00 48.59  ? 61  ARG A NH1 1 
ATOM   118  N  NH2 . ARG A 1 61  ? -36.093 -22.056 -8.756  1.00 55.58  ? 61  ARG A NH2 1 
ATOM   119  N  N   . LEU A 1 62  ? -30.701 -19.337 -12.792 1.00 27.10  ? 62  LEU A N   1 
ATOM   120  C  CA  . LEU A 1 62  ? -31.229 -19.735 -14.087 1.00 27.30  ? 62  LEU A CA  1 
ATOM   121  C  C   . LEU A 1 62  ? -30.675 -21.079 -14.538 1.00 37.37  ? 62  LEU A C   1 
ATOM   122  O  O   . LEU A 1 62  ? -31.413 -21.902 -15.087 1.00 51.30  ? 62  LEU A O   1 
ATOM   123  C  CB  . LEU A 1 62  ? -30.907 -18.658 -15.113 1.00 26.02  ? 62  LEU A CB  1 
ATOM   124  C  CG  . LEU A 1 62  ? -31.372 -18.894 -16.537 1.00 25.66  ? 62  LEU A CG  1 
ATOM   125  C  CD1 . LEU A 1 62  ? -32.827 -19.271 -16.506 1.00 38.87  ? 62  LEU A CD1 1 
ATOM   126  C  CD2 . LEU A 1 62  ? -31.176 -17.627 -17.329 1.00 19.70  ? 62  LEU A CD2 1 
ATOM   127  N  N   . LEU A 1 63  ? -29.381 -21.322 -14.335 1.00 38.35  ? 63  LEU A N   1 
ATOM   128  C  CA  . LEU A 1 63  ? -28.829 -22.635 -14.654 1.00 40.20  ? 63  LEU A CA  1 
ATOM   129  C  C   . LEU A 1 63  ? -29.429 -23.711 -13.761 1.00 45.77  ? 63  LEU A C   1 
ATOM   130  O  O   . LEU A 1 63  ? -29.726 -24.821 -14.223 1.00 52.59  ? 63  LEU A O   1 
ATOM   131  C  CB  . LEU A 1 63  ? -27.312 -22.599 -14.519 1.00 35.68  ? 63  LEU A CB  1 
ATOM   132  C  CG  . LEU A 1 63  ? -26.730 -21.791 -15.670 1.00 37.98  ? 63  LEU A CG  1 
ATOM   133  C  CD1 . LEU A 1 63  ? -25.310 -21.329 -15.391 1.00 40.38  ? 63  LEU A CD1 1 
ATOM   134  C  CD2 . LEU A 1 63  ? -26.795 -22.643 -16.920 1.00 45.25  ? 63  LEU A CD2 1 
ATOM   135  N  N   . ALA A 1 64  ? -29.635 -23.383 -12.479 1.00 43.76  ? 64  ALA A N   1 
ATOM   136  C  CA  . ALA A 1 64  ? -30.263 -24.281 -11.517 1.00 46.93  ? 64  ALA A CA  1 
ATOM   137  C  C   . ALA A 1 64  ? -31.754 -24.480 -11.761 1.00 61.71  ? 64  ALA A C   1 
ATOM   138  O  O   . ALA A 1 64  ? -32.338 -25.403 -11.178 1.00 61.87  ? 64  ALA A O   1 
ATOM   139  C  CB  . ALA A 1 64  ? -30.065 -23.748 -10.102 1.00 39.25  ? 64  ALA A CB  1 
ATOM   140  N  N   . ARG A 1 65  ? -32.393 -23.625 -12.566 1.00 70.33  ? 65  ARG A N   1 
ATOM   141  C  CA  . ARG A 1 65  ? -33.808 -23.804 -12.883 1.00 65.55  ? 65  ARG A CA  1 
ATOM   142  C  C   . ARG A 1 65  ? -33.935 -24.965 -13.861 1.00 70.84  ? 65  ARG A C   1 
ATOM   143  O  O   . ARG A 1 65  ? -33.464 -24.888 -15.004 1.00 57.63  ? 65  ARG A O   1 
ATOM   144  C  CB  . ARG A 1 65  ? -34.430 -22.523 -13.439 1.00 49.43  ? 65  ARG A CB  1 
ATOM   145  C  CG  . ARG A 1 65  ? -35.959 -22.575 -13.420 1.00 62.97  ? 65  ARG A CG  1 
ATOM   146  C  CD  . ARG A 1 65  ? -36.619 -21.208 -13.553 1.00 56.76  ? 65  ARG A CD  1 
ATOM   147  N  NE  . ARG A 1 65  ? -37.042 -20.649 -12.270 1.00 55.33  ? 65  ARG A NE  1 
ATOM   148  C  CZ  . ARG A 1 65  ? -36.461 -19.602 -11.693 1.00 42.01  ? 65  ARG A CZ  1 
ATOM   149  N  NH1 . ARG A 1 65  ? -35.442 -19.010 -12.296 1.00 32.82  ? 65  ARG A NH1 1 
ATOM   150  N  NH2 . ARG A 1 65  ? -36.899 -19.145 -10.523 1.00 34.64  ? 65  ARG A NH2 1 
ATOM   151  N  N   . ASP A 1 66  ? -34.563 -26.051 -13.392 1.00 83.27  ? 66  ASP A N   1 
ATOM   152  C  CA  . ASP A 1 66  ? -34.589 -27.316 -14.118 1.00 77.29  ? 66  ASP A CA  1 
ATOM   153  C  C   . ASP A 1 66  ? -35.588 -27.292 -15.269 1.00 79.23  ? 66  ASP A C   1 
ATOM   154  O  O   . ASP A 1 66  ? -35.239 -27.667 -16.396 1.00 74.86  ? 66  ASP A O   1 
ATOM   155  C  CB  . ASP A 1 66  ? -34.910 -28.457 -13.151 1.00 78.50  ? 66  ASP A CB  1 
ATOM   156  C  CG  . ASP A 1 66  ? -33.746 -28.794 -12.234 1.00 84.94  ? 66  ASP A CG  1 
ATOM   157  O  OD1 . ASP A 1 66  ? -32.697 -28.113 -12.310 1.00 88.24  ? 66  ASP A OD1 1 
ATOM   158  O  OD2 . ASP A 1 66  ? -33.882 -29.739 -11.429 1.00 71.51  ? 66  ASP A OD2 1 
ATOM   159  N  N   . ASN A 1 67  ? -36.829 -26.846 -14.998 1.00 87.77  ? 67  ASN A N   1 
ATOM   160  C  CA  . ASN A 1 67  ? -37.964 -26.848 -15.930 1.00 78.27  ? 67  ASN A CA  1 
ATOM   161  C  C   . ASN A 1 67  ? -37.547 -26.534 -17.372 1.00 69.12  ? 67  ASN A C   1 
ATOM   162  O  O   . ASN A 1 67  ? -37.650 -27.386 -18.265 1.00 58.28  ? 67  ASN A O   1 
ATOM   163  C  CB  . ASN A 1 67  ? -39.057 -25.841 -15.481 1.00 79.45  ? 67  ASN A CB  1 
ATOM   164  C  CG  . ASN A 1 67  ? -39.016 -25.494 -13.961 1.00 87.15  ? 67  ASN A CG  1 
ATOM   165  O  OD1 . ASN A 1 67  ? -38.275 -26.094 -13.170 1.00 89.44  ? 67  ASN A OD1 1 
ATOM   166  N  ND2 . ASN A 1 67  ? -39.837 -24.516 -13.566 1.00 65.82  ? 67  ASN A ND2 1 
ATOM   167  N  N   . LEU A 1 68  ? -37.067 -25.316 -17.601 1.00 75.97  ? 68  LEU A N   1 
ATOM   168  C  CA  . LEU A 1 68  ? -36.576 -24.905 -18.911 1.00 71.46  ? 68  LEU A CA  1 
ATOM   169  C  C   . LEU A 1 68  ? -35.485 -25.837 -19.404 1.00 71.85  ? 68  LEU A C   1 
ATOM   170  O  O   . LEU A 1 68  ? -34.464 -26.044 -18.734 1.00 72.53  ? 68  LEU A O   1 
ATOM   171  C  CB  . LEU A 1 68  ? -36.046 -23.476 -18.827 1.00 68.11  ? 68  LEU A CB  1 
ATOM   172  C  CG  . LEU A 1 68  ? -37.036 -22.654 -18.011 1.00 58.14  ? 68  LEU A CG  1 
ATOM   173  C  CD1 . LEU A 1 68  ? -36.351 -21.819 -16.930 1.00 49.50  ? 68  LEU A CD1 1 
ATOM   174  C  CD2 . LEU A 1 68  ? -37.827 -21.811 -18.960 1.00 40.76  ? 68  LEU A CD2 1 
ATOM   175  N  N   . LYS A 1 69  ? -35.705 -26.395 -20.580 1.00 64.05  ? 69  LYS A N   1 
ATOM   176  C  CA  . LYS A 1 69  ? -34.694 -27.215 -21.229 1.00 68.59  ? 69  LYS A CA  1 
ATOM   177  C  C   . LYS A 1 69  ? -33.778 -26.251 -21.971 1.00 59.25  ? 69  LYS A C   1 
ATOM   178  O  O   . LYS A 1 69  ? -34.141 -25.719 -23.021 1.00 58.72  ? 69  LYS A O   1 
ATOM   179  C  CB  . LYS A 1 69  ? -35.360 -28.241 -22.138 1.00 74.50  ? 69  LYS A CB  1 
ATOM   180  C  CG  . LYS A 1 69  ? -36.555 -28.926 -21.464 1.00 71.18  ? 69  LYS A CG  1 
ATOM   181  C  CD  . LYS A 1 69  ? -36.788 -30.325 -22.013 1.00 67.47  ? 69  LYS A CD  1 
ATOM   182  C  CE  . LYS A 1 69  ? -37.540 -31.194 -21.013 1.00 65.02  ? 69  LYS A CE  1 
ATOM   183  N  NZ  . LYS A 1 69  ? -37.256 -32.644 -21.236 1.00 73.06  ? 69  LYS A NZ  1 
ATOM   184  N  N   . LEU A 1 70  ? -32.549 -25.968 -21.371 1.00 55.38  ? 70  LEU A N   1 
ATOM   185  C  CA  . LEU A 1 70  ? -31.760 -25.004 -22.132 1.00 59.63  ? 70  LEU A CA  1 
ATOM   186  C  C   . LEU A 1 70  ? -30.657 -25.710 -22.913 1.00 54.43  ? 70  LEU A C   1 
ATOM   187  O  O   . LEU A 1 70  ? -30.060 -26.669 -22.406 1.00 51.73  ? 70  LEU A O   1 
ATOM   188  C  CB  . LEU A 1 70  ? -31.139 -23.951 -21.210 1.00 60.60  ? 70  LEU A CB  1 
ATOM   189  C  CG  . LEU A 1 70  ? -32.134 -23.053 -20.471 1.00 56.74  ? 70  LEU A CG  1 
ATOM   190  C  CD1 . LEU A 1 70  ? -31.412 -22.154 -19.483 1.00 51.05  ? 70  LEU A CD1 1 
ATOM   191  C  CD2 . LEU A 1 70  ? -32.958 -22.239 -21.454 1.00 45.83  ? 70  LEU A CD2 1 
ATOM   192  N  N   . PRO A 1 71  ? -30.360 -25.223 -24.147 1.00 55.11  ? 71  PRO A N   1 
ATOM   193  C  CA  . PRO A 1 71  ? -29.481 -25.968 -25.068 1.00 59.21  ? 71  PRO A CA  1 
ATOM   194  C  C   . PRO A 1 71  ? -28.108 -26.342 -24.527 1.00 60.46  ? 71  PRO A C   1 
ATOM   195  O  O   . PRO A 1 71  ? -27.741 -26.042 -23.385 1.00 60.08  ? 71  PRO A O   1 
ATOM   196  C  CB  . PRO A 1 71  ? -29.326 -25.010 -26.263 1.00 54.22  ? 71  PRO A CB  1 
ATOM   197  C  CG  . PRO A 1 71  ? -30.509 -24.132 -26.217 1.00 47.56  ? 71  PRO A CG  1 
ATOM   198  C  CD  . PRO A 1 71  ? -30.870 -23.981 -24.757 1.00 58.18  ? 71  PRO A CD  1 
ATOM   199  N  N   . ALA A 1 72  ? -27.339 -27.027 -25.371 1.00 65.96  ? 72  ALA A N   1 
ATOM   200  C  CA  . ALA A 1 72  ? -25.917 -27.192 -25.104 1.00 73.66  ? 72  ALA A CA  1 
ATOM   201  C  C   . ALA A 1 72  ? -25.237 -25.833 -25.014 1.00 69.09  ? 72  ALA A C   1 
ATOM   202  O  O   . ALA A 1 72  ? -24.667 -25.471 -23.976 1.00 61.99  ? 72  ALA A O   1 
ATOM   203  C  CB  . ALA A 1 72  ? -25.271 -28.052 -26.196 1.00 71.38  ? 72  ALA A CB  1 
ATOM   204  N  N   . ASN A 1 73  ? -25.320 -25.056 -26.101 1.00 68.77  ? 73  ASN A N   1 
ATOM   205  C  CA  . ASN A 1 73  ? -24.626 -23.773 -26.186 1.00 69.90  ? 73  ASN A CA  1 
ATOM   206  C  C   . ASN A 1 73  ? -25.039 -22.839 -25.060 1.00 70.04  ? 73  ASN A C   1 
ATOM   207  O  O   . ASN A 1 73  ? -24.208 -22.420 -24.244 1.00 66.11  ? 73  ASN A O   1 
ATOM   208  C  CB  . ASN A 1 73  ? -24.899 -23.117 -27.540 1.00 70.66  ? 73  ASN A CB  1 
ATOM   209  C  CG  . ASN A 1 73  ? -23.880 -23.508 -28.585 1.00 74.68  ? 73  ASN A CG  1 
ATOM   210  O  OD1 . ASN A 1 73  ? -23.048 -24.391 -28.350 1.00 62.33  ? 73  ASN A OD1 1 
ATOM   211  N  ND2 . ASN A 1 73  ? -23.937 -22.857 -29.751 1.00 67.06  ? 73  ASN A ND2 1 
ATOM   212  N  N   . LYS A 1 74  ? -26.318 -22.502 -25.004 1.00 66.68  ? 74  LYS A N   1 
ATOM   213  C  CA  . LYS A 1 74  ? -26.707 -21.475 -24.058 1.00 63.18  ? 74  LYS A CA  1 
ATOM   214  C  C   . LYS A 1 74  ? -26.548 -21.890 -22.601 1.00 61.87  ? 74  LYS A C   1 
ATOM   215  O  O   . LYS A 1 74  ? -26.947 -21.100 -21.763 1.00 62.95  ? 74  LYS A O   1 
ATOM   216  C  CB  . LYS A 1 74  ? -28.134 -21.028 -24.351 1.00 50.86  ? 74  LYS A CB  1 
ATOM   217  C  CG  . LYS A 1 74  ? -28.216 -20.398 -25.721 1.00 57.80  ? 74  LYS A CG  1 
ATOM   218  C  CD  . LYS A 1 74  ? -29.349 -19.410 -25.830 1.00 63.35  ? 74  LYS A CD  1 
ATOM   219  C  CE  . LYS A 1 74  ? -29.332 -18.408 -24.702 1.00 48.83  ? 74  LYS A CE  1 
ATOM   220  N  NZ  . LYS A 1 74  ? -29.419 -17.036 -25.256 1.00 46.84  ? 74  LYS A NZ  1 
ATOM   221  N  N   . GLN A 1 75  ? -25.997 -23.036 -22.200 1.00 62.32  ? 75  GLN A N   1 
ATOM   222  C  CA  . GLN A 1 75  ? -25.486 -23.170 -20.843 1.00 62.43  ? 75  GLN A CA  1 
ATOM   223  C  C   . GLN A 1 75  ? -23.984 -22.952 -20.764 1.00 68.77  ? 75  GLN A C   1 
ATOM   224  O  O   . GLN A 1 75  ? -23.471 -22.627 -19.688 1.00 62.16  ? 75  GLN A O   1 
ATOM   225  C  CB  . GLN A 1 75  ? -25.844 -24.539 -20.260 1.00 60.89  ? 75  GLN A CB  1 
ATOM   226  C  CG  . GLN A 1 75  ? -27.298 -24.589 -19.851 1.00 64.58  ? 75  GLN A CG  1 
ATOM   227  C  CD  . GLN A 1 75  ? -27.716 -25.926 -19.327 1.00 67.55  ? 75  GLN A CD  1 
ATOM   228  O  OE1 . GLN A 1 75  ? -27.008 -26.916 -19.501 1.00 74.52  ? 75  GLN A OE1 1 
ATOM   229  N  NE2 . GLN A 1 75  ? -28.880 -25.970 -18.680 1.00 69.64  ? 75  GLN A NE2 1 
ATOM   230  N  N   . LYS A 1 76  ? -23.270 -23.125 -21.880 1.00 68.80  ? 76  LYS A N   1 
ATOM   231  C  CA  . LYS A 1 76  ? -21.897 -22.644 -21.964 1.00 64.01  ? 76  LYS A CA  1 
ATOM   232  C  C   . LYS A 1 76  ? -21.854 -21.142 -21.723 1.00 63.87  ? 76  LYS A C   1 
ATOM   233  O  O   . LYS A 1 76  ? -21.257 -20.677 -20.745 1.00 63.97  ? 76  LYS A O   1 
ATOM   234  C  CB  . LYS A 1 76  ? -21.293 -23.003 -23.326 1.00 54.03  ? 76  LYS A CB  1 
ATOM   235  C  CG  . LYS A 1 76  ? -21.028 -24.486 -23.494 1.00 65.01  ? 76  LYS A CG  1 
ATOM   236  C  CD  . LYS A 1 76  ? -21.022 -24.886 -24.957 1.00 74.56  ? 76  LYS A CD  1 
ATOM   237  C  CE  . LYS A 1 76  ? -21.249 -26.389 -25.119 1.00 69.57  ? 76  LYS A CE  1 
ATOM   238  N  NZ  . LYS A 1 76  ? -21.920 -26.739 -26.415 1.00 62.42  ? 76  LYS A NZ  1 
ATOM   239  N  N   . GLU A 1 77  ? -22.529 -20.371 -22.590 1.00 54.65  ? 77  GLU A N   1 
ATOM   240  C  CA  . GLU A 1 77  ? -22.556 -18.917 -22.456 1.00 46.61  ? 77  GLU A CA  1 
ATOM   241  C  C   . GLU A 1 77  ? -23.019 -18.487 -21.068 1.00 45.44  ? 77  GLU A C   1 
ATOM   242  O  O   . GLU A 1 77  ? -22.446 -17.571 -20.468 1.00 43.19  ? 77  GLU A O   1 
ATOM   243  C  CB  . GLU A 1 77  ? -23.466 -18.315 -23.522 1.00 49.35  ? 77  GLU A CB  1 
ATOM   244  C  CG  . GLU A 1 77  ? -23.264 -18.893 -24.906 1.00 65.09  ? 77  GLU A CG  1 
ATOM   245  C  CD  . GLU A 1 77  ? -24.371 -18.499 -25.875 1.00 81.66  ? 77  GLU A CD  1 
ATOM   246  O  OE1 . GLU A 1 77  ? -25.430 -18.010 -25.418 1.00 71.91  ? 77  GLU A OE1 1 
ATOM   247  O  OE2 . GLU A 1 77  ? -24.178 -18.682 -27.096 1.00 95.37  ? 77  GLU A OE2 1 
ATOM   248  N  N   . LEU A 1 78  ? -24.048 -19.145 -20.533 1.00 52.02  ? 78  LEU A N   1 
ATOM   249  C  CA  . LEU A 1 78  ? -24.531 -18.794 -19.200 1.00 52.21  ? 78  LEU A CA  1 
ATOM   250  C  C   . LEU A 1 78  ? -23.466 -18.987 -18.126 1.00 47.72  ? 78  LEU A C   1 
ATOM   251  O  O   . LEU A 1 78  ? -23.570 -18.394 -17.047 1.00 43.91  ? 78  LEU A O   1 
ATOM   252  C  CB  . LEU A 1 78  ? -25.784 -19.609 -18.845 1.00 55.99  ? 78  LEU A CB  1 
ATOM   253  C  CG  . LEU A 1 78  ? -27.171 -19.044 -19.197 1.00 41.17  ? 78  LEU A CG  1 
ATOM   254  C  CD1 . LEU A 1 78  ? -28.298 -19.831 -18.510 1.00 40.55  ? 78  LEU A CD1 1 
ATOM   255  C  CD2 . LEU A 1 78  ? -27.273 -17.572 -18.845 1.00 32.56  ? 78  LEU A CD2 1 
ATOM   256  N  N   . GLU A 1 79  ? -22.446 -19.799 -18.384 1.00 50.02  ? 79  GLU A N   1 
ATOM   257  C  CA  . GLU A 1 79  ? -21.362 -19.924 -17.420 1.00 51.87  ? 79  GLU A CA  1 
ATOM   258  C  C   . GLU A 1 79  ? -20.181 -19.012 -17.721 1.00 46.40  ? 79  GLU A C   1 
ATOM   259  O  O   . GLU A 1 79  ? -19.546 -18.523 -16.780 1.00 39.61  ? 79  GLU A O   1 
ATOM   260  C  CB  . GLU A 1 79  ? -20.913 -21.379 -17.344 1.00 59.53  ? 79  GLU A CB  1 
ATOM   261  C  CG  . GLU A 1 79  ? -22.081 -22.264 -16.976 1.00 60.18  ? 79  GLU A CG  1 
ATOM   262  C  CD  . GLU A 1 79  ? -21.694 -23.693 -16.705 1.00 67.10  ? 79  GLU A CD  1 
ATOM   263  O  OE1 . GLU A 1 79  ? -20.548 -24.077 -17.030 1.00 67.39  ? 79  GLU A OE1 1 
ATOM   264  O  OE2 . GLU A 1 79  ? -22.547 -24.427 -16.157 1.00 55.50  ? 79  GLU A OE2 1 
ATOM   265  N  N   . ARG A 1 80  ? -19.884 -18.764 -19.001 1.00 41.50  ? 80  ARG A N   1 
ATOM   266  C  CA  . ARG A 1 80  ? -19.005 -17.661 -19.368 1.00 36.14  ? 80  ARG A CA  1 
ATOM   267  C  C   . ARG A 1 80  ? -19.468 -16.365 -18.708 1.00 42.42  ? 80  ARG A C   1 
ATOM   268  O  O   . ARG A 1 80  ? -18.726 -15.728 -17.948 1.00 41.45  ? 80  ARG A O   1 
ATOM   269  C  CB  . ARG A 1 80  ? -18.965 -17.509 -20.888 1.00 34.06  ? 80  ARG A CB  1 
ATOM   270  C  CG  . ARG A 1 80  ? -18.291 -18.656 -21.624 1.00 45.91  ? 80  ARG A CG  1 
ATOM   271  C  CD  . ARG A 1 80  ? -18.230 -18.385 -23.132 1.00 56.77  ? 80  ARG A CD  1 
ATOM   272  N  NE  . ARG A 1 80  ? -18.945 -19.408 -23.896 1.00 64.71  ? 80  ARG A NE  1 
ATOM   273  C  CZ  . ARG A 1 80  ? -18.372 -20.486 -24.424 1.00 70.54  ? 80  ARG A CZ  1 
ATOM   274  N  NH1 . ARG A 1 80  ? -17.070 -20.678 -24.283 1.00 71.68  ? 80  ARG A NH1 1 
ATOM   275  N  NH2 . ARG A 1 80  ? -19.100 -21.374 -25.096 1.00 71.26  ? 80  ARG A NH2 1 
ATOM   276  N  N   . GLU A 1 81  ? -20.716 -15.974 -18.975 1.00 43.76  ? 81  GLU A N   1 
ATOM   277  C  CA  . GLU A 1 81  ? -21.265 -14.764 -18.374 1.00 35.53  ? 81  GLU A CA  1 
ATOM   278  C  C   . GLU A 1 81  ? -21.212 -14.814 -16.854 1.00 30.18  ? 81  GLU A C   1 
ATOM   279  O  O   . GLU A 1 81  ? -20.896 -13.813 -16.212 1.00 30.82  ? 81  GLU A O   1 
ATOM   280  C  CB  . GLU A 1 81  ? -22.702 -14.551 -18.831 1.00 43.61  ? 81  GLU A CB  1 
ATOM   281  C  CG  . GLU A 1 81  ? -22.868 -13.498 -19.914 1.00 54.05  ? 81  GLU A CG  1 
ATOM   282  C  CD  . GLU A 1 81  ? -24.196 -12.750 -19.791 1.00 63.47  ? 81  GLU A CD  1 
ATOM   283  O  OE1 . GLU A 1 81  ? -24.459 -12.173 -18.706 1.00 58.93  ? 81  GLU A OE1 1 
ATOM   284  O  OE2 . GLU A 1 81  ? -24.980 -12.750 -20.772 1.00 66.30  ? 81  GLU A OE2 1 
ATOM   285  N  N   . LEU A 1 82  ? -21.527 -15.964 -16.256 1.00 31.90  ? 82  LEU A N   1 
ATOM   286  C  CA  . LEU A 1 82  ? -21.531 -16.017 -14.798 1.00 31.09  ? 82  LEU A CA  1 
ATOM   287  C  C   . LEU A 1 82  ? -20.148 -15.755 -14.231 1.00 33.89  ? 82  LEU A C   1 
ATOM   288  O  O   . LEU A 1 82  ? -20.027 -15.343 -13.073 1.00 34.37  ? 82  LEU A O   1 
ATOM   289  C  CB  . LEU A 1 82  ? -22.069 -17.361 -14.286 1.00 27.68  ? 82  LEU A CB  1 
ATOM   290  C  CG  . LEU A 1 82  ? -22.212 -17.451 -12.752 1.00 26.08  ? 82  LEU A CG  1 
ATOM   291  C  CD1 . LEU A 1 82  ? -22.770 -16.183 -12.130 1.00 23.04  ? 82  LEU A CD1 1 
ATOM   292  C  CD2 . LEU A 1 82  ? -23.088 -18.603 -12.359 1.00 27.26  ? 82  LEU A CD2 1 
ATOM   293  N  N   . LYS A 1 83  ? -19.101 -15.957 -15.019 1.00 35.35  ? 83  LYS A N   1 
ATOM   294  C  CA  . LYS A 1 83  ? -17.779 -15.681 -14.490 1.00 32.10  ? 83  LYS A CA  1 
ATOM   295  C  C   . LYS A 1 83  ? -17.353 -14.241 -14.757 1.00 32.54  ? 83  LYS A C   1 
ATOM   296  O  O   . LYS A 1 83  ? -16.823 -13.588 -13.848 1.00 32.71  ? 83  LYS A O   1 
ATOM   297  C  CB  . LYS A 1 83  ? -16.791 -16.712 -15.043 1.00 31.43  ? 83  LYS A CB  1 
ATOM   298  C  CG  . LYS A 1 83  ? -16.991 -18.067 -14.344 1.00 47.45  ? 83  LYS A CG  1 
ATOM   299  C  CD  . LYS A 1 83  ? -16.457 -19.260 -15.144 1.00 67.54  ? 83  LYS A CD  1 
ATOM   300  C  CE  . LYS A 1 83  ? -16.967 -20.606 -14.583 1.00 65.32  ? 83  LYS A CE  1 
ATOM   301  N  NZ  . LYS A 1 83  ? -16.446 -21.803 -15.333 1.00 48.20  ? 83  LYS A NZ  1 
ATOM   302  N  N   . ALA A 1 84  ? -17.625 -13.708 -15.959 1.00 31.48  ? 84  ALA A N   1 
ATOM   303  C  CA  . ALA A 1 84  ? -17.338 -12.298 -16.227 1.00 27.57  ? 84  ALA A CA  1 
ATOM   304  C  C   . ALA A 1 84  ? -17.951 -11.391 -15.167 1.00 33.22  ? 84  ALA A C   1 
ATOM   305  O  O   . ALA A 1 84  ? -17.366 -10.356 -14.824 1.00 36.91  ? 84  ALA A O   1 
ATOM   306  C  CB  . ALA A 1 84  ? -17.843 -11.899 -17.608 1.00 21.81  ? 84  ALA A CB  1 
ATOM   307  N  N   . HIS A 1 85  ? -19.109 -11.773 -14.615 1.00 30.93  ? 85  HIS A N   1 
ATOM   308  C  CA  . HIS A 1 85  ? -19.704 -10.983 -13.542 1.00 30.98  ? 85  HIS A CA  1 
ATOM   309  C  C   . HIS A 1 85  ? -19.027 -11.282 -12.215 1.00 25.08  ? 85  HIS A C   1 
ATOM   310  O  O   . HIS A 1 85  ? -18.749 -10.363 -11.442 1.00 24.59  ? 85  HIS A O   1 
ATOM   311  C  CB  . HIS A 1 85  ? -21.218 -11.238 -13.422 1.00 31.90  ? 85  HIS A CB  1 
ATOM   312  C  CG  . HIS A 1 85  ? -22.009 -10.920 -14.658 1.00 27.85  ? 85  HIS A CG  1 
ATOM   313  N  ND1 . HIS A 1 85  ? -21.525 -10.131 -15.680 1.00 32.91  ? 85  HIS A ND1 1 
ATOM   314  C  CD2 . HIS A 1 85  ? -23.251 -11.301 -15.037 1.00 27.07  ? 85  HIS A CD2 1 
ATOM   315  C  CE1 . HIS A 1 85  ? -22.433 -10.045 -16.637 1.00 28.19  ? 85  HIS A CE1 1 
ATOM   316  N  NE2 . HIS A 1 85  ? -23.491 -10.742 -16.269 1.00 29.75  ? 85  HIS A NE2 1 
ATOM   317  N  N   . LYS A 1 86  ? -18.767 -12.559 -11.930 1.00 30.41  ? 86  LYS A N   1 
ATOM   318  C  CA  . LYS A 1 86  ? -18.063 -12.907 -10.699 1.00 33.93  ? 86  LYS A CA  1 
ATOM   319  C  C   . LYS A 1 86  ? -16.675 -12.283 -10.687 1.00 34.00  ? 86  LYS A C   1 
ATOM   320  O  O   . LYS A 1 86  ? -16.204 -11.815 -9.644  1.00 31.66  ? 86  LYS A O   1 
ATOM   321  C  CB  . LYS A 1 86  ? -17.977 -14.429 -10.551 1.00 31.28  ? 86  LYS A CB  1 
ATOM   322  C  CG  . LYS A 1 86  ? -18.660 -14.989 -9.315  1.00 31.57  ? 86  LYS A CG  1 
ATOM   323  C  CD  . LYS A 1 86  ? -19.092 -16.448 -9.543  1.00 42.90  ? 86  LYS A CD  1 
ATOM   324  C  CE  . LYS A 1 86  ? -17.945 -17.324 -10.065 1.00 50.44  ? 86  LYS A CE  1 
ATOM   325  N  NZ  . LYS A 1 86  ? -18.411 -18.650 -10.583 1.00 43.35  ? 86  LYS A NZ  1 
ATOM   326  N  N   . GLU A 1 87  ? -16.014 -12.258 -11.846 1.00 33.09  ? 87  GLU A N   1 
ATOM   327  C  CA  . GLU A 1 87  ? -14.716 -11.607 -11.944 1.00 31.72  ? 87  GLU A CA  1 
ATOM   328  C  C   . GLU A 1 87  ? -14.836 -10.117 -11.658 1.00 32.81  ? 87  GLU A C   1 
ATOM   329  O  O   . GLU A 1 87  ? -14.125 -9.584  -10.798 1.00 31.84  ? 87  GLU A O   1 
ATOM   330  C  CB  . GLU A 1 87  ? -14.111 -11.853 -13.326 1.00 39.91  ? 87  GLU A CB  1 
ATOM   331  C  CG  . GLU A 1 87  ? -12.817 -11.094 -13.579 1.00 55.62  ? 87  GLU A CG  1 
ATOM   332  C  CD  . GLU A 1 87  ? -12.798 -10.368 -14.918 1.00 68.40  ? 87  GLU A CD  1 
ATOM   333  O  OE1 . GLU A 1 87  ? -13.887 -10.074 -15.479 1.00 63.31  ? 87  GLU A OE1 1 
ATOM   334  O  OE2 . GLU A 1 87  ? -11.679 -10.093 -15.404 1.00 75.53  ? 87  GLU A OE2 1 
ATOM   335  N  N   . ARG A 1 88  ? -15.751 -9.429  -12.359 1.00 31.65  ? 88  ARG A N   1 
ATOM   336  C  CA  . ARG A 1 88  ? -15.909 -7.988  -12.159 1.00 29.85  ? 88  ARG A CA  1 
ATOM   337  C  C   . ARG A 1 88  ? -16.320 -7.645  -10.726 1.00 21.23  ? 88  ARG A C   1 
ATOM   338  O  O   . ARG A 1 88  ? -15.892 -6.620  -10.193 1.00 18.43  ? 88  ARG A O   1 
ATOM   339  C  CB  . ARG A 1 88  ? -16.916 -7.423  -13.164 1.00 25.74  ? 88  ARG A CB  1 
ATOM   340  C  CG  . ARG A 1 88  ? -16.803 -5.905  -13.402 1.00 25.77  ? 88  ARG A CG  1 
ATOM   341  C  CD  . ARG A 1 88  ? -17.934 -5.374  -14.313 1.00 38.36  ? 88  ARG A CD  1 
ATOM   342  N  NE  . ARG A 1 88  ? -17.985 -6.023  -15.635 1.00 64.06  ? 88  ARG A NE  1 
ATOM   343  C  CZ  . ARG A 1 88  ? -18.948 -6.852  -16.067 1.00 54.71  ? 88  ARG A CZ  1 
ATOM   344  N  NH1 . ARG A 1 88  ? -19.985 -7.155  -15.288 1.00 38.02  ? 88  ARG A NH1 1 
ATOM   345  N  NH2 . ARG A 1 88  ? -18.876 -7.381  -17.294 1.00 43.92  ? 88  ARG A NH2 1 
ATOM   346  N  N   . ILE A 1 89  ? -17.119 -8.494  -10.076 1.00 21.26  ? 89  ILE A N   1 
ATOM   347  C  CA  . ILE A 1 89  ? -17.469 -8.270  -8.675  1.00 18.55  ? 89  ILE A CA  1 
ATOM   348  C  C   . ILE A 1 89  ? -16.236 -8.314  -7.791  1.00 23.38  ? 89  ILE A C   1 
ATOM   349  O  O   . ILE A 1 89  ? -16.217 -7.719  -6.705  1.00 22.58  ? 89  ILE A O   1 
ATOM   350  C  CB  . ILE A 1 89  ? -18.514 -9.305  -8.220  1.00 21.01  ? 89  ILE A CB  1 
ATOM   351  C  CG1 . ILE A 1 89  ? -19.831 -9.063  -8.936  1.00 21.70  ? 89  ILE A CG1 1 
ATOM   352  C  CG2 . ILE A 1 89  ? -18.741 -9.246  -6.721  1.00 21.27  ? 89  ILE A CG2 1 
ATOM   353  C  CD1 . ILE A 1 89  ? -20.940 -9.906  -8.405  1.00 24.16  ? 89  ILE A CD1 1 
ATOM   354  N  N   . LYS A 1 90  ? -15.193 -9.030  -8.219  1.00 29.82  ? 90  LYS A N   1 
ATOM   355  C  CA  . LYS A 1 90  ? -13.971 -9.082  -7.421  1.00 29.84  ? 90  LYS A CA  1 
ATOM   356  C  C   . LYS A 1 90  ? -13.128 -7.824  -7.623  1.00 28.50  ? 90  LYS A C   1 
ATOM   357  O  O   . LYS A 1 90  ? -12.750 -7.164  -6.645  1.00 26.60  ? 90  LYS A O   1 
ATOM   358  C  CB  . LYS A 1 90  ? -13.166 -10.341 -7.756  1.00 32.78  ? 90  LYS A CB  1 
ATOM   359  C  CG  . LYS A 1 90  ? -13.854 -11.667 -7.418  1.00 33.16  ? 90  LYS A CG  1 
ATOM   360  C  CD  . LYS A 1 90  ? -13.233 -12.821 -8.226  1.00 42.49  ? 90  LYS A CD  1 
ATOM   361  C  CE  . LYS A 1 90  ? -14.056 -14.113 -8.164  1.00 41.00  ? 90  LYS A CE  1 
ATOM   362  N  NZ  . LYS A 1 90  ? -14.202 -14.637 -6.778  1.00 45.95  ? 90  LYS A NZ  1 
ATOM   363  N  N   . ASP A 1 91  ? -12.849 -7.462  -8.888  1.00 25.79  ? 91  ASP A N   1 
ATOM   364  C  CA  . ASP A 1 91  ? -12.082 -6.247  -9.164  1.00 23.13  ? 91  ASP A CA  1 
ATOM   365  C  C   . ASP A 1 91  ? -12.684 -5.068  -8.435  1.00 21.80  ? 91  ASP A C   1 
ATOM   366  O  O   . ASP A 1 91  ? -11.964 -4.218  -7.906  1.00 25.75  ? 91  ASP A O   1 
ATOM   367  C  CB  . ASP A 1 91  ? -12.026 -5.956  -10.663 1.00 25.19  ? 91  ASP A CB  1 
ATOM   368  C  CG  . ASP A 1 91  ? -11.797 -7.213  -11.505 1.00 44.13  ? 91  ASP A CG  1 
ATOM   369  O  OD1 . ASP A 1 91  ? -11.283 -8.233  -10.981 1.00 41.33  ? 91  ASP A OD1 1 
ATOM   370  O  OD2 . ASP A 1 91  ? -12.136 -7.177  -12.710 1.00 56.51  ? 91  ASP A OD2 1 
ATOM   371  N  N   . ILE A 1 92  ? -14.011 -5.030  -8.360  1.00 23.25  ? 92  ILE A N   1 
ATOM   372  C  CA  . ILE A 1 92  ? -14.699 -3.974  -7.627  1.00 22.73  ? 92  ILE A CA  1 
ATOM   373  C  C   . ILE A 1 92  ? -14.430 -4.102  -6.132  1.00 24.11  ? 92  ILE A C   1 
ATOM   374  O  O   . ILE A 1 92  ? -14.067 -3.129  -5.461  1.00 27.07  ? 92  ILE A O   1 
ATOM   375  C  CB  . ILE A 1 92  ? -16.210 -4.010  -7.922  1.00 16.10  ? 92  ILE A CB  1 
ATOM   376  C  CG1 . ILE A 1 92  ? -16.525 -3.694  -9.388  1.00 14.32  ? 92  ILE A CG1 1 
ATOM   377  C  CG2 . ILE A 1 92  ? -16.948 -3.084  -6.995  1.00 19.63  ? 92  ILE A CG2 1 
ATOM   378  C  CD1 . ILE A 1 92  ? -15.432 -3.020  -10.176 1.00 23.54  ? 92  ILE A CD1 1 
ATOM   379  N  N   . GLU A 1 93  ? -14.613 -5.299  -5.584  1.00 23.01  ? 93  GLU A N   1 
ATOM   380  C  CA  . GLU A 1 93  ? -14.390 -5.471  -4.157  1.00 26.71  ? 93  GLU A CA  1 
ATOM   381  C  C   . GLU A 1 93  ? -12.922 -5.312  -3.793  1.00 28.06  ? 93  GLU A C   1 
ATOM   382  O  O   . GLU A 1 93  ? -12.601 -5.005  -2.637  1.00 23.89  ? 93  GLU A O   1 
ATOM   383  C  CB  . GLU A 1 93  ? -14.915 -6.837  -3.722  1.00 31.34  ? 93  GLU A CB  1 
ATOM   384  C  CG  . GLU A 1 93  ? -16.429 -6.906  -3.554  1.00 34.10  ? 93  GLU A CG  1 
ATOM   385  C  CD  . GLU A 1 93  ? -16.914 -6.210  -2.276  1.00 54.69  ? 93  GLU A CD  1 
ATOM   386  O  OE1 . GLU A 1 93  ? -16.062 -5.862  -1.424  1.00 60.85  ? 93  GLU A OE1 1 
ATOM   387  O  OE2 . GLU A 1 93  ? -18.147 -6.012  -2.120  1.00 57.94  ? 93  GLU A OE2 1 
ATOM   388  N  N   . PHE A 1 94  ? -12.029 -5.514  -4.764  1.00 27.68  ? 94  PHE A N   1 
ATOM   389  C  CA  . PHE A 1 94  ? -10.607 -5.305  -4.537  1.00 27.52  ? 94  PHE A CA  1 
ATOM   390  C  C   . PHE A 1 94  ? -10.288 -3.818  -4.446  1.00 25.14  ? 94  PHE A C   1 
ATOM   391  O  O   . PHE A 1 94  ? -9.745  -3.345  -3.437  1.00 22.72  ? 94  PHE A O   1 
ATOM   392  C  CB  . PHE A 1 94  ? -9.813  -5.967  -5.656  1.00 25.81  ? 94  PHE A CB  1 
ATOM   393  C  CG  . PHE A 1 94  ? -8.352  -6.094  -5.366  1.00 30.78  ? 94  PHE A CG  1 
ATOM   394  C  CD1 . PHE A 1 94  ? -7.435  -5.222  -5.946  1.00 34.16  ? 94  PHE A CD1 1 
ATOM   395  C  CD2 . PHE A 1 94  ? -7.889  -7.085  -4.510  1.00 30.86  ? 94  PHE A CD2 1 
ATOM   396  C  CE1 . PHE A 1 94  ? -6.075  -5.334  -5.683  1.00 26.88  ? 94  PHE A CE1 1 
ATOM   397  C  CE2 . PHE A 1 94  ? -6.529  -7.211  -4.241  1.00 33.34  ? 94  PHE A CE2 1 
ATOM   398  C  CZ  . PHE A 1 94  ? -5.623  -6.332  -4.835  1.00 32.37  ? 94  PHE A CZ  1 
ATOM   399  N  N   . LYS A 1 95  ? -10.625 -3.065  -5.501  1.00 21.33  ? 95  LYS A N   1 
ATOM   400  C  CA  . LYS A 1 95  ? -10.565 -1.610  -5.445  1.00 20.79  ? 95  LYS A CA  1 
ATOM   401  C  C   . LYS A 1 95  ? -11.195 -1.066  -4.169  1.00 20.81  ? 95  LYS A C   1 
ATOM   402  O  O   . LYS A 1 95  ? -10.773 -0.022  -3.668  1.00 21.52  ? 95  LYS A O   1 
ATOM   403  C  CB  . LYS A 1 95  ? -11.264 -1.007  -6.662  1.00 18.73  ? 95  LYS A CB  1 
ATOM   404  C  CG  . LYS A 1 95  ? -10.618 -1.327  -7.987  1.00 23.05  ? 95  LYS A CG  1 
ATOM   405  C  CD  . LYS A 1 95  ? -11.634 -1.152  -9.130  1.00 34.92  ? 95  LYS A CD  1 
ATOM   406  C  CE  . LYS A 1 95  ? -11.126 -1.725  -10.473 1.00 43.87  ? 95  LYS A CE  1 
ATOM   407  N  NZ  . LYS A 1 95  ? -12.247 -2.103  -11.406 1.00 35.27  ? 95  LYS A NZ  1 
ATOM   408  N  N   . ARG A 1 96  ? -12.199 -1.753  -3.625  1.00 19.04  ? 96  ARG A N   1 
ATOM   409  C  CA  . ARG A 1 96  ? -12.810 -1.290  -2.386  1.00 21.20  ? 96  ARG A CA  1 
ATOM   410  C  C   . ARG A 1 96  ? -11.906 -1.552  -1.197  1.00 25.63  ? 96  ARG A C   1 
ATOM   411  O  O   . ARG A 1 96  ? -11.656 -0.650  -0.387  1.00 23.99  ? 96  ARG A O   1 
ATOM   412  C  CB  . ARG A 1 96  ? -14.153 -1.969  -2.166  1.00 24.94  ? 96  ARG A CB  1 
ATOM   413  C  CG  . ARG A 1 96  ? -15.231 -1.429  -3.024  1.00 32.40  ? 96  ARG A CG  1 
ATOM   414  C  CD  . ARG A 1 96  ? -16.545 -1.508  -2.299  1.00 42.81  ? 96  ARG A CD  1 
ATOM   415  N  NE  . ARG A 1 96  ? -17.660 -1.386  -3.230  1.00 47.61  ? 96  ARG A NE  1 
ATOM   416  C  CZ  . ARG A 1 96  ? -18.919 -1.627  -2.895  1.00 47.34  ? 96  ARG A CZ  1 
ATOM   417  N  NH1 . ARG A 1 96  ? -19.207 -1.997  -1.649  1.00 44.22  ? 96  ARG A NH1 1 
ATOM   418  N  NH2 . ARG A 1 96  ? -19.883 -1.506  -3.801  1.00 43.26  ? 96  ARG A NH2 1 
ATOM   419  N  N   . GLU A 1 97  ? -11.447 -2.803  -1.052  1.00 29.52  ? 97  GLU A N   1 
ATOM   420  C  CA  . GLU A 1 97  ? -10.564 -3.144  0.057   1.00 28.91  ? 97  GLU A CA  1 
ATOM   421  C  C   . GLU A 1 97  ? -9.318  -2.282  0.012   1.00 25.64  ? 97  GLU A C   1 
ATOM   422  O  O   . GLU A 1 97  ? -8.865  -1.765  1.043   1.00 23.75  ? 97  GLU A O   1 
ATOM   423  C  CB  . GLU A 1 97  ? -10.202 -4.632  0.014   1.00 26.11  ? 97  GLU A CB  1 
ATOM   424  C  CG  . GLU A 1 97  ? -9.290  -5.125  1.160   1.00 36.80  ? 97  GLU A CG  1 
ATOM   425  C  CD  . GLU A 1 97  ? -9.917  -5.032  2.566   1.00 42.38  ? 97  GLU A CD  1 
ATOM   426  O  OE1 . GLU A 1 97  ? -11.146 -4.845  2.693   1.00 43.60  ? 97  GLU A OE1 1 
ATOM   427  O  OE2 . GLU A 1 97  ? -9.166  -5.158  3.560   1.00 42.60  ? 97  GLU A OE2 1 
ATOM   428  N  N   . ARG A 1 98  ? -8.777  -2.088  -1.188  1.00 22.31  ? 98  ARG A N   1 
ATOM   429  C  CA  . ARG A 1 98  ? -7.656  -1.181  -1.364  1.00 21.29  ? 98  ARG A CA  1 
ATOM   430  C  C   . ARG A 1 98  ? -7.948  0.170   -0.739  1.00 19.89  ? 98  ARG A C   1 
ATOM   431  O  O   . ARG A 1 98  ? -7.165  0.685   0.061   1.00 21.51  ? 98  ARG A O   1 
ATOM   432  C  CB  . ARG A 1 98  ? -7.359  -1.021  -2.846  1.00 20.00  ? 98  ARG A CB  1 
ATOM   433  C  CG  . ARG A 1 98  ? -6.376  0.041   -3.101  1.00 14.21  ? 98  ARG A CG  1 
ATOM   434  C  CD  . ARG A 1 98  ? -6.322  0.368   -4.541  1.00 17.76  ? 98  ARG A CD  1 
ATOM   435  N  NE  . ARG A 1 98  ? -5.438  1.505   -4.683  1.00 29.37  ? 98  ARG A NE  1 
ATOM   436  C  CZ  . ARG A 1 98  ? -4.167  1.430   -5.067  1.00 32.19  ? 98  ARG A CZ  1 
ATOM   437  N  NH1 . ARG A 1 98  ? -3.610  0.258   -5.395  1.00 29.60  ? 98  ARG A NH1 1 
ATOM   438  N  NH2 . ARG A 1 98  ? -3.454  2.546   -5.136  1.00 21.18  ? 98  ARG A NH2 1 
ATOM   439  N  N   . SER A 1 99  ? -9.099  0.742   -1.067  1.00 19.69  ? 99  SER A N   1 
ATOM   440  C  CA  . SER A 1 99  ? -9.379  2.089   -0.609  1.00 16.58  ? 99  SER A CA  1 
ATOM   441  C  C   . SER A 1 99  ? -9.707  2.119   0.872   1.00 19.88  ? 99  SER A C   1 
ATOM   442  O  O   . SER A 1 99  ? -9.392  3.102   1.548   1.00 21.88  ? 99  SER A O   1 
ATOM   443  C  CB  . SER A 1 99  ? -10.492 2.682   -1.452  1.00 17.78  ? 99  SER A CB  1 
ATOM   444  O  OG  . SER A 1 99  ? -10.055 2.707   -2.806  1.00 24.58  ? 99  SER A OG  1 
ATOM   445  N  N   . LYS A 1 100 ? -10.306 1.056   1.410   1.00 23.08  ? 100 LYS A N   1 
ATOM   446  C  CA  . LYS A 1 100 ? -10.398 0.958   2.865   1.00 19.73  ? 100 LYS A CA  1 
ATOM   447  C  C   . LYS A 1 100 ? -9.024  1.099   3.500   1.00 16.36  ? 100 LYS A C   1 
ATOM   448  O  O   . LYS A 1 100 ? -8.875  1.753   4.536   1.00 14.73  ? 100 LYS A O   1 
ATOM   449  C  CB  . LYS A 1 100 ? -11.057 -0.359  3.274   1.00 19.07  ? 100 LYS A CB  1 
ATOM   450  C  CG  . LYS A 1 100 ? -12.464 -0.474  2.748   1.00 31.60  ? 100 LYS A CG  1 
ATOM   451  C  CD  . LYS A 1 100 ? -13.091 -1.839  3.005   1.00 48.22  ? 100 LYS A CD  1 
ATOM   452  C  CE  . LYS A 1 100 ? -14.453 -1.967  2.300   1.00 46.23  ? 100 LYS A CE  1 
ATOM   453  N  NZ  . LYS A 1 100 ? -15.466 -0.988  2.801   1.00 53.95  ? 100 LYS A NZ  1 
HETATM 454  N  N   . MSE A 1 101 ? -8.002  0.537   2.864   1.00 18.70  ? 101 MSE A N   1 
HETATM 455  C  CA  . MSE A 1 101 ? -6.662  0.455   3.444   1.00 22.57  ? 101 MSE A CA  1 
HETATM 456  C  C   . MSE A 1 101 ? -5.956  1.780   3.523   1.00 21.37  ? 101 MSE A C   1 
HETATM 457  O  O   . MSE A 1 101 ? -5.562  2.233   4.609   1.00 19.74  ? 101 MSE A O   1 
HETATM 458  C  CB  . MSE A 1 101 ? -5.790  -0.477  2.627   1.00 30.68  ? 101 MSE A CB  1 
HETATM 459  C  CG  . MSE A 1 101 ? -6.212  -1.920  2.669   1.00 43.30  ? 101 MSE A CG  1 
HETATM 460  SE SE  . MSE A 1 101 ? -5.306  -2.880  4.086   1.00 102.92 ? 101 MSE A SE  1 
HETATM 461  C  CE  . MSE A 1 101 ? -5.611  -4.693  3.388   1.00 62.14  ? 101 MSE A CE  1 
ATOM   462  N  N   . ILE A 1 102 ? -5.742  2.354   2.335   1.00 20.52  ? 102 ILE A N   1 
ATOM   463  C  CA  . ILE A 1 102 ? -5.228  3.716   2.225   1.00 15.48  ? 102 ILE A CA  1 
ATOM   464  C  C   . ILE A 1 102 ? -5.931  4.621   3.223   1.00 17.69  ? 102 ILE A C   1 
ATOM   465  O  O   . ILE A 1 102 ? -5.296  5.389   3.954   1.00 18.43  ? 102 ILE A O   1 
ATOM   466  C  CB  . ILE A 1 102 ? -5.404  4.227   0.791   1.00 9.04   ? 102 ILE A CB  1 
ATOM   467  C  CG1 . ILE A 1 102 ? -4.882  3.179   -0.169  1.00 14.31  ? 102 ILE A CG1 1 
ATOM   468  C  CG2 . ILE A 1 102 ? -4.665  5.493   0.605   1.00 11.46  ? 102 ILE A CG2 1 
ATOM   469  C  CD1 . ILE A 1 102 ? -5.544  3.184   -1.515  1.00 15.30  ? 102 ILE A CD1 1 
ATOM   470  N  N   . SER A 1 103 ? -7.260  4.502   3.295   1.00 20.98  ? 103 SER A N   1 
ATOM   471  C  CA  . SER A 1 103 ? -8.034  5.330   4.213   1.00 21.86  ? 103 SER A CA  1 
ATOM   472  C  C   . SER A 1 103 ? -7.603  5.133   5.659   1.00 19.60  ? 103 SER A C   1 
ATOM   473  O  O   . SER A 1 103 ? -7.664  6.079   6.448   1.00 26.20  ? 103 SER A O   1 
ATOM   474  C  CB  . SER A 1 103 ? -9.538  5.042   4.060   1.00 26.17  ? 103 SER A CB  1 
ATOM   475  O  OG  . SER A 1 103 ? -10.055 5.513   2.812   1.00 31.73  ? 103 SER A OG  1 
ATOM   476  N  N   . LYS A 1 104 ? -7.169  3.930   6.035   1.00 16.09  ? 104 LYS A N   1 
ATOM   477  C  CA  . LYS A 1 104 ? -6.900  3.710   7.450   1.00 16.02  ? 104 LYS A CA  1 
ATOM   478  C  C   . LYS A 1 104 ? -5.574  4.332   7.858   1.00 22.83  ? 104 LYS A C   1 
ATOM   479  O  O   . LYS A 1 104 ? -5.491  5.050   8.868   1.00 23.45  ? 104 LYS A O   1 
ATOM   480  C  CB  . LYS A 1 104 ? -6.896  2.223   7.775   1.00 13.03  ? 104 LYS A CB  1 
ATOM   481  C  CG  . LYS A 1 104 ? -6.745  1.983   9.264   1.00 13.88  ? 104 LYS A CG  1 
ATOM   482  C  CD  . LYS A 1 104 ? -6.085  0.653   9.570   1.00 17.88  ? 104 LYS A CD  1 
ATOM   483  C  CE  . LYS A 1 104 ? -7.094  -0.478  9.765   1.00 24.23  ? 104 LYS A CE  1 
ATOM   484  N  NZ  . LYS A 1 104 ? -6.461  -1.751  10.272  1.00 28.04  ? 104 LYS A NZ  1 
ATOM   485  N  N   . TYR A 1 105 ? -4.533  4.072   7.070   1.00 25.16  ? 105 TYR A N   1 
ATOM   486  C  CA  . TYR A 1 105 ? -3.166  4.409   7.436   1.00 21.98  ? 105 TYR A CA  1 
ATOM   487  C  C   . TYR A 1 105 ? -2.735  5.771   6.947   1.00 23.65  ? 105 TYR A C   1 
ATOM   488  O  O   . TYR A 1 105 ? -1.668  6.247   7.363   1.00 21.15  ? 105 TYR A O   1 
ATOM   489  C  CB  . TYR A 1 105 ? -2.205  3.346   6.907   1.00 16.41  ? 105 TYR A CB  1 
ATOM   490  C  CG  . TYR A 1 105 ? -2.414  2.095   7.674   1.00 16.09  ? 105 TYR A CG  1 
ATOM   491  C  CD1 . TYR A 1 105 ? -2.219  2.077   9.043   1.00 16.27  ? 105 TYR A CD1 1 
ATOM   492  C  CD2 . TYR A 1 105 ? -2.880  0.955   7.063   1.00 17.47  ? 105 TYR A CD2 1 
ATOM   493  C  CE1 . TYR A 1 105 ? -2.437  0.937   9.780   1.00 18.48  ? 105 TYR A CE1 1 
ATOM   494  C  CE2 . TYR A 1 105 ? -3.105  -0.200  7.791   1.00 19.06  ? 105 TYR A CE2 1 
ATOM   495  C  CZ  . TYR A 1 105 ? -2.876  -0.204  9.151   1.00 18.77  ? 105 TYR A CZ  1 
ATOM   496  O  OH  . TYR A 1 105 ? -3.098  -1.349  9.889   1.00 22.07  ? 105 TYR A OH  1 
ATOM   497  N  N   . HIS A 1 106 ? -3.545  6.417   6.100   1.00 22.55  ? 106 HIS A N   1 
ATOM   498  C  CA  . HIS A 1 106 ? -3.124  7.689   5.542   1.00 19.87  ? 106 HIS A CA  1 
ATOM   499  C  C   . HIS A 1 106 ? -2.716  8.677   6.617   1.00 19.30  ? 106 HIS A C   1 
ATOM   500  O  O   . HIS A 1 106 ? -1.806  9.478   6.401   1.00 19.55  ? 106 HIS A O   1 
ATOM   501  C  CB  . HIS A 1 106 ? -4.213  8.311   4.703   1.00 19.34  ? 106 HIS A CB  1 
ATOM   502  C  CG  . HIS A 1 106 ? -3.783  9.592   4.078   1.00 23.77  ? 106 HIS A CG  1 
ATOM   503  N  ND1 . HIS A 1 106 ? -4.101  10.821  4.615   1.00 21.61  ? 106 HIS A ND1 1 
ATOM   504  C  CD2 . HIS A 1 106 ? -3.003  9.835   2.999   1.00 30.95  ? 106 HIS A CD2 1 
ATOM   505  C  CE1 . HIS A 1 106 ? -3.562  11.770  3.871   1.00 33.02  ? 106 HIS A CE1 1 
ATOM   506  N  NE2 . HIS A 1 106 ? -2.886  11.198  2.888   1.00 37.42  ? 106 HIS A NE2 1 
HETATM 507  N  N   . MSE A 1 107 ? -3.345  8.627   7.781   1.00 21.34  ? 107 MSE A N   1 
HETATM 508  C  CA  . MSE A 1 107 ? -3.001  9.597   8.799   1.00 22.41  ? 107 MSE A CA  1 
HETATM 509  C  C   . MSE A 1 107 ? -1.643  9.334   9.437   1.00 17.88  ? 107 MSE A C   1 
HETATM 510  O  O   . MSE A 1 107 ? -0.823  10.248  9.587   1.00 14.58  ? 107 MSE A O   1 
HETATM 511  C  CB  . MSE A 1 107 ? -4.092  9.657   9.859   1.00 26.08  ? 107 MSE A CB  1 
HETATM 512  C  CG  . MSE A 1 107 ? -5.003  10.918  9.688   1.00 45.26  ? 107 MSE A CG  1 
HETATM 513  SE SE  . MSE A 1 107 ? -4.137  12.723  9.262   1.00 49.41  ? 107 MSE A SE  1 
HETATM 514  C  CE  . MSE A 1 107 ? -4.658  12.921  7.362   1.00 30.95  ? 107 MSE A CE  1 
ATOM   515  N  N   . VAL A 1 108 ? -1.391  8.081   9.800   1.00 19.95  ? 108 VAL A N   1 
ATOM   516  C  CA  . VAL A 1 108 ? -0.123  7.783   10.450  1.00 15.19  ? 108 VAL A CA  1 
ATOM   517  C  C   . VAL A 1 108 ? 1.026   7.918   9.453   1.00 11.00  ? 108 VAL A C   1 
ATOM   518  O  O   . VAL A 1 108 ? 2.073   8.480   9.783   1.00 9.00   ? 108 VAL A O   1 
ATOM   519  C  CB  . VAL A 1 108 ? -0.187  6.399   11.135  1.00 12.87  ? 108 VAL A CB  1 
ATOM   520  C  CG1 . VAL A 1 108 ? -0.386  5.297   10.136  1.00 15.09  ? 108 VAL A CG1 1 
ATOM   521  C  CG2 . VAL A 1 108 ? 1.040   6.152   11.973  1.00 11.85  ? 108 VAL A CG2 1 
ATOM   522  N  N   . ARG A 1 109 ? 0.831   7.477   8.203   1.00 11.30  ? 109 ARG A N   1 
ATOM   523  C  CA  . ARG A 1 109 ? 1.855   7.702   7.178   1.00 11.39  ? 109 ARG A CA  1 
ATOM   524  C  C   . ARG A 1 109 ? 2.091   9.179   6.960   1.00 13.81  ? 109 ARG A C   1 
ATOM   525  O  O   . ARG A 1 109 ? 3.228   9.612   6.755   1.00 11.68  ? 109 ARG A O   1 
ATOM   526  C  CB  . ARG A 1 109 ? 1.468   7.084   5.838   1.00 10.48  ? 109 ARG A CB  1 
ATOM   527  C  CG  . ARG A 1 109 ? 1.479   5.603   5.822   1.00 12.94  ? 109 ARG A CG  1 
ATOM   528  C  CD  . ARG A 1 109 ? 0.635   5.101   4.698   1.00 15.34  ? 109 ARG A CD  1 
ATOM   529  N  NE  . ARG A 1 109 ? 1.355   5.161   3.440   1.00 13.68  ? 109 ARG A NE  1 
ATOM   530  C  CZ  . ARG A 1 109 ? 1.787   4.081   2.815   1.00 11.10  ? 109 ARG A CZ  1 
ATOM   531  N  NH1 . ARG A 1 109 ? 1.548   2.878   3.339   1.00 12.42  ? 109 ARG A NH1 1 
ATOM   532  N  NH2 . ARG A 1 109 ? 2.435   4.204   1.672   1.00 8.97   ? 109 ARG A NH2 1 
ATOM   533  N  N   . PHE A 1 110 ? 1.017   9.963   6.954   1.00 16.86  ? 110 PHE A N   1 
ATOM   534  C  CA  . PHE A 1 110 ? 1.149   11.376  6.653   1.00 12.68  ? 110 PHE A CA  1 
ATOM   535  C  C   . PHE A 1 110 ? 2.019   12.067  7.688   1.00 12.82  ? 110 PHE A C   1 
ATOM   536  O  O   . PHE A 1 110 ? 2.960   12.793  7.342   1.00 14.66  ? 110 PHE A O   1 
ATOM   537  C  CB  . PHE A 1 110 ? -0.228  12.017  6.583   1.00 16.01  ? 110 PHE A CB  1 
ATOM   538  C  CG  . PHE A 1 110 ? -0.184  13.506  6.529   1.00 21.48  ? 110 PHE A CG  1 
ATOM   539  C  CD1 . PHE A 1 110 ? 0.046   14.160  5.325   1.00 17.79  ? 110 PHE A CD1 1 
ATOM   540  C  CD2 . PHE A 1 110 ? -0.342  14.259  7.691   1.00 18.23  ? 110 PHE A CD2 1 
ATOM   541  C  CE1 . PHE A 1 110 ? 0.104   15.527  5.272   1.00 15.50  ? 110 PHE A CE1 1 
ATOM   542  C  CE2 . PHE A 1 110 ? -0.281  15.620  7.643   1.00 15.72  ? 110 PHE A CE2 1 
ATOM   543  C  CZ  . PHE A 1 110 ? -0.060  16.261  6.425   1.00 17.06  ? 110 PHE A CZ  1 
ATOM   544  N  N   . PHE A 1 111 ? 1.728   11.842  8.968   1.00 11.83  ? 111 PHE A N   1 
ATOM   545  C  CA  . PHE A 1 111 ? 2.506   12.485  10.020  1.00 11.44  ? 111 PHE A CA  1 
ATOM   546  C  C   . PHE A 1 111 ? 3.973   12.082  9.968   1.00 10.40  ? 111 PHE A C   1 
ATOM   547  O  O   . PHE A 1 111 ? 4.858   12.919  10.145  1.00 13.54  ? 111 PHE A O   1 
ATOM   548  C  CB  . PHE A 1 111 ? 1.914   12.152  11.379  1.00 13.81  ? 111 PHE A CB  1 
ATOM   549  C  CG  . PHE A 1 111 ? 0.782   13.042  11.767  1.00 20.90  ? 111 PHE A CG  1 
ATOM   550  C  CD1 . PHE A 1 111 ? 0.991   14.400  11.946  1.00 25.42  ? 111 PHE A CD1 1 
ATOM   551  C  CD2 . PHE A 1 111 ? -0.490  12.535  11.955  1.00 20.94  ? 111 PHE A CD2 1 
ATOM   552  C  CE1 . PHE A 1 111 ? -0.043  15.232  12.311  1.00 21.64  ? 111 PHE A CE1 1 
ATOM   553  C  CE2 . PHE A 1 111 ? -1.529  13.368  12.321  1.00 17.45  ? 111 PHE A CE2 1 
ATOM   554  C  CZ  . PHE A 1 111 ? -1.304  14.713  12.502  1.00 16.31  ? 111 PHE A CZ  1 
ATOM   555  N  N   . GLU A 1 112 ? 4.258   10.806  9.740   1.00 9.96   ? 112 GLU A N   1 
ATOM   556  C  CA  . GLU A 1 112 ? 5.651   10.396  9.659   1.00 7.87   ? 112 GLU A CA  1 
ATOM   557  C  C   . GLU A 1 112 ? 6.342   11.057  8.485   1.00 8.55   ? 112 GLU A C   1 
ATOM   558  O  O   . GLU A 1 112 ? 7.481   11.513  8.606   1.00 9.10   ? 112 GLU A O   1 
ATOM   559  C  CB  . GLU A 1 112 ? 5.739   8.885   9.534   1.00 9.10   ? 112 GLU A CB  1 
ATOM   560  C  CG  . GLU A 1 112 ? 5.079   8.161   10.666  1.00 10.80  ? 112 GLU A CG  1 
ATOM   561  C  CD  . GLU A 1 112 ? 5.766   6.863   10.959  1.00 11.89  ? 112 GLU A CD  1 
ATOM   562  O  OE1 . GLU A 1 112 ? 6.008   6.107   9.988   1.00 10.29  ? 112 GLU A OE1 1 
ATOM   563  O  OE2 . GLU A 1 112 ? 6.088   6.623   12.150  1.00 13.61  ? 112 GLU A OE2 1 
ATOM   564  N  N   . ARG A 1 113 ? 5.665   11.106  7.339   1.00 11.37  ? 113 ARG A N   1 
ATOM   565  C  CA  . ARG A 1 113 ? 6.202   11.767  6.158   1.00 10.51  ? 113 ARG A CA  1 
ATOM   566  C  C   . ARG A 1 113 ? 6.519   13.224  6.436   1.00 10.93  ? 113 ARG A C   1 
ATOM   567  O  O   . ARG A 1 113 ? 7.436   13.783  5.830   1.00 11.43  ? 113 ARG A O   1 
ATOM   568  C  CB  . ARG A 1 113 ? 5.206   11.646  5.007   1.00 11.15  ? 113 ARG A CB  1 
ATOM   569  C  CG  . ARG A 1 113 ? 5.710   12.102  3.665   1.00 10.87  ? 113 ARG A CG  1 
ATOM   570  C  CD  . ARG A 1 113 ? 4.790   11.584  2.590   1.00 12.71  ? 113 ARG A CD  1 
ATOM   571  N  NE  . ARG A 1 113 ? 3.385   11.522  3.020   1.00 19.52  ? 113 ARG A NE  1 
ATOM   572  C  CZ  . ARG A 1 113 ? 2.612   10.428  2.955   1.00 29.38  ? 113 ARG A CZ  1 
ATOM   573  N  NH1 . ARG A 1 113 ? 3.105   9.290   2.468   1.00 32.04  ? 113 ARG A NH1 1 
ATOM   574  N  NH2 . ARG A 1 113 ? 1.337   10.461  3.366   1.00 29.24  ? 113 ARG A NH2 1 
ATOM   575  N  N   . ARG A 1 114 ? 5.789   13.851  7.358   1.00 12.22  ? 114 ARG A N   1 
ATOM   576  C  CA  . ARG A 1 114 ? 6.079   15.235  7.709   1.00 11.10  ? 114 ARG A CA  1 
ATOM   577  C  C   . ARG A 1 114 ? 7.259   15.347  8.665   1.00 10.48  ? 114 ARG A C   1 
ATOM   578  O  O   . ARG A 1 114 ? 8.102   16.226  8.490   1.00 11.91  ? 114 ARG A O   1 
ATOM   579  C  CB  . ARG A 1 114 ? 4.844   15.890  8.305   1.00 10.54  ? 114 ARG A CB  1 
ATOM   580  C  CG  . ARG A 1 114 ? 4.417   17.115  7.542   1.00 19.26  ? 114 ARG A CG  1 
ATOM   581  C  CD  . ARG A 1 114 ? 3.145   17.665  8.123   1.00 24.44  ? 114 ARG A CD  1 
ATOM   582  N  NE  . ARG A 1 114 ? 3.147   17.475  9.569   1.00 28.26  ? 114 ARG A NE  1 
ATOM   583  C  CZ  . ARG A 1 114 ? 2.213   17.939  10.389  1.00 27.48  ? 114 ARG A CZ  1 
ATOM   584  N  NH1 . ARG A 1 114 ? 1.186   18.641  9.897   1.00 22.03  ? 114 ARG A NH1 1 
ATOM   585  N  NH2 . ARG A 1 114 ? 2.315   17.701  11.700  1.00 23.32  ? 114 ARG A NH2 1 
ATOM   586  N  N   . LYS A 1 115 ? 7.334   14.482  9.681   1.00 9.35   ? 115 LYS A N   1 
ATOM   587  C  CA  . LYS A 1 115 ? 8.474   14.495  10.593  1.00 9.42   ? 115 LYS A CA  1 
ATOM   588  C  C   . LYS A 1 115 ? 9.768   14.254  9.831   1.00 14.27  ? 115 LYS A C   1 
ATOM   589  O  O   . LYS A 1 115 ? 10.756  14.983  10.002  1.00 15.93  ? 115 LYS A O   1 
ATOM   590  C  CB  . LYS A 1 115 ? 8.285   13.438  11.684  1.00 8.40   ? 115 LYS A CB  1 
ATOM   591  C  CG  . LYS A 1 115 ? 8.893   13.773  13.032  1.00 10.81  ? 115 LYS A CG  1 
ATOM   592  C  CD  . LYS A 1 115 ? 8.036   13.191  14.152  1.00 17.12  ? 115 LYS A CD  1 
ATOM   593  C  CE  . LYS A 1 115 ? 8.535   13.561  15.549  1.00 28.96  ? 115 LYS A CE  1 
ATOM   594  N  NZ  . LYS A 1 115 ? 8.373   14.992  15.942  1.00 35.11  ? 115 LYS A NZ  1 
ATOM   595  N  N   . ALA A 1 116 ? 9.775   13.222  8.979   1.00 15.48  ? 116 ALA A N   1 
ATOM   596  C  CA  . ALA A 1 116 ? 10.915  12.953  8.113   1.00 8.90   ? 116 ALA A CA  1 
ATOM   597  C  C   . ALA A 1 116 ? 11.298  14.199  7.344   1.00 11.95  ? 116 ALA A C   1 
ATOM   598  O  O   . ALA A 1 116 ? 12.444  14.642  7.406   1.00 20.25  ? 116 ALA A O   1 
ATOM   599  C  CB  . ALA A 1 116 ? 10.589  11.810  7.156   1.00 7.71   ? 116 ALA A CB  1 
ATOM   600  N  N   . LEU A 1 117 ? 10.327  14.815  6.658   1.00 10.86  ? 117 LEU A N   1 
ATOM   601  C  CA  . LEU A 1 117 ? 10.608  15.987  5.831   1.00 9.83   ? 117 LEU A CA  1 
ATOM   602  C  C   . LEU A 1 117 ? 11.209  17.133  6.631   1.00 12.94  ? 117 LEU A C   1 
ATOM   603  O  O   . LEU A 1 117 ? 12.025  17.891  6.107   1.00 15.03  ? 117 LEU A O   1 
ATOM   604  C  CB  . LEU A 1 117 ? 9.337   16.449  5.137   1.00 9.90   ? 117 LEU A CB  1 
ATOM   605  C  CG  . LEU A 1 117 ? 9.202   15.866  3.742   1.00 8.55   ? 117 LEU A CG  1 
ATOM   606  C  CD1 . LEU A 1 117 ? 7.754   15.780  3.333   1.00 8.76   ? 117 LEU A CD1 1 
ATOM   607  C  CD2 . LEU A 1 117 ? 9.971   16.716  2.783   1.00 9.04   ? 117 LEU A CD2 1 
ATOM   608  N  N   . ARG A 1 118 ? 10.806  17.294  7.890   1.00 14.92  ? 118 ARG A N   1 
ATOM   609  C  CA  . ARG A 1 118 ? 11.415  18.326  8.722   1.00 15.99  ? 118 ARG A CA  1 
ATOM   610  C  C   . ARG A 1 118 ? 12.834  17.957  9.104   1.00 20.15  ? 118 ARG A C   1 
ATOM   611  O  O   . ARG A 1 118 ? 13.691  18.838  9.222   1.00 27.33  ? 118 ARG A O   1 
ATOM   612  C  CB  . ARG A 1 118 ? 10.611  18.553  9.996   1.00 19.55  ? 118 ARG A CB  1 
ATOM   613  C  CG  . ARG A 1 118 ? 9.165   18.992  9.814   1.00 22.01  ? 118 ARG A CG  1 
ATOM   614  C  CD  . ARG A 1 118 ? 8.475   18.881  11.164  1.00 22.55  ? 118 ARG A CD  1 
ATOM   615  N  NE  . ARG A 1 118 ? 9.488   18.698  12.206  1.00 31.06  ? 118 ARG A NE  1 
ATOM   616  C  CZ  . ARG A 1 118 ? 9.281   18.062  13.353  1.00 34.15  ? 118 ARG A CZ  1 
ATOM   617  N  NH1 . ARG A 1 118 ? 8.078   17.542  13.614  1.00 28.62  ? 118 ARG A NH1 1 
ATOM   618  N  NH2 . ARG A 1 118 ? 10.282  17.942  14.229  1.00 29.81  ? 118 ARG A NH2 1 
ATOM   619  N  N   . PHE A 1 119 ? 13.094  16.675  9.336   1.00 16.26  ? 119 PHE A N   1 
ATOM   620  C  CA  . PHE A 1 119 ? 14.459  16.236  9.595   1.00 17.99  ? 119 PHE A CA  1 
ATOM   621  C  C   . PHE A 1 119 ? 15.351  16.458  8.384   1.00 16.05  ? 119 PHE A C   1 
ATOM   622  O  O   . PHE A 1 119 ? 16.414  17.076  8.485   1.00 15.80  ? 119 PHE A O   1 
ATOM   623  C  CB  . PHE A 1 119 ? 14.450  14.768  9.970   1.00 17.03  ? 119 PHE A CB  1 
ATOM   624  C  CG  . PHE A 1 119 ? 13.929  14.510  11.327  1.00 17.94  ? 119 PHE A CG  1 
ATOM   625  C  CD1 . PHE A 1 119 ? 14.106  15.440  12.332  1.00 20.84  ? 119 PHE A CD1 1 
ATOM   626  C  CD2 . PHE A 1 119 ? 13.267  13.325  11.611  1.00 20.01  ? 119 PHE A CD2 1 
ATOM   627  C  CE1 . PHE A 1 119 ? 13.629  15.196  13.604  1.00 27.06  ? 119 PHE A CE1 1 
ATOM   628  C  CE2 . PHE A 1 119 ? 12.790  13.066  12.887  1.00 23.13  ? 119 PHE A CE2 1 
ATOM   629  C  CZ  . PHE A 1 119 ? 12.975  14.004  13.887  1.00 27.23  ? 119 PHE A CZ  1 
ATOM   630  N  N   . ALA A 1 120 ? 14.935  15.939  7.231   1.00 18.26  ? 120 ALA A N   1 
ATOM   631  C  CA  . ALA A 1 120 ? 15.727  16.077  6.018   1.00 20.01  ? 120 ALA A CA  1 
ATOM   632  C  C   . ALA A 1 120 ? 16.045  17.535  5.726   1.00 27.90  ? 120 ALA A C   1 
ATOM   633  O  O   . ALA A 1 120 ? 17.102  17.836  5.165   1.00 38.82  ? 120 ALA A O   1 
ATOM   634  C  CB  . ALA A 1 120 ? 15.005  15.425  4.833   1.00 12.88  ? 120 ALA A CB  1 
ATOM   635  N  N   . GLN A 1 121 ? 15.172  18.459  6.119   1.00 28.17  ? 121 GLN A N   1 
ATOM   636  C  CA  . GLN A 1 121 ? 15.474  19.863  5.874   1.00 32.11  ? 121 GLN A CA  1 
ATOM   637  C  C   . GLN A 1 121 ? 16.317  20.457  7.004   1.00 28.01  ? 121 GLN A C   1 
ATOM   638  O  O   . GLN A 1 121 ? 17.333  21.106  6.742   1.00 31.93  ? 121 GLN A O   1 
ATOM   639  C  CB  . GLN A 1 121 ? 14.176  20.631  5.647   1.00 30.74  ? 121 GLN A CB  1 
ATOM   640  C  CG  . GLN A 1 121 ? 13.533  20.269  4.319   1.00 34.38  ? 121 GLN A CG  1 
ATOM   641  C  CD  . GLN A 1 121 ? 12.027  20.472  4.337   1.00 64.19  ? 121 GLN A CD  1 
ATOM   642  O  OE1 . GLN A 1 121 ? 11.462  20.875  5.360   1.00 74.48  ? 121 GLN A OE1 1 
ATOM   643  N  NE2 . GLN A 1 121 ? 11.365  20.190  3.208   1.00 56.49  ? 121 GLN A NE2 1 
ATOM   644  N  N   . GLN A 1 122 ? 15.929  20.230  8.264   1.00 25.86  ? 122 GLN A N   1 
ATOM   645  C  CA  . GLN A 1 122 ? 16.805  20.565  9.388   1.00 33.41  ? 122 GLN A CA  1 
ATOM   646  C  C   . GLN A 1 122 ? 18.250  20.153  9.117   1.00 32.35  ? 122 GLN A C   1 
ATOM   647  O  O   . GLN A 1 122 ? 19.191  20.826  9.549   1.00 31.96  ? 122 GLN A O   1 
ATOM   648  C  CB  . GLN A 1 122 ? 16.329  19.862  10.661  1.00 38.32  ? 122 GLN A CB  1 
ATOM   649  C  CG  . GLN A 1 122 ? 15.325  20.572  11.523  1.00 39.29  ? 122 GLN A CG  1 
ATOM   650  C  CD  . GLN A 1 122 ? 15.123  19.818  12.833  1.00 50.38  ? 122 GLN A CD  1 
ATOM   651  O  OE1 . GLN A 1 122 ? 16.025  19.098  13.303  1.00 44.91  ? 122 GLN A OE1 1 
ATOM   652  N  NE2 . GLN A 1 122 ? 13.939  19.968  13.424  1.00 53.68  ? 122 GLN A NE2 1 
ATOM   653  N  N   . LEU A 1 123 ? 18.442  19.037  8.412   1.00 31.65  ? 123 LEU A N   1 
ATOM   654  C  CA  . LEU A 1 123 ? 19.772  18.475  8.224   1.00 25.67  ? 123 LEU A CA  1 
ATOM   655  C  C   . LEU A 1 123 ? 20.505  19.142  7.070   1.00 27.35  ? 123 LEU A C   1 
ATOM   656  O  O   . LEU A 1 123 ? 21.669  19.539  7.218   1.00 29.19  ? 123 LEU A O   1 
ATOM   657  C  CB  . LEU A 1 123 ? 19.672  16.972  7.987   1.00 19.23  ? 123 LEU A CB  1 
ATOM   658  C  CG  . LEU A 1 123 ? 19.652  16.129  9.245   1.00 12.82  ? 123 LEU A CG  1 
ATOM   659  C  CD1 . LEU A 1 123 ? 19.994  14.703  8.898   1.00 10.33  ? 123 LEU A CD1 1 
ATOM   660  C  CD2 . LEU A 1 123 ? 20.638  16.697  10.219  1.00 18.45  ? 123 LEU A CD2 1 
ATOM   661  N  N   . GLU A 1 124 ? 19.849  19.242  5.903   1.00 25.27  ? 124 GLU A N   1 
ATOM   662  C  CA  . GLU A 1 124 ? 20.423  19.964  4.769   1.00 28.75  ? 124 GLU A CA  1 
ATOM   663  C  C   . GLU A 1 124 ? 20.993  21.316  5.201   1.00 42.22  ? 124 GLU A C   1 
ATOM   664  O  O   . GLU A 1 124 ? 22.041  21.747  4.696   1.00 42.46  ? 124 GLU A O   1 
ATOM   665  C  CB  . GLU A 1 124 ? 19.359  20.158  3.678   1.00 28.88  ? 124 GLU A CB  1 
ATOM   666  C  CG  . GLU A 1 124 ? 19.130  18.949  2.756   1.00 40.03  ? 124 GLU A CG  1 
ATOM   667  C  CD  . GLU A 1 124 ? 17.904  19.096  1.833   1.00 53.51  ? 124 GLU A CD  1 
ATOM   668  O  OE1 . GLU A 1 124 ? 17.232  20.156  1.888   1.00 53.64  ? 124 GLU A OE1 1 
ATOM   669  O  OE2 . GLU A 1 124 ? 17.615  18.140  1.059   1.00 48.88  ? 124 GLU A OE2 1 
ATOM   670  N  N   . ARG A 1 125 ? 20.329  21.973  6.162   1.00 41.58  ? 125 ARG A N   1 
ATOM   671  C  CA  . ARG A 1 125 ? 20.760  23.269  6.684   1.00 31.60  ? 125 ARG A CA  1 
ATOM   672  C  C   . ARG A 1 125 ? 22.026  23.132  7.517   1.00 31.96  ? 125 ARG A C   1 
ATOM   673  O  O   . ARG A 1 125 ? 23.082  23.661  7.159   1.00 38.66  ? 125 ARG A O   1 
ATOM   674  C  CB  . ARG A 1 125 ? 19.628  23.866  7.523   1.00 37.48  ? 125 ARG A CB  1 
ATOM   675  C  CG  . ARG A 1 125 ? 19.565  25.374  7.587   1.00 48.32  ? 125 ARG A CG  1 
ATOM   676  C  CD  . ARG A 1 125 ? 18.181  25.856  8.070   1.00 65.46  ? 125 ARG A CD  1 
ATOM   677  N  NE  . ARG A 1 125 ? 17.733  25.189  9.295   1.00 64.97  ? 125 ARG A NE  1 
ATOM   678  C  CZ  . ARG A 1 125 ? 16.469  24.834  9.528   1.00 59.61  ? 125 ARG A CZ  1 
ATOM   679  N  NH1 . ARG A 1 125 ? 15.530  25.075  8.616   1.00 45.80  ? 125 ARG A NH1 1 
ATOM   680  N  NH2 . ARG A 1 125 ? 16.147  24.222  10.664  1.00 57.94  ? 125 ARG A NH2 1 
ATOM   681  N  N   . ARG A 1 126 ? 21.934  22.421  8.643   1.00 31.71  ? 126 ARG A N   1 
ATOM   682  C  CA  . ARG A 1 126 ? 23.077  22.203  9.526   1.00 30.62  ? 126 ARG A CA  1 
ATOM   683  C  C   . ARG A 1 126 ? 24.311  21.735  8.784   1.00 32.03  ? 126 ARG A C   1 
ATOM   684  O  O   . ARG A 1 126 ? 25.413  21.820  9.330   1.00 39.58  ? 126 ARG A O   1 
ATOM   685  C  CB  . ARG A 1 126 ? 22.730  21.167  10.607  1.00 32.33  ? 126 ARG A CB  1 
ATOM   686  C  CG  . ARG A 1 126 ? 21.598  21.600  11.563  1.00 57.35  ? 126 ARG A CG  1 
ATOM   687  C  CD  . ARG A 1 126 ? 21.060  20.451  12.418  1.00 52.50  ? 126 ARG A CD  1 
ATOM   688  N  NE  . ARG A 1 126 ? 22.147  19.605  12.901  1.00 55.06  ? 126 ARG A NE  1 
ATOM   689  C  CZ  . ARG A 1 126 ? 21.977  18.539  13.671  1.00 52.52  ? 126 ARG A CZ  1 
ATOM   690  N  NH1 . ARG A 1 126 ? 20.755  18.192  14.053  1.00 58.74  ? 126 ARG A NH1 1 
ATOM   691  N  NH2 . ARG A 1 126 ? 23.028  17.821  14.054  1.00 48.12  ? 126 ARG A NH2 1 
ATOM   692  N  N   . LEU A 1 127 ? 24.149  21.232  7.561   1.00 31.15  ? 127 LEU A N   1 
ATOM   693  C  CA  . LEU A 1 127 ? 25.238  20.702  6.754   1.00 29.80  ? 127 LEU A CA  1 
ATOM   694  C  C   . LEU A 1 127 ? 25.836  21.774  5.855   1.00 36.13  ? 127 LEU A C   1 
ATOM   695  O  O   . LEU A 1 127 ? 27.062  21.906  5.773   1.00 39.04  ? 127 LEU A O   1 
ATOM   696  C  CB  . LEU A 1 127 ? 24.739  19.521  5.915   1.00 26.43  ? 127 LEU A CB  1 
ATOM   697  C  CG  . LEU A 1 127 ? 25.775  18.899  4.977   1.00 25.49  ? 127 LEU A CG  1 
ATOM   698  C  CD1 . LEU A 1 127 ? 26.688  17.966  5.742   1.00 23.12  ? 127 LEU A CD1 1 
ATOM   699  C  CD2 . LEU A 1 127 ? 25.129  18.196  3.798   1.00 21.77  ? 127 LEU A CD2 1 
ATOM   700  N  N   . SER A 1 128 ? 24.978  22.540  5.168   1.00 41.08  ? 128 SER A N   1 
ATOM   701  C  CA  . SER A 1 128 ? 25.434  23.726  4.449   1.00 43.71  ? 128 SER A CA  1 
ATOM   702  C  C   . SER A 1 128 ? 26.174  24.693  5.364   1.00 38.78  ? 128 SER A C   1 
ATOM   703  O  O   . SER A 1 128 ? 26.919  25.545  4.872   1.00 44.59  ? 128 SER A O   1 
ATOM   704  C  CB  . SER A 1 128 ? 24.252  24.439  3.775   1.00 41.95  ? 128 SER A CB  1 
ATOM   705  O  OG  . SER A 1 128 ? 23.672  23.637  2.755   1.00 46.36  ? 128 SER A OG  1 
ATOM   706  N  N   . LYS A 1 129 ? 25.988  24.572  6.678   1.00 39.02  ? 129 LYS A N   1 
ATOM   707  C  CA  . LYS A 1 129 ? 26.795  25.279  7.665   1.00 38.22  ? 129 LYS A CA  1 
ATOM   708  C  C   . LYS A 1 129 ? 28.070  24.499  8.016   1.00 38.79  ? 129 LYS A C   1 
ATOM   709  O  O   . LYS A 1 129 ? 29.180  24.980  7.772   1.00 44.41  ? 129 LYS A O   1 
ATOM   710  C  CB  . LYS A 1 129 ? 25.947  25.561  8.917   1.00 39.96  ? 129 LYS A CB  1 
ATOM   711  C  CG  . LYS A 1 129 ? 24.672  26.416  8.664   1.00 47.70  ? 129 LYS A CG  1 
ATOM   712  C  CD  . LYS A 1 129 ? 23.600  26.164  9.760   1.00 62.79  ? 129 LYS A CD  1 
ATOM   713  C  CE  . LYS A 1 129 ? 22.218  26.794  9.439   1.00 60.98  ? 129 LYS A CE  1 
ATOM   714  N  NZ  . LYS A 1 129 ? 21.047  26.226  10.232  1.00 38.32  ? 129 LYS A NZ  1 
ATOM   715  N  N   . ALA A 1 130 ? 27.926  23.276  8.542   1.00 47.26  ? 130 ALA A N   1 
ATOM   716  C  CA  . ALA A 1 130 ? 29.032  22.557  9.186   1.00 46.18  ? 130 ALA A CA  1 
ATOM   717  C  C   . ALA A 1 130 ? 30.269  22.471  8.297   1.00 42.21  ? 130 ALA A C   1 
ATOM   718  O  O   . ALA A 1 130 ? 30.180  22.544  7.063   1.00 37.62  ? 130 ALA A O   1 
ATOM   719  C  CB  . ALA A 1 130 ? 28.595  21.139  9.568   1.00 41.85  ? 130 ALA A CB  1 
ATOM   720  N  N   . THR A 1 131 ? 31.441  22.293  8.947   1.00 41.51  ? 131 THR A N   1 
ATOM   721  C  CA  . THR A 1 131 ? 32.729  22.200  8.246   1.00 36.85  ? 131 THR A CA  1 
ATOM   722  C  C   . THR A 1 131 ? 33.688  21.132  8.760   1.00 28.78  ? 131 THR A C   1 
ATOM   723  O  O   . THR A 1 131 ? 34.675  20.872  8.071   1.00 30.09  ? 131 THR A O   1 
ATOM   724  C  CB  . THR A 1 131 ? 33.477  23.541  8.275   1.00 30.98  ? 131 THR A CB  1 
ATOM   725  O  OG1 . THR A 1 131 ? 33.555  24.008  9.629   1.00 41.49  ? 131 THR A OG1 1 
ATOM   726  C  CG2 . THR A 1 131 ? 32.796  24.584  7.367   1.00 24.30  ? 131 THR A CG2 1 
ATOM   727  N  N   . ASP A 1 132 ? 33.461  20.517  9.924   1.00 28.03  ? 132 ASP A N   1 
ATOM   728  C  CA  . ASP A 1 132 ? 34.327  19.429  10.408  1.00 26.63  ? 132 ASP A CA  1 
ATOM   729  C  C   . ASP A 1 132 ? 34.063  18.142  9.615   1.00 26.51  ? 132 ASP A C   1 
ATOM   730  O  O   . ASP A 1 132 ? 32.910  17.716  9.499   1.00 27.83  ? 132 ASP A O   1 
ATOM   731  C  CB  . ASP A 1 132 ? 34.085  19.208  11.914  1.00 32.42  ? 132 ASP A CB  1 
ATOM   732  C  CG  . ASP A 1 132 ? 34.988  18.122  12.538  1.00 34.28  ? 132 ASP A CG  1 
ATOM   733  O  OD1 . ASP A 1 132 ? 35.908  17.608  11.871  1.00 33.94  ? 132 ASP A OD1 1 
ATOM   734  O  OD2 . ASP A 1 132 ? 34.775  17.788  13.728  1.00 32.30  ? 132 ASP A OD2 1 
ATOM   735  N  N   . PRO A 1 133 ? 35.093  17.503  9.051   1.00 22.46  ? 133 PRO A N   1 
ATOM   736  C  CA  . PRO A 1 133 ? 34.851  16.291  8.253   1.00 21.80  ? 133 PRO A CA  1 
ATOM   737  C  C   . PRO A 1 133 ? 34.230  15.132  9.021   1.00 22.15  ? 133 PRO A C   1 
ATOM   738  O  O   . PRO A 1 133 ? 33.725  14.204  8.378   1.00 23.77  ? 133 PRO A O   1 
ATOM   739  C  CB  . PRO A 1 133 ? 36.251  15.926  7.737   1.00 18.97  ? 133 PRO A CB  1 
ATOM   740  C  CG  . PRO A 1 133 ? 36.974  17.177  7.708   1.00 18.19  ? 133 PRO A CG  1 
ATOM   741  C  CD  . PRO A 1 133 ? 36.452  18.019  8.843   1.00 24.84  ? 133 PRO A CD  1 
ATOM   742  N  N   . VAL A 1 134 ? 34.250  15.126  10.354  1.00 19.74  ? 134 VAL A N   1 
ATOM   743  C  CA  . VAL A 1 134 ? 33.523  14.066  11.043  1.00 21.70  ? 134 VAL A CA  1 
ATOM   744  C  C   . VAL A 1 134 ? 32.071  14.469  11.232  1.00 22.47  ? 134 VAL A C   1 
ATOM   745  O  O   . VAL A 1 134 ? 31.160  13.645  11.091  1.00 21.23  ? 134 VAL A O   1 
ATOM   746  C  CB  . VAL A 1 134 ? 34.195  13.704  12.379  1.00 22.24  ? 134 VAL A CB  1 
ATOM   747  C  CG1 . VAL A 1 134 ? 33.962  12.215  12.706  1.00 21.77  ? 134 VAL A CG1 1 
ATOM   748  C  CG2 . VAL A 1 134 ? 35.679  14.037  12.328  1.00 23.40  ? 134 VAL A CG2 1 
ATOM   749  N  N   . GLU A 1 135 ? 31.827  15.745  11.531  1.00 22.88  ? 135 GLU A N   1 
ATOM   750  C  CA  . GLU A 1 135 ? 30.452  16.224  11.564  1.00 23.56  ? 135 GLU A CA  1 
ATOM   751  C  C   . GLU A 1 135 ? 29.811  16.180  10.185  1.00 22.01  ? 135 GLU A C   1 
ATOM   752  O  O   . GLU A 1 135 ? 28.631  15.838  10.068  1.00 24.25  ? 135 GLU A O   1 
ATOM   753  C  CB  . GLU A 1 135 ? 30.379  17.641  12.133  1.00 26.16  ? 135 GLU A CB  1 
ATOM   754  C  CG  . GLU A 1 135 ? 28.945  18.155  12.238  1.00 36.59  ? 135 GLU A CG  1 
ATOM   755  C  CD  . GLU A 1 135 ? 28.848  19.639  12.553  1.00 54.66  ? 135 GLU A CD  1 
ATOM   756  O  OE1 . GLU A 1 135 ? 29.858  20.358  12.362  1.00 53.47  ? 135 GLU A OE1 1 
ATOM   757  O  OE2 . GLU A 1 135 ? 27.751  20.081  12.981  1.00 60.45  ? 135 GLU A OE2 1 
ATOM   758  N  N   . ILE A 1 136 ? 30.559  16.508  9.128   1.00 22.53  ? 136 ILE A N   1 
ATOM   759  C  CA  . ILE A 1 136 ? 29.980  16.434  7.792   1.00 20.48  ? 136 ILE A CA  1 
ATOM   760  C  C   . ILE A 1 136 ? 29.713  14.986  7.409   1.00 21.79  ? 136 ILE A C   1 
ATOM   761  O  O   . ILE A 1 136 ? 28.757  14.698  6.679   1.00 23.16  ? 136 ILE A O   1 
ATOM   762  C  CB  . ILE A 1 136 ? 30.881  17.136  6.768   1.00 19.08  ? 136 ILE A CB  1 
ATOM   763  C  CG1 . ILE A 1 136 ? 31.064  18.598  7.151   1.00 23.56  ? 136 ILE A CG1 1 
ATOM   764  C  CG2 . ILE A 1 136 ? 30.269  17.057  5.396   1.00 22.38  ? 136 ILE A CG2 1 
ATOM   765  C  CD1 . ILE A 1 136 ? 32.106  19.306  6.328   1.00 25.68  ? 136 ILE A CD1 1 
ATOM   766  N  N   . ALA A 1 137 ? 30.518  14.046  7.917   1.00 19.93  ? 137 ALA A N   1 
ATOM   767  C  CA  . ALA A 1 137 ? 30.229  12.633  7.675   1.00 20.55  ? 137 ALA A CA  1 
ATOM   768  C  C   . ALA A 1 137 ? 28.991  12.156  8.430   1.00 20.49  ? 137 ALA A C   1 
ATOM   769  O  O   . ALA A 1 137 ? 28.236  11.330  7.908   1.00 18.36  ? 137 ALA A O   1 
ATOM   770  C  CB  . ALA A 1 137 ? 31.424  11.762  8.054   1.00 21.78  ? 137 ALA A CB  1 
ATOM   771  N  N   . GLN A 1 138 ? 28.760  12.633  9.653   1.00 20.37  ? 138 GLN A N   1 
ATOM   772  C  CA  . GLN A 1 138 ? 27.568  12.170  10.351  1.00 19.18  ? 138 GLN A CA  1 
ATOM   773  C  C   . GLN A 1 138 ? 26.313  12.902  9.894   1.00 14.31  ? 138 GLN A C   1 
ATOM   774  O  O   . GLN A 1 138 ? 25.213  12.397  10.095  1.00 15.85  ? 138 GLN A O   1 
ATOM   775  C  CB  . GLN A 1 138 ? 27.759  12.269  11.873  1.00 26.49  ? 138 GLN A CB  1 
ATOM   776  C  CG  . GLN A 1 138 ? 28.200  10.926  12.530  1.00 41.52  ? 138 GLN A CG  1 
ATOM   777  C  CD  . GLN A 1 138 ? 29.703  10.861  12.939  1.00 64.67  ? 138 GLN A CD  1 
ATOM   778  O  OE1 . GLN A 1 138 ? 30.061  11.198  14.078  1.00 66.29  ? 138 GLN A OE1 1 
ATOM   779  N  NE2 . GLN A 1 138 ? 30.572  10.397  12.019  1.00 46.10  ? 138 GLN A NE2 1 
ATOM   780  N  N   . LEU A 1 139 ? 26.438  14.049  9.244   1.00 13.10  ? 139 LEU A N   1 
ATOM   781  C  CA  . LEU A 1 139 ? 25.243  14.664  8.685   1.00 13.67  ? 139 LEU A CA  1 
ATOM   782  C  C   . LEU A 1 139 ? 24.859  14.015  7.359   1.00 14.14  ? 139 LEU A C   1 
ATOM   783  O  O   . LEU A 1 139 ? 23.683  13.704  7.128   1.00 14.31  ? 139 LEU A O   1 
ATOM   784  C  CB  . LEU A 1 139 ? 25.448  16.168  8.515   1.00 13.55  ? 139 LEU A CB  1 
ATOM   785  C  CG  . LEU A 1 139 ? 25.643  16.902  9.829   1.00 13.48  ? 139 LEU A CG  1 
ATOM   786  C  CD1 . LEU A 1 139 ? 25.446  18.375  9.650   1.00 21.59  ? 139 LEU A CD1 1 
ATOM   787  C  CD2 . LEU A 1 139 ? 24.679  16.351  10.837  1.00 20.85  ? 139 LEU A CD2 1 
ATOM   788  N  N   . LYS A 1 140 ? 25.830  13.808  6.470   1.00 12.56  ? 140 LYS A N   1 
ATOM   789  C  CA  . LYS A 1 140 ? 25.541  13.055  5.254   1.00 14.33  ? 140 LYS A CA  1 
ATOM   790  C  C   . LYS A 1 140 ? 24.901  11.712  5.589   1.00 11.97  ? 140 LYS A C   1 
ATOM   791  O  O   . LYS A 1 140 ? 23.888  11.324  4.993   1.00 10.64  ? 140 LYS A O   1 
ATOM   792  C  CB  . LYS A 1 140 ? 26.822  12.852  4.436   1.00 17.01  ? 140 LYS A CB  1 
ATOM   793  C  CG  . LYS A 1 140 ? 27.457  14.145  3.937   1.00 18.83  ? 140 LYS A CG  1 
ATOM   794  C  CD  . LYS A 1 140 ? 28.765  13.889  3.208   1.00 23.82  ? 140 LYS A CD  1 
ATOM   795  C  CE  . LYS A 1 140 ? 28.546  13.867  1.715   1.00 31.93  ? 140 LYS A CE  1 
ATOM   796  N  NZ  . LYS A 1 140 ? 29.827  13.950  0.986   1.00 39.45  ? 140 LYS A NZ  1 
ATOM   797  N  N   . ALA A 1 141 ? 25.476  11.003  6.562   1.00 12.13  ? 141 ALA A N   1 
ATOM   798  C  CA  . ALA A 1 141 ? 24.928  9.728   7.002   1.00 9.21   ? 141 ALA A CA  1 
ATOM   799  C  C   . ALA A 1 141 ? 23.465  9.862   7.377   1.00 12.16  ? 141 ALA A C   1 
ATOM   800  O  O   . ALA A 1 141 ? 22.625  9.064   6.945   1.00 13.78  ? 141 ALA A O   1 
ATOM   801  C  CB  . ALA A 1 141 ? 25.729  9.214   8.193   1.00 10.36  ? 141 ALA A CB  1 
ATOM   802  N  N   . ASP A 1 142 ? 23.144  10.876  8.185   1.00 15.27  ? 142 ASP A N   1 
ATOM   803  C  CA  . ASP A 1 142 ? 21.810  11.020  8.751   1.00 12.32  ? 142 ASP A CA  1 
ATOM   804  C  C   . ASP A 1 142 ? 20.825  11.529  7.718   1.00 10.61  ? 142 ASP A C   1 
ATOM   805  O  O   . ASP A 1 142 ? 19.681  11.074  7.681   1.00 12.58  ? 142 ASP A O   1 
ATOM   806  C  CB  . ASP A 1 142 ? 21.842  11.962  9.957   1.00 17.21  ? 142 ASP A CB  1 
ATOM   807  C  CG  . ASP A 1 142 ? 22.444  11.311  11.198  1.00 26.28  ? 142 ASP A CG  1 
ATOM   808  O  OD1 . ASP A 1 142 ? 22.634  10.069  11.170  1.00 24.47  ? 142 ASP A OD1 1 
ATOM   809  O  OD2 . ASP A 1 142 ? 22.714  12.034  12.199  1.00 35.65  ? 142 ASP A OD2 1 
ATOM   810  N  N   . LEU A 1 143 ? 21.244  12.480  6.886   1.00 10.73  ? 143 LEU A N   1 
ATOM   811  C  CA  . LEU A 1 143 ? 20.368  12.943  5.819   1.00 11.88  ? 143 LEU A CA  1 
ATOM   812  C  C   . LEU A 1 143 ? 19.938  11.790  4.922   1.00 8.57   ? 143 LEU A C   1 
ATOM   813  O  O   . LEU A 1 143 ? 18.800  11.754  4.448   1.00 9.27   ? 143 LEU A O   1 
ATOM   814  C  CB  . LEU A 1 143 ? 21.067  14.040  5.021   1.00 10.41  ? 143 LEU A CB  1 
ATOM   815  C  CG  . LEU A 1 143 ? 20.380  14.628  3.799   1.00 9.11   ? 143 LEU A CG  1 
ATOM   816  C  CD1 . LEU A 1 143 ? 18.898  14.830  3.981   1.00 11.99  ? 143 LEU A CD1 1 
ATOM   817  C  CD2 . LEU A 1 143 ? 21.032  15.936  3.590   1.00 14.82  ? 143 LEU A CD2 1 
ATOM   818  N  N   . HIS A 1 144 ? 20.820  10.830  4.696   1.00 7.50   ? 144 HIS A N   1 
ATOM   819  C  CA  . HIS A 1 144 ? 20.401  9.632   3.992   1.00 8.55   ? 144 HIS A CA  1 
ATOM   820  C  C   . HIS A 1 144 ? 19.221  8.975   4.699   1.00 8.46   ? 144 HIS A C   1 
ATOM   821  O  O   . HIS A 1 144 ? 18.137  8.844   4.123   1.00 10.44  ? 144 HIS A O   1 
ATOM   822  C  CB  . HIS A 1 144 ? 21.571  8.663   3.873   1.00 9.00   ? 144 HIS A CB  1 
ATOM   823  C  CG  . HIS A 1 144 ? 21.233  7.422   3.117   1.00 8.22   ? 144 HIS A CG  1 
ATOM   824  N  ND1 . HIS A 1 144 ? 20.820  7.444   1.802   1.00 8.05   ? 144 HIS A ND1 1 
ATOM   825  C  CD2 . HIS A 1 144 ? 21.217  6.124   3.497   1.00 9.49   ? 144 HIS A CD2 1 
ATOM   826  C  CE1 . HIS A 1 144 ? 20.579  6.210   1.400   1.00 9.07   ? 144 HIS A CE1 1 
ATOM   827  N  NE2 . HIS A 1 144 ? 20.814  5.389   2.409   1.00 8.85   ? 144 HIS A NE2 1 
ATOM   828  N  N   . ILE A 1 145 ? 19.412  8.569   5.958   1.00 8.22   ? 145 ILE A N   1 
ATOM   829  C  CA  . ILE A 1 145 ? 18.338  7.948   6.737   1.00 8.02   ? 145 ILE A CA  1 
ATOM   830  C  C   . ILE A 1 145 ? 17.048  8.756   6.644   1.00 8.51   ? 145 ILE A C   1 
ATOM   831  O  O   . ILE A 1 145 ? 15.955  8.197   6.488   1.00 9.01   ? 145 ILE A O   1 
ATOM   832  C  CB  . ILE A 1 145 ? 18.775  7.770   8.203   1.00 5.92   ? 145 ILE A CB  1 
ATOM   833  C  CG1 . ILE A 1 145 ? 20.027  6.916   8.276   1.00 6.62   ? 145 ILE A CG1 1 
ATOM   834  C  CG2 . ILE A 1 145 ? 17.694  7.128   8.999   1.00 5.15   ? 145 ILE A CG2 1 
ATOM   835  C  CD1 . ILE A 1 145 ? 20.427  6.591   9.660   1.00 8.25   ? 145 ILE A CD1 1 
ATOM   836  N  N   . ALA A 1 146 ? 17.150  10.082  6.730   1.00 8.41   ? 146 ALA A N   1 
ATOM   837  C  CA  . ALA A 1 146 ? 15.951  10.903  6.632   1.00 7.91   ? 146 ALA A CA  1 
ATOM   838  C  C   . ALA A 1 146 ? 15.301  10.730  5.266   1.00 8.46   ? 146 ALA A C   1 
ATOM   839  O  O   . ALA A 1 146 ? 14.105  10.429  5.167   1.00 8.99   ? 146 ALA A O   1 
ATOM   840  C  CB  . ALA A 1 146 ? 16.292  12.369  6.913   1.00 8.16   ? 146 ALA A CB  1 
ATOM   841  N  N   . GLN A 1 147 ? 16.092  10.853  4.199   1.00 8.33   ? 147 GLN A N   1 
ATOM   842  C  CA  . GLN A 1 147 ? 15.533  10.782  2.856   1.00 8.56   ? 147 GLN A CA  1 
ATOM   843  C  C   . GLN A 1 147 ? 14.923  9.424   2.542   1.00 8.05   ? 147 GLN A C   1 
ATOM   844  O  O   . GLN A 1 147 ? 14.000  9.341   1.725   1.00 7.56   ? 147 GLN A O   1 
ATOM   845  C  CB  . GLN A 1 147 ? 16.602  11.120  1.834   1.00 10.27  ? 147 GLN A CB  1 
ATOM   846  C  CG  . GLN A 1 147 ? 16.381  12.476  1.243   1.00 14.27  ? 147 GLN A CG  1 
ATOM   847  C  CD  . GLN A 1 147 ? 17.660  13.218  1.091   1.00 23.68  ? 147 GLN A CD  1 
ATOM   848  O  OE1 . GLN A 1 147 ? 18.735  12.610  1.076   1.00 21.32  ? 147 GLN A OE1 1 
ATOM   849  N  NE2 . GLN A 1 147 ? 17.571  14.548  0.991   1.00 36.50  ? 147 GLN A NE2 1 
ATOM   850  N  N   . VAL A 1 148 ? 15.425  8.354   3.158   1.00 8.66   ? 148 VAL A N   1 
ATOM   851  C  CA  . VAL A 1 148 ? 14.819  7.045   2.940   1.00 8.01   ? 148 VAL A CA  1 
ATOM   852  C  C   . VAL A 1 148 ? 13.567  6.882   3.789   1.00 7.61   ? 148 VAL A C   1 
ATOM   853  O  O   . VAL A 1 148 ? 12.625  6.205   3.370   1.00 8.21   ? 148 VAL A O   1 
ATOM   854  C  CB  . VAL A 1 148 ? 15.831  5.923   3.207   1.00 7.32   ? 148 VAL A CB  1 
ATOM   855  C  CG1 . VAL A 1 148 ? 15.267  4.602   2.749   1.00 7.26   ? 148 VAL A CG1 1 
ATOM   856  C  CG2 . VAL A 1 148 ? 17.125  6.214   2.493   1.00 7.38   ? 148 VAL A CG2 1 
ATOM   857  N  N   . ASP A 1 149 ? 13.531  7.489   4.983   1.00 7.51   ? 149 ASP A N   1 
ATOM   858  C  CA  . ASP A 1 149 ? 12.285  7.577   5.737   1.00 6.29   ? 149 ASP A CA  1 
ATOM   859  C  C   . ASP A 1 149 ? 11.192  8.204   4.897   1.00 6.64   ? 149 ASP A C   1 
ATOM   860  O  O   . ASP A 1 149 ? 10.057  7.726   4.877   1.00 7.28   ? 149 ASP A O   1 
ATOM   861  C  CB  . ASP A 1 149 ? 12.482  8.403   7.001   1.00 7.59   ? 149 ASP A CB  1 
ATOM   862  C  CG  . ASP A 1 149 ? 13.278  7.681   8.053   1.00 9.85   ? 149 ASP A CG  1 
ATOM   863  O  OD1 . ASP A 1 149 ? 13.533  6.469   7.863   1.00 9.93   ? 149 ASP A OD1 1 
ATOM   864  O  OD2 . ASP A 1 149 ? 13.636  8.323   9.076   1.00 8.65   ? 149 ASP A OD2 1 
ATOM   865  N  N   . ILE A 1 150 ? 11.525  9.283   4.193   1.00 6.79   ? 150 ILE A N   1 
ATOM   866  C  CA  . ILE A 1 150 ? 10.539  10.019  3.412   1.00 6.31   ? 150 ILE A CA  1 
ATOM   867  C  C   . ILE A 1 150 ? 9.905   9.133   2.350   1.00 6.98   ? 150 ILE A C   1 
ATOM   868  O  O   . ILE A 1 150 ? 8.692   9.177   2.142   1.00 8.19   ? 150 ILE A O   1 
ATOM   869  C  CB  . ILE A 1 150 ? 11.194  11.265  2.803   1.00 6.01   ? 150 ILE A CB  1 
ATOM   870  C  CG1 . ILE A 1 150 ? 11.623  12.202  3.918   1.00 6.55   ? 150 ILE A CG1 1 
ATOM   871  C  CG2 . ILE A 1 150 ? 10.246  11.970  1.880   1.00 7.84   ? 150 ILE A CG2 1 
ATOM   872  C  CD1 . ILE A 1 150 ? 12.404  13.377  3.456   1.00 7.95   ? 150 ILE A CD1 1 
ATOM   873  N  N   . ASP A 1 151 ? 10.701  8.309   1.671   1.00 8.58   ? 151 ASP A N   1 
ATOM   874  C  CA  . ASP A 1 151 ? 10.164  7.419   0.640   1.00 9.45   ? 151 ASP A CA  1 
ATOM   875  C  C   . ASP A 1 151 ? 9.502   6.181   1.219   1.00 7.39   ? 151 ASP A C   1 
ATOM   876  O  O   . ASP A 1 151 ? 8.623   5.593   0.586   1.00 7.24   ? 151 ASP A O   1 
ATOM   877  C  CB  . ASP A 1 151 ? 11.272  7.001   -0.319  1.00 12.13  ? 151 ASP A CB  1 
ATOM   878  C  CG  . ASP A 1 151 ? 11.802  8.168   -1.108  1.00 18.62  ? 151 ASP A CG  1 
ATOM   879  O  OD1 . ASP A 1 151 ? 11.249  9.277   -0.923  1.00 21.84  ? 151 ASP A OD1 1 
ATOM   880  O  OD2 . ASP A 1 151 ? 12.750  7.988   -1.905  1.00 20.36  ? 151 ASP A OD2 1 
ATOM   881  N  N   . TYR A 1 152 ? 9.923   5.754   2.397   1.00 6.77   ? 152 TYR A N   1 
ATOM   882  C  CA  . TYR A 1 152 ? 9.213   4.698   3.089   1.00 6.35   ? 152 TYR A CA  1 
ATOM   883  C  C   . TYR A 1 152 ? 7.761   5.095   3.327   1.00 8.32   ? 152 TYR A C   1 
ATOM   884  O  O   . TYR A 1 152 ? 6.834   4.365   2.969   1.00 10.12  ? 152 TYR A O   1 
ATOM   885  C  CB  . TYR A 1 152 ? 9.937   4.420   4.390   1.00 5.26   ? 152 TYR A CB  1 
ATOM   886  C  CG  . TYR A 1 152 ? 9.342   3.349   5.227   1.00 6.08   ? 152 TYR A CG  1 
ATOM   887  C  CD1 . TYR A 1 152 ? 9.685   2.031   5.040   1.00 8.03   ? 152 TYR A CD1 1 
ATOM   888  C  CD2 . TYR A 1 152 ? 8.454   3.656   6.229   1.00 7.57   ? 152 TYR A CD2 1 
ATOM   889  C  CE1 . TYR A 1 152 ? 9.147   1.042   5.831   1.00 9.28   ? 152 TYR A CE1 1 
ATOM   890  C  CE2 . TYR A 1 152 ? 7.910   2.675   7.024   1.00 8.55   ? 152 TYR A CE2 1 
ATOM   891  C  CZ  . TYR A 1 152 ? 8.261   1.372   6.823   1.00 7.66   ? 152 TYR A CZ  1 
ATOM   892  O  OH  . TYR A 1 152 ? 7.717   0.391   7.611   1.00 7.56   ? 152 TYR A OH  1 
ATOM   893  N  N   . THR A 1 153 ? 7.543   6.276   3.902   1.00 9.33   ? 153 THR A N   1 
ATOM   894  C  CA  . THR A 1 153 ? 6.181   6.694   4.211   1.00 7.42   ? 153 THR A CA  1 
ATOM   895  C  C   . THR A 1 153 ? 5.365   6.887   2.944   1.00 7.83   ? 153 THR A C   1 
ATOM   896  O  O   . THR A 1 153 ? 4.138   6.757   2.975   1.00 10.75  ? 153 THR A O   1 
ATOM   897  C  CB  . THR A 1 153 ? 6.211   7.978   5.031   1.00 7.27   ? 153 THR A CB  1 
ATOM   898  O  OG1 . THR A 1 153 ? 6.805   9.005   4.242   1.00 8.26   ? 153 THR A OG1 1 
ATOM   899  C  CG2 . THR A 1 153 ? 7.056   7.796   6.269   1.00 6.64   ? 153 THR A CG2 1 
ATOM   900  N  N   . LYS A 1 154 ? 6.023   7.172   1.820   1.00 7.71   ? 154 LYS A N   1 
ATOM   901  C  CA  . LYS A 1 154 ? 5.318   7.341   0.553   1.00 8.87   ? 154 LYS A CA  1 
ATOM   902  C  C   . LYS A 1 154 ? 4.998   6.001   -0.103  1.00 12.05  ? 154 LYS A C   1 
ATOM   903  O  O   . LYS A 1 154 ? 3.824   5.682   -0.310  1.00 14.57  ? 154 LYS A O   1 
ATOM   904  C  CB  . LYS A 1 154 ? 6.123   8.223   -0.408  1.00 10.96  ? 154 LYS A CB  1 
ATOM   905  C  CG  . LYS A 1 154 ? 6.101   9.712   -0.047  1.00 14.15  ? 154 LYS A CG  1 
ATOM   906  C  CD  . LYS A 1 154 ? 7.305   10.519  -0.597  1.00 15.29  ? 154 LYS A CD  1 
ATOM   907  C  CE  . LYS A 1 154 ? 7.212   10.749  -2.111  1.00 23.98  ? 154 LYS A CE  1 
ATOM   908  N  NZ  . LYS A 1 154 ? 8.419   11.447  -2.688  1.00 25.15  ? 154 LYS A NZ  1 
ATOM   909  N  N   . TYR A 1 155 ? 6.021   5.191   -0.425  1.00 12.30  ? 155 TYR A N   1 
ATOM   910  C  CA  . TYR A 1 155 ? 5.851   4.018   -1.290  1.00 11.27  ? 155 TYR A CA  1 
ATOM   911  C  C   . TYR A 1 155 ? 5.732   2.686   -0.551  1.00 10.89  ? 155 TYR A C   1 
ATOM   912  O  O   . TYR A 1 155 ? 5.610   1.652   -1.207  1.00 14.81  ? 155 TYR A O   1 
ATOM   913  C  CB  . TYR A 1 155 ? 6.998   3.925   -2.302  1.00 11.79  ? 155 TYR A CB  1 
ATOM   914  C  CG  . TYR A 1 155 ? 7.192   5.191   -3.083  1.00 15.36  ? 155 TYR A CG  1 
ATOM   915  C  CD1 . TYR A 1 155 ? 6.495   5.423   -4.260  1.00 18.57  ? 155 TYR A CD1 1 
ATOM   916  C  CD2 . TYR A 1 155 ? 8.060   6.171   -2.628  1.00 16.21  ? 155 TYR A CD2 1 
ATOM   917  C  CE1 . TYR A 1 155 ? 6.662   6.609   -4.973  1.00 21.64  ? 155 TYR A CE1 1 
ATOM   918  C  CE2 . TYR A 1 155 ? 8.242   7.349   -3.324  1.00 21.21  ? 155 TYR A CE2 1 
ATOM   919  C  CZ  . TYR A 1 155 ? 7.538   7.573   -4.497  1.00 27.58  ? 155 TYR A CZ  1 
ATOM   920  O  OH  . TYR A 1 155 ? 7.729   8.760   -5.185  1.00 30.00  ? 155 TYR A OH  1 
ATOM   921  N  N   . PHE A 1 156 ? 5.771   2.665   0.772   1.00 9.47   ? 156 PHE A N   1 
ATOM   922  C  CA  . PHE A 1 156 ? 5.374   1.469   1.497   1.00 9.66   ? 156 PHE A CA  1 
ATOM   923  C  C   . PHE A 1 156 ? 4.003   1.017   0.992   1.00 14.49  ? 156 PHE A C   1 
ATOM   924  O  O   . PHE A 1 156 ? 3.093   1.849   0.883   1.00 16.30  ? 156 PHE A O   1 
ATOM   925  C  CB  . PHE A 1 156 ? 5.316   1.773   2.993   1.00 8.33   ? 156 PHE A CB  1 
ATOM   926  C  CG  . PHE A 1 156 ? 4.988   0.594   3.844   1.00 9.78   ? 156 PHE A CG  1 
ATOM   927  C  CD1 . PHE A 1 156 ? 3.682   0.225   4.082   1.00 15.15  ? 156 PHE A CD1 1 
ATOM   928  C  CD2 . PHE A 1 156 ? 5.984   -0.134  4.441   1.00 11.53  ? 156 PHE A CD2 1 
ATOM   929  C  CE1 . PHE A 1 156 ? 3.381   -0.876  4.885   1.00 13.52  ? 156 PHE A CE1 1 
ATOM   930  C  CE2 . PHE A 1 156 ? 5.683   -1.221  5.246   1.00 12.23  ? 156 PHE A CE2 1 
ATOM   931  C  CZ  . PHE A 1 156 ? 4.379   -1.589  5.464   1.00 10.40  ? 156 PHE A CZ  1 
ATOM   932  N  N   . PRO A 1 157 ? 3.811   -0.273  0.683   1.00 16.65  ? 157 PRO A N   1 
ATOM   933  C  CA  . PRO A 1 157 ? 2.649   -0.659  -0.124  1.00 19.13  ? 157 PRO A CA  1 
ATOM   934  C  C   . PRO A 1 157 ? 1.337   -0.273  0.535   1.00 18.84  ? 157 PRO A C   1 
ATOM   935  O  O   . PRO A 1 157 ? 1.194   -0.272  1.760   1.00 14.48  ? 157 PRO A O   1 
ATOM   936  C  CB  . PRO A 1 157 ? 2.788   -2.179  -0.254  1.00 18.88  ? 157 PRO A CB  1 
ATOM   937  C  CG  . PRO A 1 157 ? 4.156   -2.466  0.083   1.00 17.32  ? 157 PRO A CG  1 
ATOM   938  C  CD  . PRO A 1 157 ? 4.538   -1.463  1.123   1.00 17.49  ? 157 PRO A CD  1 
ATOM   939  N  N   . PHE A 1 158 ? 0.377   0.087   -0.308  1.00 20.54  ? 158 PHE A N   1 
ATOM   940  C  CA  . PHE A 1 158 ? -0.888  0.563   0.211   1.00 19.56  ? 158 PHE A CA  1 
ATOM   941  C  C   . PHE A 1 158 ? -1.610  -0.526  0.961   1.00 25.19  ? 158 PHE A C   1 
ATOM   942  O  O   . PHE A 1 158 ? -2.119  -0.291  2.061   1.00 28.51  ? 158 PHE A O   1 
ATOM   943  C  CB  . PHE A 1 158 ? -1.731  1.090   -0.924  1.00 17.13  ? 158 PHE A CB  1 
ATOM   944  C  CG  . PHE A 1 158 ? -1.284  2.411   -1.363  1.00 18.31  ? 158 PHE A CG  1 
ATOM   945  C  CD1 . PHE A 1 158 ? -1.081  3.394   -0.424  1.00 17.23  ? 158 PHE A CD1 1 
ATOM   946  C  CD2 . PHE A 1 158 ? -0.986  2.668   -2.679  1.00 21.20  ? 158 PHE A CD2 1 
ATOM   947  C  CE1 . PHE A 1 158 ? -0.644  4.630   -0.794  1.00 17.93  ? 158 PHE A CE1 1 
ATOM   948  C  CE2 . PHE A 1 158 ? -0.551  3.906   -3.052  1.00 18.55  ? 158 PHE A CE2 1 
ATOM   949  C  CZ  . PHE A 1 158 ? -0.372  4.887   -2.105  1.00 16.67  ? 158 PHE A CZ  1 
HETATM 950  N  N   . MSE A 1 159 ? -1.625  -1.732  0.403   1.00 25.27  ? 159 MSE A N   1 
HETATM 951  C  CA  . MSE A 1 159 ? -2.516  -2.767  0.882   1.00 27.86  ? 159 MSE A CA  1 
HETATM 952  C  C   . MSE A 1 159 ? -1.818  -3.680  1.847   1.00 26.66  ? 159 MSE A C   1 
HETATM 953  O  O   . MSE A 1 159 ? -2.267  -4.789  2.101   1.00 35.57  ? 159 MSE A O   1 
HETATM 954  C  CB  . MSE A 1 159 ? -3.082  -3.553  -0.282  1.00 32.84  ? 159 MSE A CB  1 
HETATM 955  C  CG  . MSE A 1 159 ? -3.592  -2.649  -1.342  1.00 39.24  ? 159 MSE A CG  1 
HETATM 956  SE SE  . MSE A 1 159 ? -4.658  -3.542  -2.666  1.00 75.19  ? 159 MSE A SE  1 
HETATM 957  C  CE  . MSE A 1 159 ? -3.801  -2.723  -4.244  1.00 37.85  ? 159 MSE A CE  1 
ATOM   958  N  N   . GLU A 1 160 ? -0.710  -3.202  2.390   1.00 25.30  ? 160 GLU A N   1 
ATOM   959  C  CA  . GLU A 1 160 ? -0.091  -3.869  3.511   1.00 23.58  ? 160 GLU A CA  1 
ATOM   960  C  C   . GLU A 1 160 ? -0.138  -2.932  4.708   1.00 18.94  ? 160 GLU A C   1 
ATOM   961  O  O   . GLU A 1 160 ? 0.079   -1.722  4.547   1.00 20.83  ? 160 GLU A O   1 
ATOM   962  C  CB  . GLU A 1 160 ? 1.363   -4.279  3.179   1.00 25.46  ? 160 GLU A CB  1 
ATOM   963  C  CG  . GLU A 1 160 ? 1.489   -4.880  1.765   1.00 32.32  ? 160 GLU A CG  1 
ATOM   964  C  CD  . GLU A 1 160 ? 2.705   -5.778  1.541   1.00 42.55  ? 160 GLU A CD  1 
ATOM   965  O  OE1 . GLU A 1 160 ? 3.278   -6.288  2.544   1.00 42.22  ? 160 GLU A OE1 1 
ATOM   966  O  OE2 . GLU A 1 160 ? 3.062   -5.978  0.341   1.00 40.06  ? 160 GLU A OE2 1 
ATOM   967  N  N   . PRO A 1 161 ? -0.492  -3.429  5.893   1.00 14.29  ? 161 PRO A N   1 
ATOM   968  C  CA  . PRO A 1 161 ? -0.575  -2.547  7.060   1.00 14.29  ? 161 PRO A CA  1 
ATOM   969  C  C   . PRO A 1 161 ? 0.747   -1.838  7.292   1.00 16.44  ? 161 PRO A C   1 
ATOM   970  O  O   . PRO A 1 161 ? 1.821   -2.423  7.134   1.00 17.68  ? 161 PRO A O   1 
ATOM   971  C  CB  . PRO A 1 161 ? -0.930  -3.494  8.209   1.00 10.56  ? 161 PRO A CB  1 
ATOM   972  C  CG  . PRO A 1 161 ? -0.628  -4.829  7.711   1.00 13.95  ? 161 PRO A CG  1 
ATOM   973  C  CD  . PRO A 1 161 ? -0.835  -4.810  6.234   1.00 14.08  ? 161 PRO A CD  1 
ATOM   974  N  N   . TYR A 1 162 ? 0.656   -0.551  7.620   1.00 16.27  ? 162 TYR A N   1 
ATOM   975  C  CA  . TYR A 1 162 ? 1.824   0.307   7.688   1.00 11.88  ? 162 TYR A CA  1 
ATOM   976  C  C   . TYR A 1 162 ? 2.550   0.106   9.015   1.00 11.14  ? 162 TYR A C   1 
ATOM   977  O  O   . TYR A 1 162 ? 1.921   -0.083  10.067  1.00 8.90   ? 162 TYR A O   1 
ATOM   978  C  CB  . TYR A 1 162 ? 1.415   1.770   7.491   1.00 11.27  ? 162 TYR A CB  1 
ATOM   979  C  CG  . TYR A 1 162 ? 2.573   2.738   7.569   1.00 12.09  ? 162 TYR A CG  1 
ATOM   980  C  CD1 . TYR A 1 162 ? 3.429   2.918   6.486   1.00 11.68  ? 162 TYR A CD1 1 
ATOM   981  C  CD2 . TYR A 1 162 ? 2.823   3.463   8.729   1.00 9.54   ? 162 TYR A CD2 1 
ATOM   982  C  CE1 . TYR A 1 162 ? 4.492   3.793   6.556   1.00 7.73   ? 162 TYR A CE1 1 
ATOM   983  C  CE2 . TYR A 1 162 ? 3.879   4.328   8.802   1.00 7.55   ? 162 TYR A CE2 1 
ATOM   984  C  CZ  . TYR A 1 162 ? 4.705   4.486   7.715   1.00 6.75   ? 162 TYR A CZ  1 
ATOM   985  O  OH  . TYR A 1 162 ? 5.757   5.354   7.790   1.00 8.22   ? 162 TYR A OH  1 
ATOM   986  N  N   . VAL A 1 163 ? 3.886   0.127   8.946   1.00 11.94  ? 163 VAL A N   1 
ATOM   987  C  CA  . VAL A 1 163 ? 4.776   -0.123  10.081  1.00 10.82  ? 163 VAL A CA  1 
ATOM   988  C  C   . VAL A 1 163 ? 5.476   1.187   10.426  1.00 12.05  ? 163 VAL A C   1 
ATOM   989  O  O   . VAL A 1 163 ? 6.425   1.596   9.744   1.00 11.56  ? 163 VAL A O   1 
ATOM   990  C  CB  . VAL A 1 163 ? 5.798   -1.215  9.771   1.00 6.47   ? 163 VAL A CB  1 
ATOM   991  C  CG1 . VAL A 1 163 ? 6.348   -1.732  11.043  1.00 7.30   ? 163 VAL A CG1 1 
ATOM   992  C  CG2 . VAL A 1 163 ? 5.158   -2.312  8.987   1.00 8.07   ? 163 VAL A CG2 1 
ATOM   993  N  N   . SER A 1 164 ? 5.039   1.829   11.507  1.00 11.19  ? 164 SER A N   1 
ATOM   994  C  CA  . SER A 1 164 ? 5.513   3.166   11.845  1.00 11.32  ? 164 SER A CA  1 
ATOM   995  C  C   . SER A 1 164 ? 7.010   3.173   12.176  1.00 13.49  ? 164 SER A C   1 
ATOM   996  O  O   . SER A 1 164 ? 7.467   2.477   13.089  1.00 15.62  ? 164 SER A O   1 
ATOM   997  C  CB  . SER A 1 164 ? 4.691   3.702   13.014  1.00 12.93  ? 164 SER A CB  1 
ATOM   998  O  OG  . SER A 1 164 ? 5.507   4.402   13.937  1.00 16.52  ? 164 SER A OG  1 
ATOM   999  N  N   . LEU A 1 165 ? 7.777   3.968   11.426  1.00 11.82  ? 165 LEU A N   1 
ATOM   1000 C  CA  . LEU A 1 165 ? 9.190   4.151   11.740  1.00 12.26  ? 165 LEU A CA  1 
ATOM   1001 C  C   . LEU A 1 165 ? 9.392   4.775   13.113  1.00 16.73  ? 165 LEU A C   1 
ATOM   1002 O  O   . LEU A 1 165 ? 10.407  4.518   13.774  1.00 19.80  ? 165 LEU A O   1 
ATOM   1003 C  CB  . LEU A 1 165 ? 9.841   5.047   10.696  1.00 10.02  ? 165 LEU A CB  1 
ATOM   1004 C  CG  . LEU A 1 165 ? 9.619   4.656   9.251   1.00 7.57   ? 165 LEU A CG  1 
ATOM   1005 C  CD1 . LEU A 1 165 ? 10.007  5.805   8.362   1.00 7.62   ? 165 LEU A CD1 1 
ATOM   1006 C  CD2 . LEU A 1 165 ? 10.460  3.445   8.953   1.00 7.85   ? 165 LEU A CD2 1 
ATOM   1007 N  N   . TYR A 1 166 ? 8.441   5.587   13.560  1.00 17.41  ? 166 TYR A N   1 
ATOM   1008 C  CA  . TYR A 1 166 ? 8.705   6.583   14.581  1.00 20.75  ? 166 TYR A CA  1 
ATOM   1009 C  C   . TYR A 1 166 ? 7.962   6.370   15.894  1.00 28.13  ? 166 TYR A C   1 
ATOM   1010 O  O   . TYR A 1 166 ? 8.247   7.082   16.867  1.00 29.65  ? 166 TYR A O   1 
ATOM   1011 C  CB  . TYR A 1 166 ? 8.371   7.966   14.021  1.00 16.42  ? 166 TYR A CB  1 
ATOM   1012 C  CG  . TYR A 1 166 ? 9.305   8.406   12.927  1.00 12.62  ? 166 TYR A CG  1 
ATOM   1013 C  CD1 . TYR A 1 166 ? 10.584  7.885   12.833  1.00 13.24  ? 166 TYR A CD1 1 
ATOM   1014 C  CD2 . TYR A 1 166 ? 8.912   9.359   12.000  1.00 10.45  ? 166 TYR A CD2 1 
ATOM   1015 C  CE1 . TYR A 1 166 ? 11.442  8.299   11.843  1.00 14.28  ? 166 TYR A CE1 1 
ATOM   1016 C  CE2 . TYR A 1 166 ? 9.755   9.780   11.011  1.00 10.14  ? 166 TYR A CE2 1 
ATOM   1017 C  CZ  . TYR A 1 166 ? 11.020  9.254   10.932  1.00 13.38  ? 166 TYR A CZ  1 
ATOM   1018 O  OH  . TYR A 1 166 ? 11.866  9.686   9.937   1.00 12.80  ? 166 TYR A OH  1 
ATOM   1019 N  N   . ALA A 1 167 ? 7.029   5.418   15.966  1.00 25.15  ? 167 ALA A N   1 
ATOM   1020 C  CA  . ALA A 1 167 ? 6.237   5.277   17.183  1.00 25.09  ? 167 ALA A CA  1 
ATOM   1021 C  C   . ALA A 1 167 ? 7.040   4.686   18.336  1.00 29.48  ? 167 ALA A C   1 
ATOM   1022 O  O   . ALA A 1 167 ? 6.811   5.047   19.494  1.00 34.29  ? 167 ALA A O   1 
ATOM   1023 C  CB  . ALA A 1 167 ? 5.003   4.428   16.906  1.00 19.81  ? 167 ALA A CB  1 
ATOM   1024 N  N   . GLN A 1 168 ? 7.964   3.771   18.045  1.00 34.63  ? 168 GLN A N   1 
ATOM   1025 C  CA  . GLN A 1 168 ? 8.885   3.271   19.062  1.00 37.82  ? 168 GLN A CA  1 
ATOM   1026 C  C   . GLN A 1 168 ? 9.608   4.401   19.786  1.00 39.13  ? 168 GLN A C   1 
ATOM   1027 O  O   . GLN A 1 168 ? 10.003  4.246   20.950  1.00 42.58  ? 168 GLN A O   1 
ATOM   1028 C  CB  . GLN A 1 168 ? 9.909   2.340   18.406  1.00 43.14  ? 168 GLN A CB  1 
ATOM   1029 C  CG  . GLN A 1 168 ? 10.575  2.960   17.170  1.00 37.79  ? 168 GLN A CG  1 
ATOM   1030 C  CD  . GLN A 1 168 ? 11.739  2.135   16.619  1.00 44.39  ? 168 GLN A CD  1 
ATOM   1031 O  OE1 . GLN A 1 168 ? 12.450  2.579   15.706  1.00 41.32  ? 168 GLN A OE1 1 
ATOM   1032 N  NE2 . GLN A 1 168 ? 11.941  0.935   17.170  1.00 37.31  ? 168 GLN A NE2 1 
ATOM   1033 N  N   . VAL A 1 169 ? 9.798   5.538   19.113  1.00 37.94  ? 169 VAL A N   1 
ATOM   1034 C  CA  . VAL A 1 169 ? 10.598  6.625   19.665  1.00 39.70  ? 169 VAL A CA  1 
ATOM   1035 C  C   . VAL A 1 169 ? 9.810   7.297   20.779  1.00 43.53  ? 169 VAL A C   1 
ATOM   1036 O  O   . VAL A 1 169 ? 8.688   7.779   20.567  1.00 38.28  ? 169 VAL A O   1 
ATOM   1037 C  CB  . VAL A 1 169 ? 11.001  7.631   18.574  1.00 39.96  ? 169 VAL A CB  1 
ATOM   1038 C  CG1 . VAL A 1 169 ? 11.758  8.814   19.178  1.00 39.90  ? 169 VAL A CG1 1 
ATOM   1039 C  CG2 . VAL A 1 169 ? 11.845  6.955   17.502  1.00 31.12  ? 169 VAL A CG2 1 
ATOM   1040 N  N   . ARG A 1 170 ? 10.391  7.309   21.974  1.00 51.07  ? 170 ARG A N   1 
ATOM   1041 C  CA  . ARG A 1 170 ? 9.757   7.936   23.124  1.00 63.59  ? 170 ARG A CA  1 
ATOM   1042 C  C   . ARG A 1 170 ? 9.769   9.454   22.959  1.00 59.13  ? 170 ARG A C   1 
ATOM   1043 O  O   . ARG A 1 170 ? 10.773  10.040  22.539  1.00 47.23  ? 170 ARG A O   1 
ATOM   1044 C  CB  . ARG A 1 170 ? 10.477  7.505   24.398  1.00 69.05  ? 170 ARG A CB  1 
ATOM   1045 C  CG  . ARG A 1 170 ? 10.735  6.006   24.441  1.00 65.00  ? 170 ARG A CG  1 
ATOM   1046 C  CD  . ARG A 1 170 ? 11.637  5.653   25.608  1.00 89.73  ? 170 ARG A CD  1 
ATOM   1047 N  NE  . ARG A 1 170 ? 11.708  4.212   25.837  1.00 103.68 ? 170 ARG A NE  1 
ATOM   1048 C  CZ  . ARG A 1 170 ? 12.143  3.653   26.965  1.00 98.76  ? 170 ARG A CZ  1 
ATOM   1049 N  NH1 . ARG A 1 170 ? 12.546  4.412   27.980  1.00 99.19  ? 170 ARG A NH1 1 
ATOM   1050 N  NH2 . ARG A 1 170 ? 12.170  2.331   27.082  1.00 85.30  ? 170 ARG A NH2 1 
ATOM   1051 N  N   . GLY A 1 171 ? 8.638   10.085  23.277  1.00 62.18  ? 171 GLY A N   1 
ATOM   1052 C  CA  . GLY A 1 171 ? 8.384   11.455  22.878  1.00 56.76  ? 171 GLY A CA  1 
ATOM   1053 C  C   . GLY A 1 171 ? 7.852   11.530  21.459  1.00 52.20  ? 171 GLY A C   1 
ATOM   1054 O  O   . GLY A 1 171 ? 8.522   12.050  20.563  1.00 54.95  ? 171 GLY A O   1 
ATOM   1055 N  N   . ASN A 1 172 ? 6.642   10.991  21.245  1.00 53.91  ? 172 ASN A N   1 
ATOM   1056 C  CA  . ASN A 1 172 ? 6.011   11.041  19.927  1.00 58.22  ? 172 ASN A CA  1 
ATOM   1057 C  C   . ASN A 1 172 ? 4.484   11.096  20.027  1.00 59.78  ? 172 ASN A C   1 
ATOM   1058 O  O   . ASN A 1 172 ? 3.798   10.692  19.077  1.00 56.79  ? 172 ASN A O   1 
ATOM   1059 C  CB  . ASN A 1 172 ? 6.478   9.821   19.083  1.00 56.64  ? 172 ASN A CB  1 
ATOM   1060 C  CG  . ASN A 1 172 ? 6.268   10.018  17.576  1.00 56.35  ? 172 ASN A CG  1 
ATOM   1061 O  OD1 . ASN A 1 172 ? 6.953   10.829  16.939  1.00 57.01  ? 172 ASN A OD1 1 
ATOM   1062 N  ND2 . ASN A 1 172 ? 5.331   9.262   17.001  1.00 50.90  ? 172 ASN A ND2 1 
ATOM   1063 N  N   . LYS A 1 173 ? 3.932   11.581  21.134  1.00 55.04  ? 173 LYS A N   1 
ATOM   1064 C  CA  . LYS A 1 173 ? 2.491   11.674  21.297  1.00 43.61  ? 173 LYS A CA  1 
ATOM   1065 C  C   . LYS A 1 173 ? 2.060   13.118  21.584  1.00 51.88  ? 173 LYS A C   1 
ATOM   1066 O  O   . LYS A 1 173 ? 2.512   14.063  20.921  1.00 49.70  ? 173 LYS A O   1 
ATOM   1067 C  CB  . LYS A 1 173 ? 2.036   10.738  22.412  1.00 38.68  ? 173 LYS A CB  1 
ATOM   1068 C  CG  . LYS A 1 173 ? 1.000   9.760   21.970  1.00 37.81  ? 173 LYS A CG  1 
ATOM   1069 C  CD  . LYS A 1 173 ? 0.696   8.764   23.050  1.00 38.22  ? 173 LYS A CD  1 
ATOM   1070 C  CE  . LYS A 1 173 ? 1.783   7.729   23.141  1.00 49.72  ? 173 LYS A CE  1 
ATOM   1071 N  NZ  . LYS A 1 173 ? 1.289   6.507   23.831  1.00 54.75  ? 173 LYS A NZ  1 
ATOM   1072 N  N   . ASP A 1 183 ? 15.263  18.951  21.312  1.00 65.11  ? 183 ASP A N   1 
ATOM   1073 C  CA  . ASP A 1 183 ? 16.471  19.489  20.676  1.00 79.01  ? 183 ASP A CA  1 
ATOM   1074 C  C   . ASP A 1 183 ? 16.360  19.590  19.156  1.00 77.50  ? 183 ASP A C   1 
ATOM   1075 O  O   . ASP A 1 183 ? 15.344  19.224  18.560  1.00 71.96  ? 183 ASP A O   1 
ATOM   1076 C  CB  . ASP A 1 183 ? 17.697  18.621  20.995  1.00 71.30  ? 183 ASP A CB  1 
ATOM   1077 C  CG  . ASP A 1 183 ? 18.126  18.701  22.436  1.00 79.02  ? 183 ASP A CG  1 
ATOM   1078 O  OD1 . ASP A 1 183 ? 17.864  19.738  23.082  1.00 89.26  ? 183 ASP A OD1 1 
ATOM   1079 O  OD2 . ASP A 1 183 ? 18.747  17.724  22.912  1.00 78.51  ? 183 ASP A OD2 1 
ATOM   1080 N  N   . LYS A 1 184 ? 17.420  20.111  18.537  1.00 83.34  ? 184 LYS A N   1 
ATOM   1081 C  CA  . LYS A 1 184 ? 17.726  19.800  17.145  1.00 84.67  ? 184 LYS A CA  1 
ATOM   1082 C  C   . LYS A 1 184 ? 18.643  18.584  17.029  1.00 79.79  ? 184 LYS A C   1 
ATOM   1083 O  O   . LYS A 1 184 ? 18.959  18.166  15.907  1.00 80.25  ? 184 LYS A O   1 
ATOM   1084 C  CB  . LYS A 1 184 ? 18.362  21.006  16.432  1.00 76.07  ? 184 LYS A CB  1 
ATOM   1085 C  CG  . LYS A 1 184 ? 17.407  22.174  16.145  1.00 71.01  ? 184 LYS A CG  1 
ATOM   1086 C  CD  . LYS A 1 184 ? 16.039  21.677  15.711  1.00 64.19  ? 184 LYS A CD  1 
ATOM   1087 C  CE  . LYS A 1 184 ? 15.043  22.811  15.572  1.00 51.92  ? 184 LYS A CE  1 
ATOM   1088 N  NZ  . LYS A 1 184 ? 13.659  22.266  15.572  1.00 41.31  ? 184 LYS A NZ  1 
ATOM   1089 N  N   . GLY A 1 185 ? 19.085  18.031  18.165  1.00 73.61  ? 185 GLY A N   1 
ATOM   1090 C  CA  . GLY A 1 185 ? 19.792  16.766  18.254  1.00 64.53  ? 185 GLY A CA  1 
ATOM   1091 C  C   . GLY A 1 185 ? 18.879  15.700  18.827  1.00 64.66  ? 185 GLY A C   1 
ATOM   1092 O  O   . GLY A 1 185 ? 19.268  14.539  18.999  1.00 57.88  ? 185 GLY A O   1 
ATOM   1093 N  N   . ALA A 1 186 ? 17.651  16.105  19.145  1.00 64.08  ? 186 ALA A N   1 
ATOM   1094 C  CA  . ALA A 1 186 ? 16.558  15.172  19.360  1.00 52.86  ? 186 ALA A CA  1 
ATOM   1095 C  C   . ALA A 1 186 ? 16.034  14.607  18.050  1.00 39.74  ? 186 ALA A C   1 
ATOM   1096 O  O   . ALA A 1 186 ? 15.153  13.751  18.066  1.00 34.33  ? 186 ALA A O   1 
ATOM   1097 C  CB  . ALA A 1 186 ? 15.439  15.862  20.135  1.00 60.21  ? 186 ALA A CB  1 
ATOM   1098 N  N   . ALA A 1 187 ? 16.546  15.090  16.923  1.00 43.19  ? 187 ALA A N   1 
ATOM   1099 C  CA  . ALA A 1 187 ? 16.412  14.437  15.631  1.00 33.43  ? 187 ALA A CA  1 
ATOM   1100 C  C   . ALA A 1 187 ? 17.283  13.194  15.508  1.00 22.82  ? 187 ALA A C   1 
ATOM   1101 O  O   . ALA A 1 187 ? 17.105  12.415  14.570  1.00 18.42  ? 187 ALA A O   1 
ATOM   1102 C  CB  . ALA A 1 187 ? 16.776  15.427  14.520  1.00 31.74  ? 187 ALA A CB  1 
ATOM   1103 N  N   . ALA A 1 188 ? 18.252  13.007  16.394  1.00 25.07  ? 188 ALA A N   1 
ATOM   1104 C  CA  . ALA A 1 188 ? 19.053  11.799  16.335  1.00 22.81  ? 188 ALA A CA  1 
ATOM   1105 C  C   . ALA A 1 188 ? 18.411  10.662  17.101  1.00 22.76  ? 188 ALA A C   1 
ATOM   1106 O  O   . ALA A 1 188 ? 18.737  9.499   16.856  1.00 18.78  ? 188 ALA A O   1 
ATOM   1107 C  CB  . ALA A 1 188 ? 20.455  12.064  16.875  1.00 29.06  ? 188 ALA A CB  1 
ATOM   1108 N  N   . ARG A 1 189 ? 17.516  10.973  18.035  1.00 31.94  ? 189 ARG A N   1 
ATOM   1109 C  CA  . ARG A 1 189 ? 16.734  9.918   18.659  1.00 27.27  ? 189 ARG A CA  1 
ATOM   1110 C  C   . ARG A 1 189 ? 15.890  9.194   17.617  1.00 19.09  ? 189 ARG A C   1 
ATOM   1111 O  O   . ARG A 1 189 ? 15.809  7.967   17.632  1.00 19.46  ? 189 ARG A O   1 
ATOM   1112 C  CB  . ARG A 1 189 ? 15.854  10.494  19.774  1.00 36.64  ? 189 ARG A CB  1 
ATOM   1113 C  CG  . ARG A 1 189 ? 16.582  11.338  20.833  1.00 42.21  ? 189 ARG A CG  1 
ATOM   1114 C  CD  . ARG A 1 189 ? 15.665  12.467  21.352  1.00 50.73  ? 189 ARG A CD  1 
ATOM   1115 N  NE  . ARG A 1 189 ? 14.367  11.977  21.833  1.00 57.30  ? 189 ARG A NE  1 
ATOM   1116 C  CZ  . ARG A 1 189 ? 13.246  12.701  21.892  1.00 54.51  ? 189 ARG A CZ  1 
ATOM   1117 N  NH1 . ARG A 1 189 ? 13.233  13.964  21.488  1.00 51.86  ? 189 ARG A NH1 1 
ATOM   1118 N  NH2 . ARG A 1 189 ? 12.124  12.156  22.347  1.00 55.45  ? 189 ARG A NH2 1 
ATOM   1119 N  N   . TYR A 1 190 ? 15.282  9.931   16.683  1.00 18.90  ? 190 TYR A N   1 
ATOM   1120 C  CA  . TYR A 1 190 ? 14.423  9.295   15.686  1.00 19.39  ? 190 TYR A CA  1 
ATOM   1121 C  C   . TYR A 1 190 ? 15.227  8.674   14.552  1.00 16.41  ? 190 TYR A C   1 
ATOM   1122 O  O   . TYR A 1 190 ? 14.849  7.626   14.014  1.00 14.20  ? 190 TYR A O   1 
ATOM   1123 C  CB  . TYR A 1 190 ? 13.439  10.304  15.095  1.00 22.55  ? 190 TYR A CB  1 
ATOM   1124 C  CG  . TYR A 1 190 ? 12.383  10.828  16.037  1.00 31.12  ? 190 TYR A CG  1 
ATOM   1125 C  CD1 . TYR A 1 190 ? 12.690  11.809  16.961  1.00 32.62  ? 190 TYR A CD1 1 
ATOM   1126 C  CD2 . TYR A 1 190 ? 11.063  10.375  15.970  1.00 30.54  ? 190 TYR A CD2 1 
ATOM   1127 C  CE1 . TYR A 1 190 ? 11.725  12.314  17.816  1.00 42.42  ? 190 TYR A CE1 1 
ATOM   1128 C  CE2 . TYR A 1 190 ? 10.089  10.876  16.819  1.00 33.41  ? 190 TYR A CE2 1 
ATOM   1129 C  CZ  . TYR A 1 190 ? 10.431  11.852  17.744  1.00 42.69  ? 190 TYR A CZ  1 
ATOM   1130 O  OH  . TYR A 1 190 ? 9.499   12.387  18.607  1.00 48.06  ? 190 TYR A OH  1 
ATOM   1131 N  N   . LEU A 1 191 ? 16.317  9.323   14.154  1.00 16.95  ? 191 LEU A N   1 
ATOM   1132 C  CA  . LEU A 1 191 ? 17.039  8.900   12.965  1.00 11.97  ? 191 LEU A CA  1 
ATOM   1133 C  C   . LEU A 1 191 ? 17.953  7.712   13.222  1.00 14.32  ? 191 LEU A C   1 
ATOM   1134 O  O   . LEU A 1 191 ? 18.254  6.963   12.293  1.00 17.20  ? 191 LEU A O   1 
ATOM   1135 C  CB  . LEU A 1 191 ? 17.835  10.070  12.403  1.00 10.43  ? 191 LEU A CB  1 
ATOM   1136 C  CG  . LEU A 1 191 ? 16.992  10.946  11.493  1.00 7.93   ? 191 LEU A CG  1 
ATOM   1137 C  CD1 . LEU A 1 191 ? 17.850  11.817  10.601  1.00 8.21   ? 191 LEU A CD1 1 
ATOM   1138 C  CD2 . LEU A 1 191 ? 16.117  10.047  10.659  1.00 10.59  ? 191 LEU A CD2 1 
ATOM   1139 N  N   . HIS A 1 192 ? 18.399  7.508   14.456  1.00 20.25  ? 192 HIS A N   1 
ATOM   1140 C  CA  . HIS A 1 192 ? 19.263  6.382   14.788  1.00 19.81  ? 192 HIS A CA  1 
ATOM   1141 C  C   . HIS A 1 192 ? 18.500  5.210   15.395  1.00 16.85  ? 192 HIS A C   1 
ATOM   1142 O  O   . HIS A 1 192 ? 19.112  4.344   16.022  1.00 22.14  ? 192 HIS A O   1 
ATOM   1143 C  CB  . HIS A 1 192 ? 20.376  6.829   15.735  1.00 20.15  ? 192 HIS A CB  1 
ATOM   1144 C  CG  . HIS A 1 192 ? 21.313  7.829   15.132  1.00 23.61  ? 192 HIS A CG  1 
ATOM   1145 N  ND1 . HIS A 1 192 ? 21.629  9.023   15.749  1.00 29.85  ? 192 HIS A ND1 1 
ATOM   1146 C  CD2 . HIS A 1 192 ? 22.003  7.812   13.968  1.00 24.31  ? 192 HIS A CD2 1 
ATOM   1147 C  CE1 . HIS A 1 192 ? 22.472  9.700   14.988  1.00 27.91  ? 192 HIS A CE1 1 
ATOM   1148 N  NE2 . HIS A 1 192 ? 22.715  8.986   13.903  1.00 33.00  ? 192 HIS A NE2 1 
ATOM   1149 N  N   . ALA A 1 193 ? 17.186  5.165   15.234  1.00 16.29  ? 193 ALA A N   1 
ATOM   1150 C  CA  . ALA A 1 193 ? 16.395  4.053   15.744  1.00 15.58  ? 193 ALA A CA  1 
ATOM   1151 C  C   . ALA A 1 193 ? 16.446  2.891   14.754  1.00 19.74  ? 193 ALA A C   1 
ATOM   1152 O  O   . ALA A 1 193 ? 16.920  3.040   13.619  1.00 24.85  ? 193 ALA A O   1 
ATOM   1153 C  CB  . ALA A 1 193 ? 14.964  4.523   16.003  1.00 15.67  ? 193 ALA A CB  1 
ATOM   1154 N  N   . PRO A 1 194 ? 15.974  1.711   15.151  1.00 11.74  ? 194 PRO A N   1 
ATOM   1155 C  CA  . PRO A 1 194 ? 15.989  0.569   14.236  1.00 11.24  ? 194 PRO A CA  1 
ATOM   1156 C  C   . PRO A 1 194 ? 15.049  0.748   13.063  1.00 11.64  ? 194 PRO A C   1 
ATOM   1157 O  O   . PRO A 1 194 ? 13.982  1.362   13.167  1.00 11.75  ? 194 PRO A O   1 
ATOM   1158 C  CB  . PRO A 1 194 ? 15.533  -0.586  15.118  1.00 10.27  ? 194 PRO A CB  1 
ATOM   1159 C  CG  . PRO A 1 194 ? 15.896  -0.155  16.451  1.00 13.13  ? 194 PRO A CG  1 
ATOM   1160 C  CD  . PRO A 1 194 ? 15.631  1.292   16.508  1.00 11.98  ? 194 PRO A CD  1 
ATOM   1161 N  N   . ARG A 1 195 ? 15.455  0.183   11.934  1.00 10.84  ? 195 ARG A N   1 
ATOM   1162 C  CA  . ARG A 1 195 ? 14.562  0.298   10.804  1.00 10.77  ? 195 ARG A CA  1 
ATOM   1163 C  C   . ARG A 1 195 ? 13.925  -1.052  10.487  1.00 11.11  ? 195 ARG A C   1 
ATOM   1164 O  O   . ARG A 1 195 ? 14.573  -2.089  10.647  1.00 14.19  ? 195 ARG A O   1 
ATOM   1165 C  CB  . ARG A 1 195 ? 15.298  0.831   9.567   1.00 10.06  ? 195 ARG A CB  1 
ATOM   1166 C  CG  . ARG A 1 195 ? 15.478  2.343   9.573   1.00 9.37   ? 195 ARG A CG  1 
ATOM   1167 C  CD  . ARG A 1 195 ? 14.227  3.010   10.104  1.00 9.47   ? 195 ARG A CD  1 
ATOM   1168 N  NE  . ARG A 1 195 ? 14.233  4.473   10.074  1.00 7.70   ? 195 ARG A NE  1 
ATOM   1169 C  CZ  . ARG A 1 195 ? 14.512  5.245   11.120  1.00 8.18   ? 195 ARG A CZ  1 
ATOM   1170 N  NH1 . ARG A 1 195 ? 14.848  4.704   12.278  1.00 9.77   ? 195 ARG A NH1 1 
ATOM   1171 N  NH2 . ARG A 1 195 ? 14.455  6.560   11.011  1.00 8.40   ? 195 ARG A NH2 1 
ATOM   1172 N  N   . PRO A 1 196 ? 12.655  -1.065  10.079  1.00 10.76  ? 196 PRO A N   1 
ATOM   1173 C  CA  . PRO A 1 196 ? 11.997  -2.311  9.657   1.00 10.89  ? 196 PRO A CA  1 
ATOM   1174 C  C   . PRO A 1 196 ? 12.599  -2.847  8.374   1.00 11.89  ? 196 PRO A C   1 
ATOM   1175 O  O   . PRO A 1 196 ? 13.189  -2.085  7.593   1.00 12.16  ? 196 PRO A O   1 
ATOM   1176 C  CB  . PRO A 1 196 ? 10.542  -1.878  9.431   1.00 11.44  ? 196 PRO A CB  1 
ATOM   1177 C  CG  . PRO A 1 196 ? 10.627  -0.429  9.149   1.00 11.21  ? 196 PRO A CG  1 
ATOM   1178 C  CD  . PRO A 1 196 ? 11.725  0.073   10.049  1.00 13.55  ? 196 PRO A CD  1 
ATOM   1179 N  N   . PRO A 1 197 ? 12.444  -4.149  8.104   1.00 11.54  ? 197 PRO A N   1 
ATOM   1180 C  CA  . PRO A 1 197 ? 13.122  -4.746  6.935   1.00 12.51  ? 197 PRO A CA  1 
ATOM   1181 C  C   . PRO A 1 197 ? 12.638  -4.185  5.618   1.00 11.69  ? 197 PRO A C   1 
ATOM   1182 O  O   . PRO A 1 197 ? 13.376  -4.207  4.621   1.00 8.81   ? 197 PRO A O   1 
ATOM   1183 C  CB  . PRO A 1 197 ? 12.797  -6.239  7.062   1.00 9.63   ? 197 PRO A CB  1 
ATOM   1184 C  CG  . PRO A 1 197 ? 12.394  -6.414  8.493   1.00 12.39  ? 197 PRO A CG  1 
ATOM   1185 C  CD  . PRO A 1 197 ? 11.722  -5.149  8.899   1.00 9.88   ? 197 PRO A CD  1 
HETATM 1186 N  N   . MSE A 1 198 ? 11.412  -3.679  5.598   1.00 13.15  ? 198 MSE A N   1 
HETATM 1187 C  CA  . MSE A 1 198 ? 10.867  -2.970  4.457   1.00 14.33  ? 198 MSE A CA  1 
HETATM 1188 C  C   . MSE A 1 198 ? 11.695  -1.743  4.109   1.00 11.21  ? 198 MSE A C   1 
HETATM 1189 O  O   . MSE A 1 198 ? 12.018  -1.481  2.944   1.00 9.36   ? 198 MSE A O   1 
HETATM 1190 C  CB  . MSE A 1 198 ? 9.428   -2.567  4.757   1.00 15.86  ? 198 MSE A CB  1 
HETATM 1191 C  CG  . MSE A 1 198 ? 8.401   -3.356  3.950   1.00 34.63  ? 198 MSE A CG  1 
HETATM 1192 SE SE  . MSE A 1 198 ? 8.573   -3.071  1.998   1.00 60.47  ? 198 MSE A SE  1 
HETATM 1193 C  CE  . MSE A 1 198 ? 8.530   -1.131  2.022   1.00 28.68  ? 198 MSE A CE  1 
ATOM   1194 N  N   . TRP A 1 199 ? 12.008  -0.982  5.154   1.00 10.62  ? 199 TRP A N   1 
ATOM   1195 C  CA  . TRP A 1 199 ? 12.857  0.185   5.002   1.00 8.49   ? 199 TRP A CA  1 
ATOM   1196 C  C   . TRP A 1 199 ? 14.153  -0.180  4.280   1.00 10.37  ? 199 TRP A C   1 
ATOM   1197 O  O   . TRP A 1 199 ? 14.597  0.534   3.374   1.00 10.14  ? 199 TRP A O   1 
ATOM   1198 C  CB  . TRP A 1 199 ? 13.115  0.780   6.384   1.00 8.78   ? 199 TRP A CB  1 
ATOM   1199 C  CG  . TRP A 1 199 ? 13.850  2.065   6.373   1.00 9.49   ? 199 TRP A CG  1 
ATOM   1200 C  CD1 . TRP A 1 199 ? 13.318  3.316   6.433   1.00 10.00  ? 199 TRP A CD1 1 
ATOM   1201 C  CD2 . TRP A 1 199 ? 15.263  2.233   6.313   1.00 9.58   ? 199 TRP A CD2 1 
ATOM   1202 N  NE1 . TRP A 1 199 ? 14.315  4.259   6.404   1.00 8.52   ? 199 TRP A NE1 1 
ATOM   1203 C  CE2 . TRP A 1 199 ? 15.520  3.613   6.333   1.00 10.28  ? 199 TRP A CE2 1 
ATOM   1204 C  CE3 . TRP A 1 199 ? 16.341  1.350   6.241   1.00 11.25  ? 199 TRP A CE3 1 
ATOM   1205 C  CZ2 . TRP A 1 199 ? 16.809  4.123   6.272   1.00 12.70  ? 199 TRP A CZ2 1 
ATOM   1206 C  CZ3 . TRP A 1 199 ? 17.614  1.857   6.187   1.00 11.26  ? 199 TRP A CZ3 1 
ATOM   1207 C  CH2 . TRP A 1 199 ? 17.841  3.226   6.198   1.00 11.75  ? 199 TRP A CH2 1 
ATOM   1208 N  N   . TYR A 1 200 ? 14.757  -1.321  4.641   1.00 11.90  ? 200 TYR A N   1 
ATOM   1209 C  CA  . TYR A 1 200 ? 15.974  -1.745  3.948   1.00 10.93  ? 200 TYR A CA  1 
ATOM   1210 C  C   . TYR A 1 200 ? 15.696  -2.084  2.494   1.00 9.85   ? 200 TYR A C   1 
ATOM   1211 O  O   . TYR A 1 200 ? 16.524  -1.790  1.624   1.00 9.31   ? 200 TYR A O   1 
ATOM   1212 C  CB  . TYR A 1 200 ? 16.616  -2.926  4.664   1.00 9.36   ? 200 TYR A CB  1 
ATOM   1213 C  CG  . TYR A 1 200 ? 17.256  -2.503  5.952   1.00 9.68   ? 200 TYR A CG  1 
ATOM   1214 C  CD1 . TYR A 1 200 ? 18.440  -1.783  5.949   1.00 11.52  ? 200 TYR A CD1 1 
ATOM   1215 C  CD2 . TYR A 1 200 ? 16.659  -2.784  7.175   1.00 10.00  ? 200 TYR A CD2 1 
ATOM   1216 C  CE1 . TYR A 1 200 ? 19.033  -1.375  7.136   1.00 12.28  ? 200 TYR A CE1 1 
ATOM   1217 C  CE2 . TYR A 1 200 ? 17.239  -2.377  8.368   1.00 10.27  ? 200 TYR A CE2 1 
ATOM   1218 C  CZ  . TYR A 1 200 ? 18.428  -1.671  8.339   1.00 12.83  ? 200 TYR A CZ  1 
ATOM   1219 O  OH  . TYR A 1 200 ? 19.021  -1.256  9.510   1.00 18.88  ? 200 TYR A OH  1 
ATOM   1220 N  N   . GLU A 1 201 ? 14.533  -2.676  2.210   1.00 9.32   ? 201 GLU A N   1 
ATOM   1221 C  CA  . GLU A 1 201 ? 14.142  -2.894  0.824   1.00 10.29  ? 201 GLU A CA  1 
ATOM   1222 C  C   . GLU A 1 201 ? 14.000  -1.573  0.090   1.00 11.46  ? 201 GLU A C   1 
ATOM   1223 O  O   . GLU A 1 201 ? 14.520  -1.417  -1.019  1.00 13.01  ? 201 GLU A O   1 
ATOM   1224 C  CB  . GLU A 1 201 ? 12.832  -3.673  0.734   1.00 12.82  ? 201 GLU A CB  1 
ATOM   1225 C  CG  . GLU A 1 201 ? 12.776  -4.990  1.484   1.00 18.66  ? 201 GLU A CG  1 
ATOM   1226 C  CD  . GLU A 1 201 ? 11.667  -5.903  0.961   1.00 24.04  ? 201 GLU A CD  1 
ATOM   1227 O  OE1 . GLU A 1 201 ? 10.911  -6.509  1.786   1.00 24.39  ? 201 GLU A OE1 1 
ATOM   1228 O  OE2 . GLU A 1 201 ? 11.573  -6.001  -0.286  1.00 20.59  ? 201 GLU A OE2 1 
ATOM   1229 N  N   . ILE A 1 202 ? 13.282  -0.611  0.688   1.00 11.49  ? 202 ILE A N   1 
ATOM   1230 C  CA  . ILE A 1 202 ? 13.091  0.679   0.021   1.00 10.78  ? 202 ILE A CA  1 
ATOM   1231 C  C   . ILE A 1 202 ? 14.424  1.350   -0.238  1.00 9.67   ? 202 ILE A C   1 
ATOM   1232 O  O   . ILE A 1 202 ? 14.597  2.020   -1.259  1.00 8.92   ? 202 ILE A O   1 
ATOM   1233 C  CB  . ILE A 1 202 ? 12.176  1.625   0.818   1.00 11.21  ? 202 ILE A CB  1 
ATOM   1234 C  CG1 . ILE A 1 202 ? 10.777  1.040   0.988   1.00 9.18   ? 202 ILE A CG1 1 
ATOM   1235 C  CG2 . ILE A 1 202 ? 12.123  3.008   0.119   1.00 9.56   ? 202 ILE A CG2 1 
ATOM   1236 C  CD1 . ILE A 1 202 ? 9.827   1.402   -0.106  1.00 8.05   ? 202 ILE A CD1 1 
ATOM   1237 N  N   . GLU A 1 203 ? 15.380  1.189   0.676   1.00 9.73   ? 203 GLU A N   1 
ATOM   1238 C  CA  . GLU A 1 203 ? 16.687  1.799   0.486   1.00 11.02  ? 203 GLU A CA  1 
ATOM   1239 C  C   . GLU A 1 203 ? 17.307  1.348   -0.830  1.00 13.55  ? 203 GLU A C   1 
ATOM   1240 O  O   . GLU A 1 203 ? 17.771  2.175   -1.625  1.00 13.38  ? 203 GLU A O   1 
ATOM   1241 C  CB  . GLU A 1 203 ? 17.591  1.462   1.665   1.00 12.26  ? 203 GLU A CB  1 
ATOM   1242 C  CG  . GLU A 1 203 ? 18.845  2.311   1.745   1.00 12.66  ? 203 GLU A CG  1 
ATOM   1243 C  CD  . GLU A 1 203 ? 19.920  1.652   2.584   1.00 20.79  ? 203 GLU A CD  1 
ATOM   1244 O  OE1 . GLU A 1 203 ? 19.960  0.390   2.579   1.00 24.91  ? 203 GLU A OE1 1 
ATOM   1245 O  OE2 . GLU A 1 203 ? 20.706  2.386   3.247   1.00 18.42  ? 203 GLU A OE2 1 
ATOM   1246 N  N   . LYS A 1 204 ? 17.304  0.034   -1.089  1.00 15.19  ? 204 LYS A N   1 
ATOM   1247 C  CA  . LYS A 1 204 ? 17.795  -0.464  -2.374  1.00 14.72  ? 204 LYS A CA  1 
ATOM   1248 C  C   . LYS A 1 204 ? 16.873  -0.030  -3.510  1.00 14.72  ? 204 LYS A C   1 
ATOM   1249 O  O   . LYS A 1 204 ? 17.300  0.655   -4.448  1.00 18.10  ? 204 LYS A O   1 
ATOM   1250 C  CB  . LYS A 1 204 ? 17.931  -1.991  -2.343  1.00 12.98  ? 204 LYS A CB  1 
ATOM   1251 C  CG  . LYS A 1 204 ? 18.907  -2.530  -1.297  1.00 18.06  ? 204 LYS A CG  1 
ATOM   1252 C  CD  . LYS A 1 204 ? 20.349  -2.250  -1.660  1.00 20.40  ? 204 LYS A CD  1 
ATOM   1253 C  CE  . LYS A 1 204 ? 21.214  -2.221  -0.417  1.00 29.94  ? 204 LYS A CE  1 
ATOM   1254 N  NZ  . LYS A 1 204 ? 22.319  -1.213  -0.522  1.00 27.13  ? 204 LYS A NZ  1 
ATOM   1255 N  N   . ILE A 1 205 ? 15.587  -0.379  -3.408  1.00 15.66  ? 205 ILE A N   1 
ATOM   1256 C  CA  . ILE A 1 205 ? 14.600  -0.317  -4.491  1.00 14.02  ? 205 ILE A CA  1 
ATOM   1257 C  C   . ILE A 1 205 ? 14.290  1.114   -4.919  1.00 13.60  ? 205 ILE A C   1 
ATOM   1258 O  O   . ILE A 1 205 ? 13.482  1.322   -5.831  1.00 14.79  ? 205 ILE A O   1 
ATOM   1259 C  CB  . ILE A 1 205 ? 13.303  -1.051  -4.067  1.00 11.44  ? 205 ILE A CB  1 
ATOM   1260 C  CG1 . ILE A 1 205 ? 12.433  -1.415  -5.244  1.00 12.98  ? 205 ILE A CG1 1 
ATOM   1261 C  CG2 . ILE A 1 205 ? 12.437  -0.182  -3.211  1.00 13.44  ? 205 ILE A CG2 1 
ATOM   1262 C  CD1 . ILE A 1 205 ? 11.069  -1.824  -4.805  1.00 23.19  ? 205 ILE A CD1 1 
ATOM   1263 N  N   . ARG A 1 206 ? 14.903  2.110   -4.262  1.00 14.21  ? 206 ARG A N   1 
ATOM   1264 C  CA  . ARG A 1 206 ? 14.589  3.507   -4.546  1.00 13.65  ? 206 ARG A CA  1 
ATOM   1265 C  C   . ARG A 1 206 ? 15.548  4.141   -5.538  1.00 18.72  ? 206 ARG A C   1 
ATOM   1266 O  O   . ARG A 1 206 ? 15.247  5.225   -6.043  1.00 24.13  ? 206 ARG A O   1 
ATOM   1267 C  CB  . ARG A 1 206 ? 14.541  4.349   -3.265  1.00 12.39  ? 206 ARG A CB  1 
ATOM   1268 C  CG  . ARG A 1 206 ? 15.868  4.530   -2.568  1.00 14.15  ? 206 ARG A CG  1 
ATOM   1269 C  CD  . ARG A 1 206 ? 15.686  5.057   -1.174  1.00 9.72   ? 206 ARG A CD  1 
ATOM   1270 N  NE  . ARG A 1 206 ? 15.354  6.464   -1.182  1.00 7.55   ? 206 ARG A NE  1 
ATOM   1271 C  CZ  . ARG A 1 206 ? 16.274  7.412   -1.225  1.00 10.73  ? 206 ARG A CZ  1 
ATOM   1272 N  NH1 . ARG A 1 206 ? 17.551  7.062   -1.266  1.00 14.99  ? 206 ARG A NH1 1 
ATOM   1273 N  NH2 . ARG A 1 206 ? 15.930  8.695   -1.222  1.00 11.34  ? 206 ARG A NH2 1 
ATOM   1274 N  N   . GLU A 1 207 ? 16.682  3.505   -5.833  1.00 18.69  ? 207 GLU A N   1 
ATOM   1275 C  CA  . GLU A 1 207 ? 17.210  3.645   -7.177  1.00 23.81  ? 207 GLU A CA  1 
ATOM   1276 C  C   . GLU A 1 207 ? 16.260  2.940   -8.133  1.00 37.88  ? 207 GLU A C   1 
ATOM   1277 O  O   . GLU A 1 207 ? 15.257  2.344   -7.728  1.00 38.34  ? 207 GLU A O   1 
ATOM   1278 C  CB  . GLU A 1 207 ? 18.607  3.062   -7.303  1.00 25.13  ? 207 GLU A CB  1 
ATOM   1279 C  CG  . GLU A 1 207 ? 19.633  3.827   -6.560  1.00 35.06  ? 207 GLU A CG  1 
ATOM   1280 C  CD  . GLU A 1 207 ? 19.950  3.202   -5.215  1.00 41.14  ? 207 GLU A CD  1 
ATOM   1281 O  OE1 . GLU A 1 207 ? 20.138  1.959   -5.146  1.00 32.16  ? 207 GLU A OE1 1 
ATOM   1282 O  OE2 . GLU A 1 207 ? 20.015  3.964   -4.223  1.00 48.52  ? 207 GLU A OE2 1 
ATOM   1283 N  N   . GLU A 1 208 ? 16.585  2.992   -9.419  1.00 50.08  ? 208 GLU A N   1 
ATOM   1284 C  CA  . GLU A 1 208 ? 15.720  2.506   -10.492 1.00 59.45  ? 208 GLU A CA  1 
ATOM   1285 C  C   . GLU A 1 208 ? 14.473  3.372   -10.643 1.00 59.70  ? 208 GLU A C   1 
ATOM   1286 O  O   . GLU A 1 208 ? 13.548  3.008   -11.386 1.00 61.94  ? 208 GLU A O   1 
ATOM   1287 C  CB  . GLU A 1 208 ? 15.339  1.024   -10.301 1.00 48.86  ? 208 GLU A CB  1 
ATOM   1288 C  CG  . GLU A 1 208 ? 16.528  0.112   -9.986  1.00 50.46  ? 208 GLU A CG  1 
ATOM   1289 C  CD  . GLU A 1 208 ? 17.730  0.357   -10.904 1.00 66.34  ? 208 GLU A CD  1 
ATOM   1290 O  OE1 . GLU A 1 208 ? 17.796  -0.287  -11.979 1.00 65.26  ? 208 GLU A OE1 1 
ATOM   1291 O  OE2 . GLU A 1 208 ? 18.605  1.193   -10.547 1.00 63.49  ? 208 GLU A OE2 1 
ATOM   1292 N  N   . GLY A 1 209 ? 14.420  4.507   -9.950  1.00 47.67  ? 209 GLY A N   1 
ATOM   1293 C  CA  . GLY A 1 209 ? 13.463  5.546   -10.251 1.00 44.26  ? 209 GLY A CA  1 
ATOM   1294 C  C   . GLY A 1 209 ? 12.179  5.446   -9.457  1.00 36.25  ? 209 GLY A C   1 
ATOM   1295 O  O   . GLY A 1 209 ? 11.872  4.449   -8.795  1.00 26.84  ? 209 GLY A O   1 
ATOM   1296 N  N   . VAL A 1 210 ? 11.416  6.536   -9.538  1.00 40.72  ? 210 VAL A N   1 
ATOM   1297 C  CA  . VAL A 1 210 ? 10.088  6.563   -8.946  1.00 35.50  ? 210 VAL A CA  1 
ATOM   1298 C  C   . VAL A 1 210 ? 9.202   5.512   -9.585  1.00 33.56  ? 210 VAL A C   1 
ATOM   1299 O  O   . VAL A 1 210 ? 8.272   5.013   -8.949  1.00 36.50  ? 210 VAL A O   1 
ATOM   1300 C  CB  . VAL A 1 210 ? 9.481   7.966   -9.082  1.00 30.01  ? 210 VAL A CB  1 
ATOM   1301 C  CG1 . VAL A 1 210 ? 10.265  8.950   -8.244  1.00 33.41  ? 210 VAL A CG1 1 
ATOM   1302 C  CG2 . VAL A 1 210 ? 9.501   8.381   -10.533 1.00 35.65  ? 210 VAL A CG2 1 
ATOM   1303 N  N   . THR A 1 211 ? 9.482   5.142   -10.837 1.00 36.60  ? 211 THR A N   1 
ATOM   1304 C  CA  . THR A 1 211 ? 8.643   4.160   -11.523 1.00 40.48  ? 211 THR A CA  1 
ATOM   1305 C  C   . THR A 1 211 ? 8.746   2.772   -10.873 1.00 39.55  ? 211 THR A C   1 
ATOM   1306 O  O   . THR A 1 211 ? 7.739   2.062   -10.749 1.00 31.96  ? 211 THR A O   1 
ATOM   1307 C  CB  . THR A 1 211 ? 8.999   4.130   -13.016 1.00 37.05  ? 211 THR A CB  1 
ATOM   1308 O  OG1 . THR A 1 211 ? 10.393  3.841   -13.192 1.00 46.45  ? 211 THR A OG1 1 
ATOM   1309 C  CG2 . THR A 1 211 ? 8.702   5.487   -13.651 1.00 31.66  ? 211 THR A CG2 1 
ATOM   1310 N  N   . ALA A 1 212 ? 9.937   2.379   -10.417 1.00 38.08  ? 212 ALA A N   1 
ATOM   1311 C  CA  . ALA A 1 212 ? 10.042  1.120   -9.686  1.00 31.35  ? 212 ALA A CA  1 
ATOM   1312 C  C   . ALA A 1 212 ? 9.454   1.235   -8.290  1.00 28.38  ? 212 ALA A C   1 
ATOM   1313 O  O   . ALA A 1 212 ? 8.913   0.261   -7.763  1.00 27.77  ? 212 ALA A O   1 
ATOM   1314 C  CB  . ALA A 1 212 ? 11.494  0.680   -9.605  1.00 33.88  ? 212 ALA A CB  1 
ATOM   1315 N  N   . LEU A 1 213 ? 9.544   2.414   -7.680  1.00 29.82  ? 213 LEU A N   1 
ATOM   1316 C  CA  . LEU A 1 213 ? 9.037   2.580   -6.324  1.00 25.29  ? 213 LEU A CA  1 
ATOM   1317 C  C   . LEU A 1 213 ? 7.536   2.316   -6.244  1.00 27.39  ? 213 LEU A C   1 
ATOM   1318 O  O   . LEU A 1 213 ? 7.070   1.630   -5.325  1.00 22.77  ? 213 LEU A O   1 
ATOM   1319 C  CB  . LEU A 1 213 ? 9.366   3.980   -5.817  1.00 19.81  ? 213 LEU A CB  1 
ATOM   1320 C  CG  . LEU A 1 213 ? 10.677  4.057   -5.050  1.00 17.14  ? 213 LEU A CG  1 
ATOM   1321 C  CD1 . LEU A 1 213 ? 11.021  5.490   -4.671  1.00 18.48  ? 213 LEU A CD1 1 
ATOM   1322 C  CD2 . LEU A 1 213 ? 10.583  3.175   -3.824  1.00 13.99  ? 213 LEU A CD2 1 
ATOM   1323 N  N   . GLU A 1 214 ? 6.755   2.851   -7.192  1.00 27.26  ? 214 GLU A N   1 
ATOM   1324 C  CA  . GLU A 1 214 ? 5.309   2.719   -7.071  1.00 26.55  ? 214 GLU A CA  1 
ATOM   1325 C  C   . GLU A 1 214 ? 4.818   1.354   -7.504  1.00 30.30  ? 214 GLU A C   1 
ATOM   1326 O  O   . GLU A 1 214 ? 3.717   0.956   -7.101  1.00 31.08  ? 214 GLU A O   1 
ATOM   1327 C  CB  . GLU A 1 214 ? 4.570   3.810   -7.850  1.00 24.77  ? 214 GLU A CB  1 
ATOM   1328 C  CG  . GLU A 1 214 ? 5.220   4.256   -9.138  1.00 41.58  ? 214 GLU A CG  1 
ATOM   1329 C  CD  . GLU A 1 214 ? 5.073   5.775   -9.394  1.00 59.63  ? 214 GLU A CD  1 
ATOM   1330 O  OE1 . GLU A 1 214 ? 5.369   6.588   -8.476  1.00 49.24  ? 214 GLU A OE1 1 
ATOM   1331 O  OE2 . GLU A 1 214 ? 4.661   6.158   -10.518 1.00 63.39  ? 214 GLU A OE2 1 
ATOM   1332 N  N   . LYS A 1 215 ? 5.611   0.621   -8.290  1.00 27.21  ? 215 LYS A N   1 
ATOM   1333 C  CA  . LYS A 1 215 ? 5.348   -0.806  -8.435  1.00 28.34  ? 215 LYS A CA  1 
ATOM   1334 C  C   . LYS A 1 215 ? 5.231   -1.465  -7.068  1.00 29.81  ? 215 LYS A C   1 
ATOM   1335 O  O   . LYS A 1 215 ? 4.350   -2.303  -6.841  1.00 32.77  ? 215 LYS A O   1 
ATOM   1336 C  CB  . LYS A 1 215 ? 6.451   -1.470  -9.259  1.00 37.45  ? 215 LYS A CB  1 
ATOM   1337 C  CG  . LYS A 1 215 ? 6.702   -0.810  -10.617 1.00 48.47  ? 215 LYS A CG  1 
ATOM   1338 C  CD  . LYS A 1 215 ? 7.513   -1.698  -11.568 1.00 55.37  ? 215 LYS A CD  1 
ATOM   1339 C  CE  . LYS A 1 215 ? 6.600   -2.538  -12.453 1.00 59.95  ? 215 LYS A CE  1 
ATOM   1340 N  NZ  . LYS A 1 215 ? 5.616   -3.322  -11.646 1.00 56.65  ? 215 LYS A NZ  1 
ATOM   1341 N  N   . LEU A 1 216 ? 6.110   -1.085  -6.135  1.00 30.72  ? 216 LEU A N   1 
ATOM   1342 C  CA  . LEU A 1 216 ? 6.011   -1.592  -4.772  1.00 26.10  ? 216 LEU A CA  1 
ATOM   1343 C  C   . LEU A 1 216 ? 4.822   -0.983  -4.048  1.00 25.67  ? 216 LEU A C   1 
ATOM   1344 O  O   . LEU A 1 216 ? 4.165   -1.648  -3.235  1.00 27.13  ? 216 LEU A O   1 
ATOM   1345 C  CB  . LEU A 1 216 ? 7.294   -1.296  -4.003  1.00 19.19  ? 216 LEU A CB  1 
ATOM   1346 C  CG  . LEU A 1 216 ? 7.129   -1.568  -2.504  1.00 16.30  ? 216 LEU A CG  1 
ATOM   1347 C  CD1 . LEU A 1 216 ? 6.914   -3.037  -2.244  1.00 20.56  ? 216 LEU A CD1 1 
ATOM   1348 C  CD2 . LEU A 1 216 ? 8.306   -1.078  -1.754  1.00 12.75  ? 216 LEU A CD2 1 
ATOM   1349 N  N   . GLN A 1 217 ? 4.538   0.285   -4.330  1.00 22.51  ? 217 GLN A N   1 
ATOM   1350 C  CA  . GLN A 1 217 ? 3.517   1.007   -3.585  1.00 22.06  ? 217 GLN A CA  1 
ATOM   1351 C  C   . GLN A 1 217 ? 2.144   0.365   -3.756  1.00 24.99  ? 217 GLN A C   1 
ATOM   1352 O  O   . GLN A 1 217 ? 1.423   0.138   -2.777  1.00 22.04  ? 217 GLN A O   1 
ATOM   1353 C  CB  . GLN A 1 217 ? 3.514   2.451   -4.053  1.00 21.93  ? 217 GLN A CB  1 
ATOM   1354 C  CG  . GLN A 1 217 ? 2.681   3.385   -3.246  1.00 19.43  ? 217 GLN A CG  1 
ATOM   1355 C  CD  . GLN A 1 217 ? 2.419   4.669   -4.010  1.00 22.16  ? 217 GLN A CD  1 
ATOM   1356 O  OE1 . GLN A 1 217 ? 2.371   4.662   -5.239  1.00 29.12  ? 217 GLN A OE1 1 
ATOM   1357 N  NE2 . GLN A 1 217 ? 2.259   5.776   -3.294  1.00 20.72  ? 217 GLN A NE2 1 
ATOM   1358 N  N   . ASN A 1 218 ? 1.778   0.043   -4.995  1.00 27.92  ? 218 ASN A N   1 
ATOM   1359 C  CA  . ASN A 1 218 ? 0.492   -0.579  -5.288  1.00 32.56  ? 218 ASN A CA  1 
ATOM   1360 C  C   . ASN A 1 218 ? 0.524   -2.095  -5.241  1.00 35.29  ? 218 ASN A C   1 
ATOM   1361 O  O   . ASN A 1 218 ? -0.486  -2.716  -5.590  1.00 34.29  ? 218 ASN A O   1 
ATOM   1362 C  CB  . ASN A 1 218 ? 0.005   -0.166  -6.666  1.00 35.83  ? 218 ASN A CB  1 
ATOM   1363 C  CG  . ASN A 1 218 ? 0.072   1.301   -6.875  1.00 28.82  ? 218 ASN A CG  1 
ATOM   1364 O  OD1 . ASN A 1 218 ? -0.819  2.025   -6.444  1.00 27.61  ? 218 ASN A OD1 1 
ATOM   1365 N  ND2 . ASN A 1 218 ? 1.120   1.764   -7.555  1.00 27.57  ? 218 ASN A ND2 1 
ATOM   1366 N  N   . ARG A 1 219 ? 1.660   -2.690  -4.874  1.00 37.55  ? 219 ARG A N   1 
ATOM   1367 C  CA  . ARG A 1 219 ? 1.803   -4.136  -4.762  1.00 38.03  ? 219 ARG A CA  1 
ATOM   1368 C  C   . ARG A 1 219 ? 0.540   -4.770  -4.199  1.00 36.80  ? 219 ARG A C   1 
ATOM   1369 O  O   . ARG A 1 219 ? 0.042   -4.360  -3.144  1.00 39.45  ? 219 ARG A O   1 
ATOM   1370 C  CB  . ARG A 1 219 ? 2.999   -4.478  -3.866  1.00 38.41  ? 219 ARG A CB  1 
ATOM   1371 C  CG  . ARG A 1 219 ? 3.159   -5.962  -3.711  1.00 46.17  ? 219 ARG A CG  1 
ATOM   1372 C  CD  . ARG A 1 219 ? 4.383   -6.398  -2.960  1.00 42.32  ? 219 ARG A CD  1 
ATOM   1373 N  NE  . ARG A 1 219 ? 4.323   -7.844  -2.836  1.00 50.53  ? 219 ARG A NE  1 
ATOM   1374 C  CZ  . ARG A 1 219 ? 3.508   -8.465  -1.986  1.00 58.53  ? 219 ARG A CZ  1 
ATOM   1375 N  NH1 . ARG A 1 219 ? 2.715   -7.742  -1.193  1.00 43.07  ? 219 ARG A NH1 1 
ATOM   1376 N  NH2 . ARG A 1 219 ? 3.484   -9.798  -1.920  1.00 57.87  ? 219 ARG A NH2 1 
ATOM   1377 N  N   . ALA A 1 220 ? 0.011   -5.757  -4.933  1.00 26.94  ? 220 ALA A N   1 
ATOM   1378 C  CA  . ALA A 1 220 ? -1.234  -6.431  -4.587  1.00 29.12  ? 220 ALA A CA  1 
ATOM   1379 C  C   . ALA A 1 220 ? -0.991  -7.708  -3.788  1.00 32.08  ? 220 ALA A C   1 
ATOM   1380 O  O   . ALA A 1 220 ? -0.760  -8.778  -4.373  1.00 32.97  ? 220 ALA A O   1 
ATOM   1381 C  CB  . ALA A 1 220 ? -2.018  -6.749  -5.857  1.00 29.60  ? 220 ALA A CB  1 
ATOM   1382 N  N   . PRO A 1 221 ? -1.049  -7.649  -2.456  1.00 29.17  ? 221 PRO A N   1 
ATOM   1383 C  CA  . PRO A 1 221 ? -0.683  -8.825  -1.656  1.00 41.91  ? 221 PRO A CA  1 
ATOM   1384 C  C   . PRO A 1 221 ? -1.703  -9.937  -1.829  1.00 44.21  ? 221 PRO A C   1 
ATOM   1385 O  O   . PRO A 1 221 ? -2.911  -9.711  -1.742  1.00 45.42  ? 221 PRO A O   1 
ATOM   1386 C  CB  . PRO A 1 221 ? -0.666  -8.289  -0.219  1.00 36.59  ? 221 PRO A CB  1 
ATOM   1387 C  CG  . PRO A 1 221 ? -1.626  -7.172  -0.246  1.00 31.56  ? 221 PRO A CG  1 
ATOM   1388 C  CD  . PRO A 1 221 ? -1.463  -6.528  -1.598  1.00 29.63  ? 221 PRO A CD  1 
ATOM   1389 N  N   . GLU A 1 222 ? -1.203  -11.151 -2.059  1.00 43.94  ? 222 GLU A N   1 
ATOM   1390 C  CA  . GLU A 1 222 ? -2.078  -12.304 -2.209  1.00 42.75  ? 222 GLU A CA  1 
ATOM   1391 C  C   . GLU A 1 222 ? -2.824  -12.577 -0.911  1.00 38.83  ? 222 GLU A C   1 
ATOM   1392 O  O   . GLU A 1 222 ? -3.670  -13.472 -0.862  1.00 46.84  ? 222 GLU A O   1 
ATOM   1393 C  CB  . GLU A 1 222 ? -1.289  -13.542 -2.644  1.00 49.99  ? 222 GLU A CB  1 
ATOM   1394 C  CG  . GLU A 1 222 ? -0.864  -13.518 -4.107  1.00 63.51  ? 222 GLU A CG  1 
ATOM   1395 C  CD  . GLU A 1 222 ? -0.081  -14.754 -4.519  1.00 82.22  ? 222 GLU A CD  1 
ATOM   1396 O  OE1 . GLU A 1 222 ? 0.058   -15.681 -3.685  1.00 83.18  ? 222 GLU A OE1 1 
ATOM   1397 O  OE2 . GLU A 1 222 ? 0.398   -14.798 -5.675  1.00 78.97  ? 222 GLU A OE2 1 
ATOM   1398 N  N   . LYS A 1 223 ? -2.529  -11.826 0.147   1.00 31.99  ? 223 LYS A N   1 
ATOM   1399 C  CA  . LYS A 1 223 ? -3.308  -11.988 1.366   1.00 41.43  ? 223 LYS A CA  1 
ATOM   1400 C  C   . LYS A 1 223 ? -4.731  -11.500 1.149   1.00 42.55  ? 223 LYS A C   1 
ATOM   1401 O  O   . LYS A 1 223 ? -5.698  -12.186 1.507   1.00 39.03  ? 223 LYS A O   1 
ATOM   1402 C  CB  . LYS A 1 223 ? -2.644  -11.252 2.532   1.00 41.29  ? 223 LYS A CB  1 
ATOM   1403 C  CG  . LYS A 1 223 ? -3.369  -11.464 3.850   1.00 32.65  ? 223 LYS A CG  1 
ATOM   1404 C  CD  . LYS A 1 223 ? -2.422  -11.312 5.015   1.00 42.78  ? 223 LYS A CD  1 
ATOM   1405 C  CE  . LYS A 1 223 ? -3.088  -11.732 6.323   1.00 60.52  ? 223 LYS A CE  1 
ATOM   1406 N  NZ  . LYS A 1 223 ? -2.462  -12.946 6.952   1.00 49.81  ? 223 LYS A NZ  1 
ATOM   1407 N  N   . VAL A 1 224 ? -4.876  -10.325 0.533   1.00 44.67  ? 224 VAL A N   1 
ATOM   1408 C  CA  . VAL A 1 224 ? -6.204  -9.792  0.256   1.00 48.67  ? 224 VAL A CA  1 
ATOM   1409 C  C   . VAL A 1 224 ? -6.756  -10.245 -1.096  1.00 44.04  ? 224 VAL A C   1 
ATOM   1410 O  O   . VAL A 1 224 ? -7.978  -10.237 -1.280  1.00 47.20  ? 224 VAL A O   1 
ATOM   1411 C  CB  . VAL A 1 224 ? -6.213  -8.254  0.370   1.00 47.50  ? 224 VAL A CB  1 
ATOM   1412 C  CG1 . VAL A 1 224 ? -5.947  -7.843  1.812   1.00 44.22  ? 224 VAL A CG1 1 
ATOM   1413 C  CG2 . VAL A 1 224 ? -5.201  -7.624  -0.579  1.00 37.97  ? 224 VAL A CG2 1 
ATOM   1414 N  N   . ILE A 1 225 ? -5.903  -10.651 -2.042  1.00 37.75  ? 225 ILE A N   1 
ATOM   1415 C  CA  . ILE A 1 225 ? -6.397  -11.409 -3.190  1.00 31.77  ? 225 ILE A CA  1 
ATOM   1416 C  C   . ILE A 1 225 ? -7.244  -12.579 -2.713  1.00 36.18  ? 225 ILE A C   1 
ATOM   1417 O  O   . ILE A 1 225 ? -8.401  -12.743 -3.114  1.00 39.01  ? 225 ILE A O   1 
ATOM   1418 C  CB  . ILE A 1 225 ? -5.232  -11.902 -4.063  1.00 32.50  ? 225 ILE A CB  1 
ATOM   1419 C  CG1 . ILE A 1 225 ? -4.631  -10.753 -4.873  1.00 37.82  ? 225 ILE A CG1 1 
ATOM   1420 C  CG2 . ILE A 1 225 ? -5.697  -13.016 -4.958  1.00 29.90  ? 225 ILE A CG2 1 
ATOM   1421 C  CD1 . ILE A 1 225 ? -3.513  -11.180 -5.812  1.00 36.17  ? 225 ILE A CD1 1 
ATOM   1422 N  N   . LYS A 1 226 ? -6.676  -13.405 -1.835  1.00 43.46  ? 226 LYS A N   1 
ATOM   1423 C  CA  . LYS A 1 226 ? -7.412  -14.535 -1.285  1.00 48.30  ? 226 LYS A CA  1 
ATOM   1424 C  C   . LYS A 1 226 ? -8.537  -14.096 -0.353  1.00 47.18  ? 226 LYS A C   1 
ATOM   1425 O  O   . LYS A 1 226 ? -9.472  -14.872 -0.131  1.00 52.58  ? 226 LYS A O   1 
ATOM   1426 C  CB  . LYS A 1 226 ? -6.446  -15.495 -0.566  1.00 50.37  ? 226 LYS A CB  1 
ATOM   1427 C  CG  . LYS A 1 226 ? -5.863  -16.614 -1.468  1.00 49.82  ? 226 LYS A CG  1 
ATOM   1428 C  CD  . LYS A 1 226 ? -4.723  -17.398 -0.798  1.00 50.15  ? 226 LYS A CD  1 
ATOM   1429 C  CE  . LYS A 1 226 ? -5.053  -17.755 0.656   1.00 52.35  ? 226 LYS A CE  1 
ATOM   1430 N  NZ  . LYS A 1 226 ? -4.014  -18.601 1.326   1.00 44.80  ? 226 LYS A NZ  1 
ATOM   1431 N  N   . LYS A 1 227 ? -8.493  -12.870 0.178   1.00 43.55  ? 227 LYS A N   1 
ATOM   1432 C  CA  . LYS A 1 227 ? -9.584  -12.417 1.042   1.00 47.51  ? 227 LYS A CA  1 
ATOM   1433 C  C   . LYS A 1 227 ? -10.824 -12.035 0.236   1.00 48.26  ? 227 LYS A C   1 
ATOM   1434 O  O   . LYS A 1 227 ? -11.938 -12.453 0.572   1.00 47.05  ? 227 LYS A O   1 
ATOM   1435 C  CB  . LYS A 1 227 ? -9.144  -11.237 1.908   1.00 48.24  ? 227 LYS A CB  1 
ATOM   1436 C  CG  . LYS A 1 227 ? -10.201 -10.829 2.929   1.00 47.48  ? 227 LYS A CG  1 
ATOM   1437 C  CD  . LYS A 1 227 ? -9.821  -9.551  3.662   1.00 49.78  ? 227 LYS A CD  1 
ATOM   1438 C  CE  . LYS A 1 227 ? -10.614 -8.371  3.135   1.00 51.69  ? 227 LYS A CE  1 
ATOM   1439 N  NZ  . LYS A 1 227 ? -12.083 -8.533  3.355   1.00 54.61  ? 227 LYS A NZ  1 
ATOM   1440 N  N   . VAL A 1 228 ? -10.657 -11.230 -0.821  1.00 48.02  ? 228 VAL A N   1 
ATOM   1441 C  CA  . VAL A 1 228 ? -11.813 -10.847 -1.628  1.00 42.48  ? 228 VAL A CA  1 
ATOM   1442 C  C   . VAL A 1 228 ? -12.256 -12.014 -2.499  1.00 44.86  ? 228 VAL A C   1 
ATOM   1443 O  O   . VAL A 1 228 ? -13.456 -12.233 -2.690  1.00 52.60  ? 228 VAL A O   1 
ATOM   1444 C  CB  . VAL A 1 228 ? -11.534 -9.571  -2.459  1.00 33.96  ? 228 VAL A CB  1 
ATOM   1445 C  CG1 . VAL A 1 228 ? -10.569 -8.656  -1.738  1.00 36.26  ? 228 VAL A CG1 1 
ATOM   1446 C  CG2 . VAL A 1 228 ? -11.062 -9.871  -3.891  1.00 31.57  ? 228 VAL A CG2 1 
ATOM   1447 N  N   . ASP A 1 229 ? -11.308 -12.804 -3.014  1.00 41.01  ? 229 ASP A N   1 
ATOM   1448 C  CA  . ASP A 1 229 ? -11.695 -13.975 -3.789  1.00 43.62  ? 229 ASP A CA  1 
ATOM   1449 C  C   . ASP A 1 229 ? -12.576 -14.905 -2.966  1.00 45.60  ? 229 ASP A C   1 
ATOM   1450 O  O   . ASP A 1 229 ? -13.418 -15.622 -3.519  1.00 43.24  ? 229 ASP A O   1 
ATOM   1451 C  CB  . ASP A 1 229 ? -10.448 -14.704 -4.288  1.00 47.30  ? 229 ASP A CB  1 
ATOM   1452 C  CG  . ASP A 1 229 ? -10.724 -15.581 -5.491  1.00 51.78  ? 229 ASP A CG  1 
ATOM   1453 O  OD1 . ASP A 1 229 ? -11.853 -16.118 -5.586  1.00 41.49  ? 229 ASP A OD1 1 
ATOM   1454 O  OD2 . ASP A 1 229 ? -9.810  -15.731 -6.340  1.00 60.79  ? 229 ASP A OD2 1 
ATOM   1455 N  N   . ALA A 1 230 ? -12.422 -14.882 -1.642  1.00 47.48  ? 230 ALA A N   1 
ATOM   1456 C  CA  . ALA A 1 230 ? -13.250 -15.708 -0.773  1.00 49.14  ? 230 ALA A CA  1 
ATOM   1457 C  C   . ALA A 1 230 ? -14.631 -15.095 -0.588  1.00 52.93  ? 230 ALA A C   1 
ATOM   1458 O  O   . ALA A 1 230 ? -15.648 -15.783 -0.729  1.00 58.28  ? 230 ALA A O   1 
ATOM   1459 C  CB  . ALA A 1 230 ? -12.559 -15.902 0.582   1.00 45.09  ? 230 ALA A CB  1 
ATOM   1460 N  N   . LYS A 1 231 ? -14.674 -13.796 -0.285  1.00 51.11  ? 231 LYS A N   1 
ATOM   1461 C  CA  . LYS A 1 231 ? -15.929 -13.120 0.038   1.00 52.35  ? 231 LYS A CA  1 
ATOM   1462 C  C   . LYS A 1 231 ? -16.923 -13.191 -1.124  1.00 53.92  ? 231 LYS A C   1 
ATOM   1463 O  O   . LYS A 1 231 ? -18.126 -13.396 -0.911  1.00 50.91  ? 231 LYS A O   1 
ATOM   1464 C  CB  . LYS A 1 231 ? -15.612 -11.677 0.431   1.00 51.30  ? 231 LYS A CB  1 
ATOM   1465 C  CG  . LYS A 1 231 ? -16.701 -10.887 1.123   1.00 50.63  ? 231 LYS A CG  1 
ATOM   1466 C  CD  . LYS A 1 231 ? -16.128 -9.539  1.552   1.00 52.65  ? 231 LYS A CD  1 
ATOM   1467 C  CE  . LYS A 1 231 ? -17.191 -8.567  2.028   1.00 63.22  ? 231 LYS A CE  1 
ATOM   1468 N  NZ  . LYS A 1 231 ? -16.583 -7.289  2.503   1.00 50.57  ? 231 LYS A NZ  1 
ATOM   1469 N  N   . VAL A 1 232 ? -16.435 -13.052 -2.359  1.00 48.06  ? 232 VAL A N   1 
ATOM   1470 C  CA  . VAL A 1 232 ? -17.242 -13.279 -3.555  1.00 42.98  ? 232 VAL A CA  1 
ATOM   1471 C  C   . VAL A 1 232 ? -17.703 -14.730 -3.601  1.00 54.63  ? 232 VAL A C   1 
ATOM   1472 O  O   . VAL A 1 232 ? -18.898 -15.014 -3.456  1.00 61.31  ? 232 VAL A O   1 
ATOM   1473 C  CB  . VAL A 1 232 ? -16.466 -12.924 -4.836  1.00 38.44  ? 232 VAL A CB  1 
ATOM   1474 C  CG1 . VAL A 1 232 ? -17.215 -13.433 -6.073  1.00 32.75  ? 232 VAL A CG1 1 
ATOM   1475 C  CG2 . VAL A 1 232 ? -16.262 -11.436 -4.911  1.00 37.65  ? 232 VAL A CG2 1 
ATOM   1476 N  N   . GLU A 1 233 ? -16.747 -15.657 -3.754  1.00 54.00  ? 233 GLU A N   1 
ATOM   1477 C  CA  . GLU A 1 233 ? -17.034 -17.049 -4.098  1.00 54.61  ? 233 GLU A CA  1 
ATOM   1478 C  C   . GLU A 1 233 ? -17.809 -17.799 -3.018  1.00 65.08  ? 233 GLU A C   1 
ATOM   1479 O  O   . GLU A 1 233 ? -18.202 -18.948 -3.256  1.00 68.97  ? 233 GLU A O   1 
ATOM   1480 C  CB  . GLU A 1 233 ? -15.725 -17.786 -4.405  1.00 51.77  ? 233 GLU A CB  1 
ATOM   1481 C  CG  . GLU A 1 233 ? -15.810 -18.834 -5.520  1.00 52.33  ? 233 GLU A CG  1 
ATOM   1482 C  CD  . GLU A 1 233 ? -15.765 -18.228 -6.924  1.00 56.53  ? 233 GLU A CD  1 
ATOM   1483 O  OE1 . GLU A 1 233 ? -15.710 -16.988 -7.062  1.00 53.85  ? 233 GLU A OE1 1 
ATOM   1484 O  OE2 . GLU A 1 233 ? -15.781 -19.000 -7.903  1.00 60.46  ? 233 GLU A OE2 1 
ATOM   1485 N  N   . LYS A 1 234 ? -18.039 -17.196 -1.853  1.00 62.07  ? 234 LYS A N   1 
ATOM   1486 C  CA  . LYS A 1 234 ? -18.946 -17.775 -0.863  1.00 58.00  ? 234 LYS A CA  1 
ATOM   1487 C  C   . LYS A 1 234 ? -19.799 -16.697 -0.186  1.00 50.32  ? 234 LYS A C   1 
ATOM   1488 O  O   . LYS A 1 234 ? -19.480 -16.232 0.908   1.00 43.96  ? 234 LYS A O   1 
ATOM   1489 C  CB  . LYS A 1 234 ? -18.161 -18.577 0.186   1.00 58.55  ? 234 LYS A CB  1 
ATOM   1490 C  CG  . LYS A 1 234 ? -17.628 -19.941 -0.294  1.00 49.42  ? 234 LYS A CG  1 
ATOM   1491 C  CD  . LYS A 1 234 ? -18.755 -20.837 -0.805  1.00 51.04  ? 234 LYS A CD  1 
ATOM   1492 C  CE  . LYS A 1 234 ? -19.903 -20.967 0.209   1.00 51.92  ? 234 LYS A CE  1 
ATOM   1493 N  NZ  . LYS A 1 234 ? -21.175 -21.401 -0.448  1.00 45.36  ? 234 LYS A NZ  1 
# 
